data_5CS8
# 
_entry.id   5CS8 
# 
_audit_conform.dict_name       mmcif_pdbx.dic 
_audit_conform.dict_version    5.380 
_audit_conform.dict_location   http://mmcif.pdb.org/dictionaries/ascii/mmcif_pdbx.dic 
# 
loop_
_database_2.database_id 
_database_2.database_code 
_database_2.pdbx_database_accession 
_database_2.pdbx_DOI 
PDB   5CS8         pdb_00005cs8 10.2210/pdb5cs8/pdb 
WWPDB D_1000212110 ?            ?                   
# 
loop_
_pdbx_database_related.db_name 
_pdbx_database_related.details 
_pdbx_database_related.db_id 
_pdbx_database_related.content_type 
PDB . 5CP5 unspecified 
PDB . 5CPE unspecified 
PDB . 5COI unspecified 
PDB . 5CQT unspecified 
PDB . 5CRM unspecified 
PDB . 5CRZ unspecified 
PDB . 5CTL unspecified 
# 
_pdbx_database_status.status_code                     REL 
_pdbx_database_status.status_code_sf                  REL 
_pdbx_database_status.status_code_mr                  ? 
_pdbx_database_status.entry_id                        5CS8 
_pdbx_database_status.recvd_initial_deposition_date   2015-07-23 
_pdbx_database_status.SG_entry                        N 
_pdbx_database_status.deposit_site                    RCSB 
_pdbx_database_status.process_site                    PDBJ 
_pdbx_database_status.status_code_cs                  ? 
_pdbx_database_status.methods_development_category    ? 
_pdbx_database_status.pdb_format_compatible           Y 
_pdbx_database_status.status_code_nmr_data            ? 
# 
loop_
_audit_author.name 
_audit_author.pdbx_ordinal 
'Zhang, Y.' 1 
'Song, M.'  2 
'Liu, Z.'   3 
'Xue, X.'   4 
'Xu, Y.'    5 
# 
_citation.abstract                  ? 
_citation.abstract_id_CAS           ? 
_citation.book_id_ISBN              ? 
_citation.book_publisher            ? 
_citation.book_publisher_city       ? 
_citation.book_title                ? 
_citation.coordinate_linkage        ? 
_citation.country                   US 
_citation.database_id_Medline       ? 
_citation.details                   ? 
_citation.id                        primary 
_citation.journal_abbrev            J.Med.Chem. 
_citation.journal_id_ASTM           JMCMAR 
_citation.journal_id_CSD            0151 
_citation.journal_id_ISSN           0022-2623 
_citation.journal_full              ? 
_citation.journal_issue             ? 
_citation.journal_volume            59 
_citation.language                  ? 
_citation.page_first                1565 
_citation.page_last                 1579 
_citation.title                     
;Discovery of Benzo[cd]indol-2(1H)-ones as Potent and Specific BET Bromodomain Inhibitors: Structure-Based Virtual Screening, Optimization, and Biological Evaluation
;
_citation.year                      2016 
_citation.database_id_CSD           ? 
_citation.pdbx_database_id_DOI      10.1021/acs.jmedchem.5b01511 
_citation.pdbx_database_id_PubMed   26731490 
_citation.unpublished_flag          ? 
# 
loop_
_citation_author.citation_id 
_citation_author.name 
_citation_author.ordinal 
_citation_author.identifier_ORCID 
primary 'Xue, X.'   1  ? 
primary 'Zhang, Y.' 2  ? 
primary 'Liu, Z.'   3  ? 
primary 'Song, M.'  4  ? 
primary 'Xing, Y.'  5  ? 
primary 'Xiang, Q.' 6  ? 
primary 'Wang, Z.'  7  ? 
primary 'Tu, Z.'    8  ? 
primary 'Zhou, Y.'  9  ? 
primary 'Ding, K.'  10 ? 
primary 'Xu, Y.'    11 ? 
# 
_cell.angle_alpha                  90.000 
_cell.angle_alpha_esd              ? 
_cell.angle_beta                   90.000 
_cell.angle_beta_esd               ? 
_cell.angle_gamma                  90.000 
_cell.angle_gamma_esd              ? 
_cell.entry_id                     5CS8 
_cell.details                      ? 
_cell.formula_units_Z              ? 
_cell.length_a                     34.960 
_cell.length_a_esd                 ? 
_cell.length_b                     47.220 
_cell.length_b_esd                 ? 
_cell.length_c                     78.080 
_cell.length_c_esd                 ? 
_cell.volume                       ? 
_cell.volume_esd                   ? 
_cell.Z_PDB                        4 
_cell.reciprocal_angle_alpha       ? 
_cell.reciprocal_angle_beta        ? 
_cell.reciprocal_angle_gamma       ? 
_cell.reciprocal_angle_alpha_esd   ? 
_cell.reciprocal_angle_beta_esd    ? 
_cell.reciprocal_angle_gamma_esd   ? 
_cell.reciprocal_length_a          ? 
_cell.reciprocal_length_b          ? 
_cell.reciprocal_length_c          ? 
_cell.reciprocal_length_a_esd      ? 
_cell.reciprocal_length_b_esd      ? 
_cell.reciprocal_length_c_esd      ? 
_cell.pdbx_unique_axis             ? 
# 
_symmetry.entry_id                         5CS8 
_symmetry.cell_setting                     ? 
_symmetry.Int_Tables_number                19 
_symmetry.space_group_name_Hall            ? 
_symmetry.space_group_name_H-M             'P 21 21 21' 
_symmetry.pdbx_full_space_group_name_H-M   ? 
# 
loop_
_entity.id 
_entity.type 
_entity.src_method 
_entity.pdbx_description 
_entity.formula_weight 
_entity.pdbx_number_of_molecules 
_entity.pdbx_ec 
_entity.pdbx_mutation 
_entity.pdbx_fragment 
_entity.details 
1 polymer     man 'Bromodomain-containing protein 4'                                           16767.326 1  ? ? 
'N-TERMINAL BROMODOMAIN, UNP residues 44-168' ? 
2 non-polymer syn 'methyl 2-[(1-ethyl-2-oxo-1,2-dihydrobenzo[cd]indol-6-yl)sulfamoyl]benzoate' 410.443   1  ? ? ? ? 
3 non-polymer syn 'NITRATE ION'                                                                62.005    2  ? ? ? ? 
4 non-polymer syn 1,2-ETHANEDIOL                                                               62.068    3  ? ? ? ? 
5 non-polymer syn GLYCEROL                                                                     92.094    3  ? ? ? ? 
6 water       nat water                                                                        18.015    50 ? ? ? ? 
# 
_entity_name_com.entity_id   1 
_entity_name_com.name        'Protein HUNK1' 
# 
_entity_poly.entity_id                      1 
_entity_poly.type                           'polypeptide(L)' 
_entity_poly.nstd_linkage                   no 
_entity_poly.nstd_monomer                   no 
_entity_poly.pdbx_seq_one_letter_code       
;MKKGHHHHHHLVPRGSNPPPPETSNPNKPKRQTNQLQYLLRVVLKTLWKHQFAWPFQQPVDAVKLNLPDYYKIIKTPMDM
GTIKKRLENNYYWNAQECIQDFNTMFTNCYIYNKPGDDIVLMAEALEKLFLQKINELPTEE
;
_entity_poly.pdbx_seq_one_letter_code_can   
;MKKGHHHHHHLVPRGSNPPPPETSNPNKPKRQTNQLQYLLRVVLKTLWKHQFAWPFQQPVDAVKLNLPDYYKIIKTPMDM
GTIKKRLENNYYWNAQECIQDFNTMFTNCYIYNKPGDDIVLMAEALEKLFLQKINELPTEE
;
_entity_poly.pdbx_strand_id                 A 
_entity_poly.pdbx_target_identifier         ? 
# 
loop_
_entity_poly_seq.entity_id 
_entity_poly_seq.num 
_entity_poly_seq.mon_id 
_entity_poly_seq.hetero 
1 1   MET n 
1 2   LYS n 
1 3   LYS n 
1 4   GLY n 
1 5   HIS n 
1 6   HIS n 
1 7   HIS n 
1 8   HIS n 
1 9   HIS n 
1 10  HIS n 
1 11  LEU n 
1 12  VAL n 
1 13  PRO n 
1 14  ARG n 
1 15  GLY n 
1 16  SER n 
1 17  ASN n 
1 18  PRO n 
1 19  PRO n 
1 20  PRO n 
1 21  PRO n 
1 22  GLU n 
1 23  THR n 
1 24  SER n 
1 25  ASN n 
1 26  PRO n 
1 27  ASN n 
1 28  LYS n 
1 29  PRO n 
1 30  LYS n 
1 31  ARG n 
1 32  GLN n 
1 33  THR n 
1 34  ASN n 
1 35  GLN n 
1 36  LEU n 
1 37  GLN n 
1 38  TYR n 
1 39  LEU n 
1 40  LEU n 
1 41  ARG n 
1 42  VAL n 
1 43  VAL n 
1 44  LEU n 
1 45  LYS n 
1 46  THR n 
1 47  LEU n 
1 48  TRP n 
1 49  LYS n 
1 50  HIS n 
1 51  GLN n 
1 52  PHE n 
1 53  ALA n 
1 54  TRP n 
1 55  PRO n 
1 56  PHE n 
1 57  GLN n 
1 58  GLN n 
1 59  PRO n 
1 60  VAL n 
1 61  ASP n 
1 62  ALA n 
1 63  VAL n 
1 64  LYS n 
1 65  LEU n 
1 66  ASN n 
1 67  LEU n 
1 68  PRO n 
1 69  ASP n 
1 70  TYR n 
1 71  TYR n 
1 72  LYS n 
1 73  ILE n 
1 74  ILE n 
1 75  LYS n 
1 76  THR n 
1 77  PRO n 
1 78  MET n 
1 79  ASP n 
1 80  MET n 
1 81  GLY n 
1 82  THR n 
1 83  ILE n 
1 84  LYS n 
1 85  LYS n 
1 86  ARG n 
1 87  LEU n 
1 88  GLU n 
1 89  ASN n 
1 90  ASN n 
1 91  TYR n 
1 92  TYR n 
1 93  TRP n 
1 94  ASN n 
1 95  ALA n 
1 96  GLN n 
1 97  GLU n 
1 98  CYS n 
1 99  ILE n 
1 100 GLN n 
1 101 ASP n 
1 102 PHE n 
1 103 ASN n 
1 104 THR n 
1 105 MET n 
1 106 PHE n 
1 107 THR n 
1 108 ASN n 
1 109 CYS n 
1 110 TYR n 
1 111 ILE n 
1 112 TYR n 
1 113 ASN n 
1 114 LYS n 
1 115 PRO n 
1 116 GLY n 
1 117 ASP n 
1 118 ASP n 
1 119 ILE n 
1 120 VAL n 
1 121 LEU n 
1 122 MET n 
1 123 ALA n 
1 124 GLU n 
1 125 ALA n 
1 126 LEU n 
1 127 GLU n 
1 128 LYS n 
1 129 LEU n 
1 130 PHE n 
1 131 LEU n 
1 132 GLN n 
1 133 LYS n 
1 134 ILE n 
1 135 ASN n 
1 136 GLU n 
1 137 LEU n 
1 138 PRO n 
1 139 THR n 
1 140 GLU n 
1 141 GLU n 
# 
_entity_src_gen.entity_id                          1 
_entity_src_gen.pdbx_src_id                        1 
_entity_src_gen.pdbx_alt_source_flag               sample 
_entity_src_gen.pdbx_seq_type                      'Biological sequence' 
_entity_src_gen.pdbx_beg_seq_num                   1 
_entity_src_gen.pdbx_end_seq_num                   141 
_entity_src_gen.gene_src_common_name               Human 
_entity_src_gen.gene_src_genus                     ? 
_entity_src_gen.pdbx_gene_src_gene                 'BRD4, HUNK1' 
_entity_src_gen.gene_src_species                   ? 
_entity_src_gen.gene_src_strain                    ? 
_entity_src_gen.gene_src_tissue                    ? 
_entity_src_gen.gene_src_tissue_fraction           ? 
_entity_src_gen.gene_src_details                   ? 
_entity_src_gen.pdbx_gene_src_fragment             ? 
_entity_src_gen.pdbx_gene_src_scientific_name      'Homo sapiens' 
_entity_src_gen.pdbx_gene_src_ncbi_taxonomy_id     9606 
_entity_src_gen.pdbx_gene_src_variant              ? 
_entity_src_gen.pdbx_gene_src_cell_line            ? 
_entity_src_gen.pdbx_gene_src_atcc                 ? 
_entity_src_gen.pdbx_gene_src_organ                ? 
_entity_src_gen.pdbx_gene_src_organelle            ? 
_entity_src_gen.pdbx_gene_src_cell                 ? 
_entity_src_gen.pdbx_gene_src_cellular_location    ? 
_entity_src_gen.host_org_common_name               ? 
_entity_src_gen.pdbx_host_org_scientific_name      'Escherichia coli BL21(DE3)' 
_entity_src_gen.pdbx_host_org_ncbi_taxonomy_id     469008 
_entity_src_gen.host_org_genus                     ? 
_entity_src_gen.pdbx_host_org_gene                 ? 
_entity_src_gen.pdbx_host_org_organ                ? 
_entity_src_gen.host_org_species                   ? 
_entity_src_gen.pdbx_host_org_tissue               ? 
_entity_src_gen.pdbx_host_org_tissue_fraction      ? 
_entity_src_gen.pdbx_host_org_strain               'BL21(DE3)' 
_entity_src_gen.pdbx_host_org_variant              ? 
_entity_src_gen.pdbx_host_org_cell_line            ? 
_entity_src_gen.pdbx_host_org_atcc                 ? 
_entity_src_gen.pdbx_host_org_culture_collection   ? 
_entity_src_gen.pdbx_host_org_cell                 ? 
_entity_src_gen.pdbx_host_org_organelle            ? 
_entity_src_gen.pdbx_host_org_cellular_location    ? 
_entity_src_gen.pdbx_host_org_vector_type          plasmid 
_entity_src_gen.pdbx_host_org_vector               ? 
_entity_src_gen.host_org_details                   ? 
_entity_src_gen.expression_system_id               ? 
_entity_src_gen.plasmid_name                       pET24a 
_entity_src_gen.plasmid_details                    ? 
_entity_src_gen.pdbx_description                   ? 
# 
_struct_ref.id                         1 
_struct_ref.db_name                    UNP 
_struct_ref.db_code                    BRD4_HUMAN 
_struct_ref.pdbx_db_accession          O60885 
_struct_ref.pdbx_db_isoform            ? 
_struct_ref.entity_id                  1 
_struct_ref.pdbx_seq_one_letter_code   
;NPPPPETSNPNKPKRQTNQLQYLLRVVLKTLWKHQFAWPFQQPVDAVKLNLPDYYKIIKTPMDMGTIKKRLENNYYWNAQ
ECIQDFNTMFTNCYIYNKPGDDIVLMAEALEKLFLQKINELPTEE
;
_struct_ref.pdbx_align_begin           44 
# 
_struct_ref_seq.align_id                      1 
_struct_ref_seq.ref_id                        1 
_struct_ref_seq.pdbx_PDB_id_code              5CS8 
_struct_ref_seq.pdbx_strand_id                A 
_struct_ref_seq.seq_align_beg                 17 
_struct_ref_seq.pdbx_seq_align_beg_ins_code   ? 
_struct_ref_seq.seq_align_end                 141 
_struct_ref_seq.pdbx_seq_align_end_ins_code   ? 
_struct_ref_seq.pdbx_db_accession             O60885 
_struct_ref_seq.db_align_beg                  44 
_struct_ref_seq.pdbx_db_align_beg_ins_code    ? 
_struct_ref_seq.db_align_end                  168 
_struct_ref_seq.pdbx_db_align_end_ins_code    ? 
_struct_ref_seq.pdbx_auth_seq_align_beg       44 
_struct_ref_seq.pdbx_auth_seq_align_end       168 
# 
loop_
_struct_ref_seq_dif.align_id 
_struct_ref_seq_dif.pdbx_pdb_id_code 
_struct_ref_seq_dif.mon_id 
_struct_ref_seq_dif.pdbx_pdb_strand_id 
_struct_ref_seq_dif.seq_num 
_struct_ref_seq_dif.pdbx_pdb_ins_code 
_struct_ref_seq_dif.pdbx_seq_db_name 
_struct_ref_seq_dif.pdbx_seq_db_accession_code 
_struct_ref_seq_dif.db_mon_id 
_struct_ref_seq_dif.pdbx_seq_db_seq_num 
_struct_ref_seq_dif.details 
_struct_ref_seq_dif.pdbx_auth_seq_num 
_struct_ref_seq_dif.pdbx_ordinal 
1 5CS8 MET A 1  ? UNP O60885 ? ? 'initiating methionine' 28 1  
1 5CS8 LYS A 2  ? UNP O60885 ? ? 'expression tag'        29 2  
1 5CS8 LYS A 3  ? UNP O60885 ? ? 'expression tag'        30 3  
1 5CS8 GLY A 4  ? UNP O60885 ? ? 'expression tag'        31 4  
1 5CS8 HIS A 5  ? UNP O60885 ? ? 'expression tag'        32 5  
1 5CS8 HIS A 6  ? UNP O60885 ? ? 'expression tag'        33 6  
1 5CS8 HIS A 7  ? UNP O60885 ? ? 'expression tag'        34 7  
1 5CS8 HIS A 8  ? UNP O60885 ? ? 'expression tag'        35 8  
1 5CS8 HIS A 9  ? UNP O60885 ? ? 'expression tag'        36 9  
1 5CS8 HIS A 10 ? UNP O60885 ? ? 'expression tag'        37 10 
1 5CS8 LEU A 11 ? UNP O60885 ? ? 'expression tag'        38 11 
1 5CS8 VAL A 12 ? UNP O60885 ? ? 'expression tag'        39 12 
1 5CS8 PRO A 13 ? UNP O60885 ? ? 'expression tag'        40 13 
1 5CS8 ARG A 14 ? UNP O60885 ? ? 'expression tag'        41 14 
1 5CS8 GLY A 15 ? UNP O60885 ? ? 'expression tag'        42 15 
1 5CS8 SER A 16 ? UNP O60885 ? ? 'expression tag'        43 16 
# 
loop_
_chem_comp.id 
_chem_comp.type 
_chem_comp.mon_nstd_flag 
_chem_comp.name 
_chem_comp.pdbx_synonyms 
_chem_comp.formula 
_chem_comp.formula_weight 
ALA 'L-peptide linking' y ALANINE                                                                      ? 'C3 H7 N O2'      89.093  
ARG 'L-peptide linking' y ARGININE                                                                     ? 'C6 H15 N4 O2 1'  175.209 
ASN 'L-peptide linking' y ASPARAGINE                                                                   ? 'C4 H8 N2 O3'     132.118 
ASP 'L-peptide linking' y 'ASPARTIC ACID'                                                              ? 'C4 H7 N O4'      133.103 
CYS 'L-peptide linking' y CYSTEINE                                                                     ? 'C3 H7 N O2 S'    121.158 
EB8 non-polymer         . 'methyl 2-[(1-ethyl-2-oxo-1,2-dihydrobenzo[cd]indol-6-yl)sulfamoyl]benzoate' ? 'C21 H18 N2 O5 S' 410.443 
EDO non-polymer         . 1,2-ETHANEDIOL                                                               'ETHYLENE GLYCOL' 
'C2 H6 O2'        62.068  
GLN 'L-peptide linking' y GLUTAMINE                                                                    ? 'C5 H10 N2 O3'    146.144 
GLU 'L-peptide linking' y 'GLUTAMIC ACID'                                                              ? 'C5 H9 N O4'      147.129 
GLY 'peptide linking'   y GLYCINE                                                                      ? 'C2 H5 N O2'      75.067  
GOL non-polymer         . GLYCEROL                                                                     
'GLYCERIN; PROPANE-1,2,3-TRIOL' 'C3 H8 O3'        92.094  
HIS 'L-peptide linking' y HISTIDINE                                                                    ? 'C6 H10 N3 O2 1'  156.162 
HOH non-polymer         . WATER                                                                        ? 'H2 O'            18.015  
ILE 'L-peptide linking' y ISOLEUCINE                                                                   ? 'C6 H13 N O2'     131.173 
LEU 'L-peptide linking' y LEUCINE                                                                      ? 'C6 H13 N O2'     131.173 
LYS 'L-peptide linking' y LYSINE                                                                       ? 'C6 H15 N2 O2 1'  147.195 
MET 'L-peptide linking' y METHIONINE                                                                   ? 'C5 H11 N O2 S'   149.211 
NO3 non-polymer         . 'NITRATE ION'                                                                ? 'N O3 -1'         62.005  
PHE 'L-peptide linking' y PHENYLALANINE                                                                ? 'C9 H11 N O2'     165.189 
PRO 'L-peptide linking' y PROLINE                                                                      ? 'C5 H9 N O2'      115.130 
SER 'L-peptide linking' y SERINE                                                                       ? 'C3 H7 N O3'      105.093 
THR 'L-peptide linking' y THREONINE                                                                    ? 'C4 H9 N O3'      119.119 
TRP 'L-peptide linking' y TRYPTOPHAN                                                                   ? 'C11 H12 N2 O2'   204.225 
TYR 'L-peptide linking' y TYROSINE                                                                     ? 'C9 H11 N O3'     181.189 
VAL 'L-peptide linking' y VALINE                                                                       ? 'C5 H11 N O2'     117.146 
# 
_exptl.absorpt_coefficient_mu     ? 
_exptl.absorpt_correction_T_max   ? 
_exptl.absorpt_correction_T_min   ? 
_exptl.absorpt_correction_type    ? 
_exptl.absorpt_process_details    ? 
_exptl.entry_id                   5CS8 
_exptl.crystals_number            1 
_exptl.details                    ? 
_exptl.method                     'X-RAY DIFFRACTION' 
_exptl.method_details             ? 
# 
_exptl_crystal.colour                      ? 
_exptl_crystal.density_diffrn              ? 
_exptl_crystal.density_Matthews            1.93 
_exptl_crystal.density_method              ? 
_exptl_crystal.density_percent_sol         36.38 
_exptl_crystal.description                 ? 
_exptl_crystal.F_000                       ? 
_exptl_crystal.id                          1 
_exptl_crystal.preparation                 ? 
_exptl_crystal.size_max                    ? 
_exptl_crystal.size_mid                    ? 
_exptl_crystal.size_min                    ? 
_exptl_crystal.size_rad                    ? 
_exptl_crystal.colour_lustre               ? 
_exptl_crystal.colour_modifier             ? 
_exptl_crystal.colour_primary              ? 
_exptl_crystal.density_meas                ? 
_exptl_crystal.density_meas_esd            ? 
_exptl_crystal.density_meas_gt             ? 
_exptl_crystal.density_meas_lt             ? 
_exptl_crystal.density_meas_temp           ? 
_exptl_crystal.density_meas_temp_esd       ? 
_exptl_crystal.density_meas_temp_gt        ? 
_exptl_crystal.density_meas_temp_lt        ? 
_exptl_crystal.pdbx_crystal_image_url      ? 
_exptl_crystal.pdbx_crystal_image_format   ? 
_exptl_crystal.pdbx_mosaicity              ? 
_exptl_crystal.pdbx_mosaicity_esd          ? 
# 
_exptl_crystal_grow.apparatus       ? 
_exptl_crystal_grow.atmosphere      ? 
_exptl_crystal_grow.crystal_id      1 
_exptl_crystal_grow.details         ? 
_exptl_crystal_grow.method          'VAPOR DIFFUSION, SITTING DROP' 
_exptl_crystal_grow.method_ref      ? 
_exptl_crystal_grow.pH              8.3 
_exptl_crystal_grow.pressure        ? 
_exptl_crystal_grow.pressure_esd    ? 
_exptl_crystal_grow.seeding         ? 
_exptl_crystal_grow.seeding_ref     ? 
_exptl_crystal_grow.temp            277 
_exptl_crystal_grow.temp_details    ? 
_exptl_crystal_grow.temp_esd        ? 
_exptl_crystal_grow.time            ? 
_exptl_crystal_grow.pdbx_details    '20% PEG3350, 0.2M NaNO3, 0.1M HEPES, 10% EtGhly, pH 8.3' 
_exptl_crystal_grow.pdbx_pH_range   ? 
# 
_diffrn.ambient_environment    ? 
_diffrn.ambient_temp           100 
_diffrn.ambient_temp_details   ? 
_diffrn.ambient_temp_esd       ? 
_diffrn.crystal_id             1 
_diffrn.crystal_support        ? 
_diffrn.crystal_treatment      ? 
_diffrn.details                ? 
_diffrn.id                     1 
_diffrn.ambient_pressure       ? 
_diffrn.ambient_pressure_esd   ? 
_diffrn.ambient_pressure_gt    ? 
_diffrn.ambient_pressure_lt    ? 
_diffrn.ambient_temp_gt        ? 
_diffrn.ambient_temp_lt        ? 
# 
_diffrn_detector.details                      ? 
_diffrn_detector.detector                     PIXEL 
_diffrn_detector.diffrn_id                    1 
_diffrn_detector.type                         'PSI PILATUS 6M' 
_diffrn_detector.area_resol_mean              ? 
_diffrn_detector.dtime                        ? 
_diffrn_detector.pdbx_frames_total            ? 
_diffrn_detector.pdbx_collection_time_total   ? 
_diffrn_detector.pdbx_collection_date         2015-06-22 
# 
_diffrn_radiation.collimation                      ? 
_diffrn_radiation.diffrn_id                        1 
_diffrn_radiation.filter_edge                      ? 
_diffrn_radiation.inhomogeneity                    ? 
_diffrn_radiation.monochromator                    ? 
_diffrn_radiation.polarisn_norm                    ? 
_diffrn_radiation.polarisn_ratio                   ? 
_diffrn_radiation.probe                            ? 
_diffrn_radiation.type                             ? 
_diffrn_radiation.xray_symbol                      ? 
_diffrn_radiation.wavelength_id                    1 
_diffrn_radiation.pdbx_monochromatic_or_laue_m_l   M 
_diffrn_radiation.pdbx_wavelength_list             ? 
_diffrn_radiation.pdbx_wavelength                  ? 
_diffrn_radiation.pdbx_diffrn_protocol             'SINGLE WAVELENGTH' 
_diffrn_radiation.pdbx_analyzer                    ? 
_diffrn_radiation.pdbx_scattering_type             x-ray 
# 
_diffrn_radiation_wavelength.id           1 
_diffrn_radiation_wavelength.wavelength   0.97852 
_diffrn_radiation_wavelength.wt           1.0 
# 
_diffrn_source.current                     ? 
_diffrn_source.details                     ? 
_diffrn_source.diffrn_id                   1 
_diffrn_source.power                       ? 
_diffrn_source.size                        ? 
_diffrn_source.source                      SYNCHROTRON 
_diffrn_source.target                      ? 
_diffrn_source.type                        OTHER 
_diffrn_source.voltage                     ? 
_diffrn_source.take-off_angle              ? 
_diffrn_source.pdbx_wavelength_list        0.97852 
_diffrn_source.pdbx_wavelength             ? 
_diffrn_source.pdbx_synchrotron_beamline   ? 
_diffrn_source.pdbx_synchrotron_site       ? 
# 
_reflns.B_iso_Wilson_estimate            ? 
_reflns.entry_id                         5CS8 
_reflns.data_reduction_details           ? 
_reflns.data_reduction_method            ? 
_reflns.d_resolution_high                1.620 
_reflns.d_resolution_low                 78.080 
_reflns.details                          ? 
_reflns.limit_h_max                      ? 
_reflns.limit_h_min                      ? 
_reflns.limit_k_max                      ? 
_reflns.limit_k_min                      ? 
_reflns.limit_l_max                      ? 
_reflns.limit_l_min                      ? 
_reflns.number_all                       ? 
_reflns.number_obs                       15614 
_reflns.observed_criterion               ? 
_reflns.observed_criterion_F_max         ? 
_reflns.observed_criterion_F_min         ? 
_reflns.observed_criterion_I_max         ? 
_reflns.observed_criterion_I_min         ? 
_reflns.observed_criterion_sigma_F       ? 
_reflns.observed_criterion_sigma_I       ? 
_reflns.percent_possible_obs             91.100 
_reflns.R_free_details                   ? 
_reflns.Rmerge_F_all                     ? 
_reflns.Rmerge_F_obs                     ? 
_reflns.Friedel_coverage                 ? 
_reflns.number_gt                        ? 
_reflns.threshold_expression             ? 
_reflns.pdbx_redundancy                  5.600 
_reflns.pdbx_Rmerge_I_obs                0.057 
_reflns.pdbx_Rmerge_I_all                ? 
_reflns.pdbx_Rsym_value                  ? 
_reflns.pdbx_netI_over_av_sigmaI         ? 
_reflns.pdbx_netI_over_sigmaI            15.000 
_reflns.pdbx_res_netI_over_av_sigmaI_2   ? 
_reflns.pdbx_res_netI_over_sigmaI_2      ? 
_reflns.pdbx_chi_squared                 ? 
_reflns.pdbx_scaling_rejects             91 
_reflns.pdbx_d_res_high_opt              ? 
_reflns.pdbx_d_res_low_opt               ? 
_reflns.pdbx_d_res_opt_method            ? 
_reflns.phase_calculation_details        ? 
_reflns.pdbx_Rrim_I_all                  ? 
_reflns.pdbx_Rpim_I_all                  0.026 
_reflns.pdbx_d_opt                       ? 
_reflns.pdbx_number_measured_all         87080 
_reflns.pdbx_diffrn_id                   1 
_reflns.pdbx_ordinal                     1 
_reflns.pdbx_CC_half                     0.998 
_reflns.pdbx_R_split                     ? 
# 
loop_
_reflns_shell.d_res_high 
_reflns_shell.d_res_low 
_reflns_shell.meanI_over_sigI_all 
_reflns_shell.meanI_over_sigI_obs 
_reflns_shell.number_measured_all 
_reflns_shell.number_measured_obs 
_reflns_shell.number_possible 
_reflns_shell.number_unique_all 
_reflns_shell.number_unique_obs 
_reflns_shell.percent_possible_all 
_reflns_shell.percent_possible_obs 
_reflns_shell.Rmerge_F_all 
_reflns_shell.Rmerge_F_obs 
_reflns_shell.Rmerge_I_all 
_reflns_shell.Rmerge_I_obs 
_reflns_shell.meanI_over_sigI_gt 
_reflns_shell.meanI_over_uI_all 
_reflns_shell.meanI_over_uI_gt 
_reflns_shell.number_measured_gt 
_reflns_shell.number_unique_gt 
_reflns_shell.percent_possible_gt 
_reflns_shell.Rmerge_F_gt 
_reflns_shell.Rmerge_I_gt 
_reflns_shell.pdbx_redundancy 
_reflns_shell.pdbx_Rsym_value 
_reflns_shell.pdbx_chi_squared 
_reflns_shell.pdbx_netI_over_sigmaI_all 
_reflns_shell.pdbx_netI_over_sigmaI_obs 
_reflns_shell.pdbx_Rrim_I_all 
_reflns_shell.pdbx_Rpim_I_all 
_reflns_shell.pdbx_rejects 
_reflns_shell.pdbx_ordinal 
_reflns_shell.pdbx_diffrn_id 
_reflns_shell.pdbx_CC_half 
_reflns_shell.pdbx_R_split 
1.620 1.640  ? 5.400  4734 ? ? 817 ? 99.800 ? ? ? ? 0.197 ? ? ? ? ? ? ? ? 5.800 ? ? ? ? ? 0.086 0 1 1 0.984 ? 
8.860 78.080 ? 26.900 703  ? ? 139 ? 99.700 ? ? ? ? 0.061 ? ? ? ? ? ? ? ? 5.100 ? ? ? ? ? 0.028 0 2 1 0.992 ? 
# 
_refine.aniso_B[1][1]                            4.3900 
_refine.aniso_B[1][2]                            0.0000 
_refine.aniso_B[1][3]                            -0.0000 
_refine.aniso_B[2][2]                            -2.2100 
_refine.aniso_B[2][3]                            0.0000 
_refine.aniso_B[3][3]                            -2.1800 
_refine.B_iso_max                                71.250 
_refine.B_iso_mean                               25.2960 
_refine.B_iso_min                                14.560 
_refine.correlation_coeff_Fo_to_Fc               0.9590 
_refine.correlation_coeff_Fo_to_Fc_free          0.9540 
_refine.details                                  
'HYDROGENS HAVE BEEN ADDED IN THE RIDING POSITIONS U VALUES      : REFINED INDIVIDUALLY' 
_refine.diff_density_max                         ? 
_refine.diff_density_max_esd                     ? 
_refine.diff_density_min                         ? 
_refine.diff_density_min_esd                     ? 
_refine.diff_density_rms                         ? 
_refine.diff_density_rms_esd                     ? 
_refine.entry_id                                 5CS8 
_refine.pdbx_refine_id                           'X-RAY DIFFRACTION' 
_refine.ls_abs_structure_details                 ? 
_refine.ls_abs_structure_Flack                   ? 
_refine.ls_abs_structure_Flack_esd               ? 
_refine.ls_abs_structure_Rogers                  ? 
_refine.ls_abs_structure_Rogers_esd              ? 
_refine.ls_d_res_high                            1.6200 
_refine.ls_d_res_low                             40.4100 
_refine.ls_extinction_coef                       ? 
_refine.ls_extinction_coef_esd                   ? 
_refine.ls_extinction_expression                 ? 
_refine.ls_extinction_method                     ? 
_refine.ls_goodness_of_fit_all                   ? 
_refine.ls_goodness_of_fit_all_esd               ? 
_refine.ls_goodness_of_fit_obs                   ? 
_refine.ls_goodness_of_fit_obs_esd               ? 
_refine.ls_hydrogen_treatment                    ? 
_refine.ls_matrix_type                           ? 
_refine.ls_number_constraints                    ? 
_refine.ls_number_parameters                     ? 
_refine.ls_number_reflns_all                     ? 
_refine.ls_number_reflns_obs                     14810 
_refine.ls_number_reflns_R_free                  762 
_refine.ls_number_reflns_R_work                  ? 
_refine.ls_number_restraints                     ? 
_refine.ls_percent_reflns_obs                    90.8200 
_refine.ls_percent_reflns_R_free                 4.9000 
_refine.ls_R_factor_all                          ? 
_refine.ls_R_factor_obs                          0.1907 
_refine.ls_R_factor_R_free                       0.2152 
_refine.ls_R_factor_R_free_error                 ? 
_refine.ls_R_factor_R_free_error_details         ? 
_refine.ls_R_factor_R_work                       0.1894 
_refine.ls_R_Fsqd_factor_obs                     ? 
_refine.ls_R_I_factor_obs                        ? 
_refine.ls_redundancy_reflns_all                 ? 
_refine.ls_redundancy_reflns_obs                 ? 
_refine.ls_restrained_S_all                      ? 
_refine.ls_restrained_S_obs                      ? 
_refine.ls_shift_over_esd_max                    ? 
_refine.ls_shift_over_esd_mean                   ? 
_refine.ls_structure_factor_coef                 ? 
_refine.ls_weighting_details                     ? 
_refine.ls_weighting_scheme                      ? 
_refine.ls_wR_factor_all                         ? 
_refine.ls_wR_factor_obs                         ? 
_refine.ls_wR_factor_R_free                      ? 
_refine.ls_wR_factor_R_work                      ? 
_refine.occupancy_max                            ? 
_refine.occupancy_min                            ? 
_refine.solvent_model_details                    MASK 
_refine.solvent_model_param_bsol                 ? 
_refine.solvent_model_param_ksol                 ? 
_refine.ls_R_factor_gt                           ? 
_refine.ls_goodness_of_fit_gt                    ? 
_refine.ls_goodness_of_fit_ref                   ? 
_refine.ls_shift_over_su_max                     ? 
_refine.ls_shift_over_su_max_lt                  ? 
_refine.ls_shift_over_su_mean                    ? 
_refine.ls_shift_over_su_mean_lt                 ? 
_refine.pdbx_ls_sigma_I                          ? 
_refine.pdbx_ls_sigma_F                          0.000 
_refine.pdbx_ls_sigma_Fsqd                       ? 
_refine.pdbx_data_cutoff_high_absF               ? 
_refine.pdbx_data_cutoff_high_rms_absF           ? 
_refine.pdbx_data_cutoff_low_absF                ? 
_refine.pdbx_isotropic_thermal_model             ? 
_refine.pdbx_ls_cross_valid_method               THROUGHOUT 
_refine.pdbx_method_to_determine_struct          'MOLECULAR REPLACEMENT' 
_refine.pdbx_starting_model                      3MXF 
_refine.pdbx_stereochemistry_target_values       'MAXIMUM LIKELIHOOD' 
_refine.pdbx_R_Free_selection_details            RANDOM 
_refine.pdbx_stereochem_target_val_spec_case     ? 
_refine.pdbx_overall_ESU_R                       0.1140 
_refine.pdbx_overall_ESU_R_Free                  0.1050 
_refine.pdbx_solvent_vdw_probe_radii             1.2000 
_refine.pdbx_solvent_ion_probe_radii             0.8000 
_refine.pdbx_solvent_shrinkage_radii             0.8000 
_refine.pdbx_real_space_R                        ? 
_refine.pdbx_density_correlation                 ? 
_refine.pdbx_pd_number_of_powder_patterns        ? 
_refine.pdbx_pd_number_of_points                 ? 
_refine.pdbx_pd_meas_number_of_points            ? 
_refine.pdbx_pd_proc_ls_prof_R_factor            ? 
_refine.pdbx_pd_proc_ls_prof_wR_factor           ? 
_refine.pdbx_pd_Marquardt_correlation_coeff      ? 
_refine.pdbx_pd_Fsqrd_R_factor                   ? 
_refine.pdbx_pd_ls_matrix_band_width             ? 
_refine.pdbx_overall_phase_error                 ? 
_refine.pdbx_overall_SU_R_free_Cruickshank_DPI   ? 
_refine.pdbx_overall_SU_R_free_Blow_DPI          ? 
_refine.pdbx_overall_SU_R_Blow_DPI               ? 
_refine.pdbx_TLS_residual_ADP_flag               ? 
_refine.pdbx_diffrn_id                           1 
_refine.overall_SU_B                             2.1730 
_refine.overall_SU_ML                            0.0740 
_refine.overall_SU_R_Cruickshank_DPI             ? 
_refine.overall_SU_R_free                        ? 
_refine.overall_FOM_free_R_set                   ? 
_refine.overall_FOM_work_R_set                   ? 
_refine.pdbx_average_fsc_overall                 ? 
_refine.pdbx_average_fsc_work                    ? 
_refine.pdbx_average_fsc_free                    ? 
# 
_refine_hist.cycle_id                         final 
_refine_hist.pdbx_refine_id                   'X-RAY DIFFRACTION' 
_refine_hist.d_res_high                       1.6200 
_refine_hist.d_res_low                        40.4100 
_refine_hist.pdbx_number_atoms_ligand         67 
_refine_hist.number_atoms_solvent             50 
_refine_hist.number_atoms_total               1232 
_refine_hist.pdbx_number_residues_total       133 
_refine_hist.pdbx_B_iso_mean_ligand           30.63 
_refine_hist.pdbx_B_iso_mean_solvent          28.97 
_refine_hist.pdbx_number_atoms_protein        1115 
_refine_hist.pdbx_number_atoms_nucleic_acid   0 
# 
loop_
_refine_ls_restr.pdbx_refine_id 
_refine_ls_restr.criterion 
_refine_ls_restr.dev_ideal 
_refine_ls_restr.dev_ideal_target 
_refine_ls_restr.number 
_refine_ls_restr.rejects 
_refine_ls_restr.type 
_refine_ls_restr.weight 
_refine_ls_restr.pdbx_restraint_function 
'X-RAY DIFFRACTION' ? 0.013  0.019  1213 ? r_bond_refined_d       ? ? 
'X-RAY DIFFRACTION' ? 0.004  0.020  1148 ? r_bond_other_d         ? ? 
'X-RAY DIFFRACTION' ? 1.634  1.999  1641 ? r_angle_refined_deg    ? ? 
'X-RAY DIFFRACTION' ? 1.020  3.005  2645 ? r_angle_other_deg      ? ? 
'X-RAY DIFFRACTION' ? 5.871  5.000  132  ? r_dihedral_angle_1_deg ? ? 
'X-RAY DIFFRACTION' ? 34.319 25.000 58   ? r_dihedral_angle_2_deg ? ? 
'X-RAY DIFFRACTION' ? 13.476 15.000 200  ? r_dihedral_angle_3_deg ? ? 
'X-RAY DIFFRACTION' ? 12.394 15.000 4    ? r_dihedral_angle_4_deg ? ? 
'X-RAY DIFFRACTION' ? 0.095  0.200  168  ? r_chiral_restr         ? ? 
'X-RAY DIFFRACTION' ? 0.008  0.021  1326 ? r_gen_planes_refined   ? ? 
'X-RAY DIFFRACTION' ? 0.002  0.020  282  ? r_gen_planes_other     ? ? 
'X-RAY DIFFRACTION' ? 1.688  2.269  531  ? r_mcbond_it            ? ? 
'X-RAY DIFFRACTION' ? 1.687  2.268  530  ? r_mcbond_other         ? ? 
'X-RAY DIFFRACTION' ? 2.384  3.393  662  ? r_mcangle_it           ? ? 
# 
_refine_ls_shell.pdbx_refine_id                   'X-RAY DIFFRACTION' 
_refine_ls_shell.d_res_high                       1.6170 
_refine_ls_shell.d_res_low                        1.6590 
_refine_ls_shell.number_reflns_all                1244 
_refine_ls_shell.number_reflns_obs                ? 
_refine_ls_shell.number_reflns_R_free             59 
_refine_ls_shell.number_reflns_R_work             1185 
_refine_ls_shell.percent_reflns_obs               99.3600 
_refine_ls_shell.percent_reflns_R_free            ? 
_refine_ls_shell.R_factor_all                     ? 
_refine_ls_shell.R_factor_obs                     ? 
_refine_ls_shell.R_factor_R_free                  0.3380 
_refine_ls_shell.R_factor_R_free_error            ? 
_refine_ls_shell.R_factor_R_work                  0.2370 
_refine_ls_shell.redundancy_reflns_all            ? 
_refine_ls_shell.redundancy_reflns_obs            ? 
_refine_ls_shell.wR_factor_all                    ? 
_refine_ls_shell.wR_factor_obs                    ? 
_refine_ls_shell.wR_factor_R_free                 ? 
_refine_ls_shell.wR_factor_R_work                 ? 
_refine_ls_shell.pdbx_total_number_of_bins_used   20 
_refine_ls_shell.pdbx_phase_error                 ? 
_refine_ls_shell.pdbx_fsc_work                    ? 
_refine_ls_shell.pdbx_fsc_free                    ? 
# 
_struct.entry_id                     5CS8 
_struct.title                        
'Crystal Structure of the first bromodomain of human BRD4 in complex with benzo[cd]indol-2(1H)-one ligand' 
_struct.pdbx_model_details           ? 
_struct.pdbx_formula_weight          ? 
_struct.pdbx_formula_weight_method   ? 
_struct.pdbx_model_type_details      ? 
_struct.pdbx_CASP_flag               ? 
# 
_struct_keywords.entry_id        5CS8 
_struct_keywords.text            
'BRD4, Bromodomain, Four Alpha Helices, BROMODOMAIN BINDING INHIBITOR, SIGNALING PROTEIN-INHIBITOR complex' 
_struct_keywords.pdbx_keywords   'SIGNALING PROTEIN/INHIBITOR' 
# 
loop_
_struct_asym.id 
_struct_asym.pdbx_blank_PDB_chainid_flag 
_struct_asym.pdbx_modified 
_struct_asym.entity_id 
_struct_asym.details 
A N N 1 ? 
B N N 2 ? 
C N N 3 ? 
D N N 3 ? 
E N N 4 ? 
F N N 4 ? 
G N N 4 ? 
H N N 5 ? 
I N N 5 ? 
J N N 5 ? 
K N N 6 ? 
# 
loop_
_struct_conf.conf_type_id 
_struct_conf.id 
_struct_conf.pdbx_PDB_helix_id 
_struct_conf.beg_label_comp_id 
_struct_conf.beg_label_asym_id 
_struct_conf.beg_label_seq_id 
_struct_conf.pdbx_beg_PDB_ins_code 
_struct_conf.end_label_comp_id 
_struct_conf.end_label_asym_id 
_struct_conf.end_label_seq_id 
_struct_conf.pdbx_end_PDB_ins_code 
_struct_conf.beg_auth_comp_id 
_struct_conf.beg_auth_asym_id 
_struct_conf.beg_auth_seq_id 
_struct_conf.end_auth_comp_id 
_struct_conf.end_auth_asym_id 
_struct_conf.end_auth_seq_id 
_struct_conf.pdbx_PDB_helix_class 
_struct_conf.details 
_struct_conf.pdbx_PDB_helix_length 
HELX_P HELX_P1 AA1 THR A 33  ? VAL A 42  ? THR A 60  VAL A 69  1 ? 10 
HELX_P HELX_P2 AA2 VAL A 42  ? LYS A 49  ? VAL A 69  LYS A 76  1 ? 8  
HELX_P HELX_P3 AA3 ALA A 53  ? GLN A 57  ? ALA A 80  GLN A 84  5 ? 5  
HELX_P HELX_P4 AA4 ASP A 69  ? ILE A 74  ? ASP A 96  ILE A 101 1 ? 6  
HELX_P HELX_P5 AA5 ASP A 79  ? ASN A 89  ? ASP A 106 ASN A 116 1 ? 11 
HELX_P HELX_P6 AA6 ASN A 94  ? ASN A 113 ? ASN A 121 ASN A 140 1 ? 20 
HELX_P HELX_P7 AA7 ASP A 117 ? ASN A 135 ? ASP A 144 ASN A 162 1 ? 19 
# 
_struct_conf_type.id          HELX_P 
_struct_conf_type.criteria    ? 
_struct_conf_type.reference   ? 
# 
_struct_mon_prot_cis.pdbx_id                1 
_struct_mon_prot_cis.label_comp_id          VAL 
_struct_mon_prot_cis.label_seq_id           12 
_struct_mon_prot_cis.label_asym_id          A 
_struct_mon_prot_cis.label_alt_id           . 
_struct_mon_prot_cis.pdbx_PDB_ins_code      ? 
_struct_mon_prot_cis.auth_comp_id           VAL 
_struct_mon_prot_cis.auth_seq_id            39 
_struct_mon_prot_cis.auth_asym_id           A 
_struct_mon_prot_cis.pdbx_label_comp_id_2   PRO 
_struct_mon_prot_cis.pdbx_label_seq_id_2    13 
_struct_mon_prot_cis.pdbx_label_asym_id_2   A 
_struct_mon_prot_cis.pdbx_PDB_ins_code_2    ? 
_struct_mon_prot_cis.pdbx_auth_comp_id_2    PRO 
_struct_mon_prot_cis.pdbx_auth_seq_id_2     40 
_struct_mon_prot_cis.pdbx_auth_asym_id_2    A 
_struct_mon_prot_cis.pdbx_PDB_model_num     1 
_struct_mon_prot_cis.pdbx_omega_angle       -2.77 
# 
loop_
_struct_site.id 
_struct_site.pdbx_evidence_code 
_struct_site.pdbx_auth_asym_id 
_struct_site.pdbx_auth_comp_id 
_struct_site.pdbx_auth_seq_id 
_struct_site.pdbx_auth_ins_code 
_struct_site.pdbx_num_residues 
_struct_site.details 
AC1 Software A EB8 201 ? 11 'binding site for residue EB8 A 201' 
AC2 Software A NO3 202 ? 9  'binding site for residue NO3 A 202' 
AC3 Software A NO3 203 ? 9  'binding site for residue NO3 A 203' 
AC4 Software A EDO 204 ? 5  'binding site for residue EDO A 204' 
AC5 Software A EDO 205 ? 2  'binding site for residue EDO A 205' 
AC6 Software A EDO 206 ? 5  'binding site for residue EDO A 206' 
AC7 Software A GOL 207 ? 7  'binding site for residue GOL A 207' 
AC8 Software A GOL 208 ? 5  'binding site for residue GOL A 208' 
AC9 Software A GOL 209 ? 8  'binding site for residue GOL A 209' 
# 
loop_
_struct_site_gen.id 
_struct_site_gen.site_id 
_struct_site_gen.pdbx_num_res 
_struct_site_gen.label_comp_id 
_struct_site_gen.label_asym_id 
_struct_site_gen.label_seq_id 
_struct_site_gen.pdbx_auth_ins_code 
_struct_site_gen.auth_comp_id 
_struct_site_gen.auth_asym_id 
_struct_site_gen.auth_seq_id 
_struct_site_gen.label_atom_id 
_struct_site_gen.label_alt_id 
_struct_site_gen.symmetry 
_struct_site_gen.details 
1  AC1 11 TRP A 54  ? TRP A 81  . ? 1_555 ? 
2  AC1 11 PHE A 56  ? PHE A 83  . ? 1_555 ? 
3  AC1 11 VAL A 60  ? VAL A 87  . ? 1_555 ? 
4  AC1 11 LEU A 65  ? LEU A 92  . ? 1_555 ? 
5  AC1 11 ASP A 69  ? ASP A 96  . ? 4_455 ? 
6  AC1 11 LYS A 72  ? LYS A 99  . ? 4_455 ? 
7  AC1 11 ASN A 113 ? ASN A 140 . ? 1_555 ? 
8  AC1 11 MET A 122 ? MET A 149 . ? 1_555 ? 
9  AC1 11 NO3 C .   ? NO3 A 202 . ? 2_555 ? 
10 AC1 11 HOH K .   ? HOH A 316 . ? 1_555 ? 
11 AC1 11 HOH K .   ? HOH A 318 . ? 1_555 ? 
12 AC2 9  LYS A 28  ? LYS A 55  . ? 1_555 ? 
13 AC2 9  PRO A 29  ? PRO A 56  . ? 1_555 ? 
14 AC2 9  LYS A 30  ? LYS A 57  . ? 1_555 ? 
15 AC2 9  TYR A 71  ? TYR A 98  . ? 3_644 ? 
16 AC2 9  LYS A 72  ? LYS A 99  . ? 3_644 ? 
17 AC2 9  LYS A 75  ? LYS A 102 . ? 3_644 ? 
18 AC2 9  ASP A 118 ? ASP A 145 . ? 2_554 ? 
19 AC2 9  EB8 B .   ? EB8 A 201 . ? 2_554 ? 
20 AC2 9  HOH K .   ? HOH A 325 . ? 1_555 ? 
21 AC3 9  HIS A 7   ? HIS A 34  . ? 1_555 ? 
22 AC3 9  HIS A 8   ? HIS A 35  . ? 1_555 ? 
23 AC3 9  HIS A 9   ? HIS A 36  . ? 1_555 ? 
24 AC3 9  HIS A 10  ? HIS A 37  . ? 1_555 ? 
25 AC3 9  LEU A 11  ? LEU A 38  . ? 1_555 ? 
26 AC3 9  VAL A 12  ? VAL A 39  . ? 1_555 ? 
27 AC3 9  GLN A 96  ? GLN A 123 . ? 1_565 ? 
28 AC3 9  ILE A 99  ? ILE A 126 . ? 1_565 ? 
29 AC3 9  ASN A 103 ? ASN A 130 . ? 1_565 ? 
30 AC4 5  ILE A 73  ? ILE A 100 . ? 1_555 ? 
31 AC4 5  ILE A 74  ? ILE A 101 . ? 1_555 ? 
32 AC4 5  LYS A 75  ? LYS A 102 . ? 1_555 ? 
33 AC4 5  THR A 76  ? THR A 103 . ? 1_555 ? 
34 AC4 5  ASN A 108 ? ASN A 135 . ? 1_555 ? 
35 AC5 2  GLY A 81  ? GLY A 108 . ? 1_555 ? 
36 AC5 2  HOH K .   ? HOH A 304 . ? 1_555 ? 
37 AC6 5  SER A 16  ? SER A 43  . ? 3_644 ? 
38 AC6 5  ASN A 27  ? ASN A 54  . ? 1_555 ? 
39 AC6 5  ALA A 62  ? ALA A 89  . ? 3_644 ? 
40 AC6 5  HOH K .   ? HOH A 310 . ? 1_555 ? 
41 AC6 5  HOH K .   ? HOH A 322 . ? 1_555 ? 
42 AC7 7  PRO A 19  ? PRO A 46  . ? 1_555 ? 
43 AC7 7  PRO A 21  ? PRO A 48  . ? 1_555 ? 
44 AC7 7  ARG A 31  ? ARG A 58  . ? 3_654 ? 
45 AC7 7  PRO A 77  ? PRO A 104 . ? 1_555 ? 
46 AC7 7  TRP A 93  ? TRP A 120 . ? 3_654 ? 
47 AC7 7  ASN A 94  ? ASN A 121 . ? 3_654 ? 
48 AC7 7  HOH K .   ? HOH A 305 . ? 1_555 ? 
49 AC8 5  ARG A 14  ? ARG A 41  . ? 1_555 ? 
50 AC8 5  GLY A 15  ? GLY A 42  . ? 1_555 ? 
51 AC8 5  ASN A 27  ? ASN A 54  . ? 3_654 ? 
52 AC8 5  GLN A 51  ? GLN A 78  . ? 4_555 ? 
53 AC8 5  HOH K .   ? HOH A 302 . ? 1_555 ? 
54 AC9 8  TYR A 38  ? TYR A 65  . ? 4_545 ? 
55 AC9 8  VAL A 42  ? VAL A 69  . ? 4_545 ? 
56 AC9 8  TYR A 110 ? TYR A 137 . ? 1_555 ? 
57 AC9 8  VAL A 120 ? VAL A 147 . ? 1_555 ? 
58 AC9 8  GLU A 124 ? GLU A 151 . ? 1_555 ? 
59 AC9 8  LYS A 133 ? LYS A 160 . ? 4_545 ? 
60 AC9 8  GLU A 136 ? GLU A 163 . ? 4_545 ? 
61 AC9 8  HOH K .   ? HOH A 317 . ? 1_555 ? 
# 
_atom_sites.entry_id                    5CS8 
_atom_sites.fract_transf_matrix[1][1]   -0.00897245 
_atom_sites.fract_transf_matrix[1][2]   -0.00488864 
_atom_sites.fract_transf_matrix[1][3]   -0.02671676 
_atom_sites.fract_transf_matrix[2][1]   0.01881031 
_atom_sites.fract_transf_matrix[2][2]   -0.00848391 
_atom_sites.fract_transf_matrix[2][3]   -0.00476479 
_atom_sites.fract_transf_matrix[3][1]   -0.00429953 
_atom_sites.fract_transf_matrix[3][2]   -0.01152851 
_atom_sites.fract_transf_matrix[3][3]   0.00355343 
_atom_sites.fract_transf_vector[1]      0.340678 
_atom_sites.fract_transf_vector[2]      -0.005579 
_atom_sites.fract_transf_vector[3]      -0.105669 
# 
loop_
_atom_type.symbol 
C 
N 
O 
S 
# 
loop_
_atom_site.group_PDB 
_atom_site.id 
_atom_site.type_symbol 
_atom_site.label_atom_id 
_atom_site.label_alt_id 
_atom_site.label_comp_id 
_atom_site.label_asym_id 
_atom_site.label_entity_id 
_atom_site.label_seq_id 
_atom_site.pdbx_PDB_ins_code 
_atom_site.Cartn_x 
_atom_site.Cartn_y 
_atom_site.Cartn_z 
_atom_site.occupancy 
_atom_site.B_iso_or_equiv 
_atom_site.pdbx_formal_charge 
_atom_site.auth_seq_id 
_atom_site.auth_comp_id 
_atom_site.auth_asym_id 
_atom_site.auth_atom_id 
_atom_site.pdbx_PDB_model_num 
ATOM   1    N N   . HIS A 1 6   ? 32.323  -20.005 -23.231 1.00 57.74 ? 33  HIS A N   1 
ATOM   2    C CA  . HIS A 1 6   ? 32.467  -18.599 -22.727 1.00 54.02 ? 33  HIS A CA  1 
ATOM   3    C C   . HIS A 1 6   ? 32.125  -18.488 -21.232 1.00 47.40 ? 33  HIS A C   1 
ATOM   4    O O   . HIS A 1 6   ? 31.224  -19.167 -20.718 1.00 43.91 ? 33  HIS A O   1 
ATOM   5    C CB  . HIS A 1 6   ? 31.633  -17.622 -23.563 1.00 58.08 ? 33  HIS A CB  1 
ATOM   6    C CG  . HIS A 1 6   ? 31.923  -16.177 -23.281 1.00 64.26 ? 33  HIS A CG  1 
ATOM   7    N ND1 . HIS A 1 6   ? 30.939  -15.271 -22.948 1.00 71.25 ? 33  HIS A ND1 1 
ATOM   8    C CD2 . HIS A 1 6   ? 33.089  -15.488 -23.265 1.00 67.94 ? 33  HIS A CD2 1 
ATOM   9    C CE1 . HIS A 1 6   ? 31.485  -14.083 -22.751 1.00 70.44 ? 33  HIS A CE1 1 
ATOM   10   N NE2 . HIS A 1 6   ? 32.788  -14.189 -22.933 1.00 68.79 ? 33  HIS A NE2 1 
ATOM   11   N N   . HIS A 1 7   ? 32.858  -17.613 -20.548 1.00 39.95 ? 34  HIS A N   1 
ATOM   12   C CA  . HIS A 1 7   ? 32.865  -17.554 -19.082 1.00 37.92 ? 34  HIS A CA  1 
ATOM   13   C C   . HIS A 1 7   ? 31.948  -16.475 -18.505 1.00 36.05 ? 34  HIS A C   1 
ATOM   14   O O   . HIS A 1 7   ? 32.037  -16.180 -17.308 1.00 29.35 ? 34  HIS A O   1 
ATOM   15   C CB  . HIS A 1 7   ? 34.297  -17.332 -18.577 1.00 37.04 ? 34  HIS A CB  1 
ATOM   16   C CG  . HIS A 1 7   ? 35.291  -18.289 -19.151 1.00 40.95 ? 34  HIS A CG  1 
ATOM   17   N ND1 . HIS A 1 7   ? 35.088  -19.653 -19.152 1.00 43.85 ? 34  HIS A ND1 1 
ATOM   18   C CD2 . HIS A 1 7   ? 36.498  -18.086 -19.731 1.00 42.44 ? 34  HIS A CD2 1 
ATOM   19   C CE1 . HIS A 1 7   ? 36.122  -20.250 -19.719 1.00 46.63 ? 34  HIS A CE1 1 
ATOM   20   N NE2 . HIS A 1 7   ? 36.994  -19.321 -20.075 1.00 46.08 ? 34  HIS A NE2 1 
ATOM   21   N N   . HIS A 1 8   ? 31.056  -15.905 -19.330 1.00 35.37 ? 35  HIS A N   1 
ATOM   22   C CA  . HIS A 1 8   ? 30.022  -14.998 -18.825 1.00 36.93 ? 35  HIS A CA  1 
ATOM   23   C C   . HIS A 1 8   ? 28.812  -15.867 -18.492 1.00 34.78 ? 35  HIS A C   1 
ATOM   24   O O   . HIS A 1 8   ? 28.186  -16.427 -19.395 1.00 33.17 ? 35  HIS A O   1 
ATOM   25   C CB  . HIS A 1 8   ? 29.662  -13.916 -19.862 1.00 39.13 ? 35  HIS A CB  1 
ATOM   26   C CG  . HIS A 1 8   ? 28.844  -12.774 -19.318 1.00 43.42 ? 35  HIS A CG  1 
ATOM   27   N ND1 . HIS A 1 8   ? 28.310  -12.759 -18.047 1.00 44.96 ? 35  HIS A ND1 1 
ATOM   28   C CD2 . HIS A 1 8   ? 28.450  -11.611 -19.895 1.00 49.06 ? 35  HIS A CD2 1 
ATOM   29   C CE1 . HIS A 1 8   ? 27.627  -11.642 -17.860 1.00 45.97 ? 35  HIS A CE1 1 
ATOM   30   N NE2 . HIS A 1 8   ? 27.703  -10.922 -18.965 1.00 48.68 ? 35  HIS A NE2 1 
ATOM   31   N N   . HIS A 1 9   ? 28.516  -16.007 -17.193 1.00 29.30 ? 36  HIS A N   1 
ATOM   32   C CA  . HIS A 1 9   ? 27.449  -16.894 -16.737 1.00 30.13 ? 36  HIS A CA  1 
ATOM   33   C C   . HIS A 1 9   ? 26.187  -16.129 -16.289 1.00 30.45 ? 36  HIS A C   1 
ATOM   34   O O   . HIS A 1 9   ? 25.264  -16.747 -15.764 1.00 28.71 ? 36  HIS A O   1 
ATOM   35   C CB  . HIS A 1 9   ? 27.947  -17.836 -15.616 1.00 33.24 ? 36  HIS A CB  1 
ATOM   36   C CG  . HIS A 1 9   ? 28.955  -18.854 -16.066 1.00 34.44 ? 36  HIS A CG  1 
ATOM   37   N ND1 . HIS A 1 9   ? 29.549  -19.744 -15.193 1.00 37.04 ? 36  HIS A ND1 1 
ATOM   38   C CD2 . HIS A 1 9   ? 29.488  -19.114 -17.281 1.00 35.38 ? 36  HIS A CD2 1 
ATOM   39   C CE1 . HIS A 1 9   ? 30.385  -20.524 -15.857 1.00 36.23 ? 36  HIS A CE1 1 
ATOM   40   N NE2 . HIS A 1 9   ? 30.369  -20.157 -17.125 1.00 34.94 ? 36  HIS A NE2 1 
ATOM   41   N N   . HIS A 1 10  ? 26.136  -14.814 -16.538 1.00 29.53 ? 37  HIS A N   1 
ATOM   42   C CA  . HIS A 1 10  ? 24.962  -13.963 -16.247 1.00 30.47 ? 37  HIS A CA  1 
ATOM   43   C C   . HIS A 1 10  ? 24.544  -13.990 -14.768 1.00 29.44 ? 37  HIS A C   1 
ATOM   44   O O   . HIS A 1 10  ? 23.354  -13.921 -14.424 1.00 29.33 ? 37  HIS A O   1 
ATOM   45   C CB  . HIS A 1 10  ? 23.794  -14.355 -17.161 1.00 34.13 ? 37  HIS A CB  1 
ATOM   46   C CG  . HIS A 1 10  ? 24.204  -14.571 -18.585 1.00 36.06 ? 37  HIS A CG  1 
ATOM   47   N ND1 . HIS A 1 10  ? 24.218  -13.557 -19.518 1.00 41.86 ? 37  HIS A ND1 1 
ATOM   48   C CD2 . HIS A 1 10  ? 24.636  -15.682 -19.229 1.00 41.68 ? 37  HIS A CD2 1 
ATOM   49   C CE1 . HIS A 1 10  ? 24.646  -14.034 -20.677 1.00 43.54 ? 37  HIS A CE1 1 
ATOM   50   N NE2 . HIS A 1 10  ? 24.897  -15.324 -20.531 1.00 40.76 ? 37  HIS A NE2 1 
ATOM   51   N N   . LEU A 1 11  ? 25.538  -14.098 -13.887 1.00 27.55 ? 38  LEU A N   1 
ATOM   52   C CA  . LEU A 1 11  ? 25.301  -13.997 -12.445 1.00 25.81 ? 38  LEU A CA  1 
ATOM   53   C C   . LEU A 1 11  ? 25.173  -12.530 -11.993 1.00 27.22 ? 38  LEU A C   1 
ATOM   54   O O   . LEU A 1 11  ? 24.746  -12.279 -10.884 1.00 28.12 ? 38  LEU A O   1 
ATOM   55   C CB  . LEU A 1 11  ? 26.407  -14.721 -11.687 1.00 23.69 ? 38  LEU A CB  1 
ATOM   56   C CG  . LEU A 1 11  ? 26.511  -16.226 -12.035 1.00 22.98 ? 38  LEU A CG  1 
ATOM   57   C CD1 . LEU A 1 11  ? 27.774  -16.852 -11.502 1.00 23.70 ? 38  LEU A CD1 1 
ATOM   58   C CD2 . LEU A 1 11  ? 25.300  -16.970 -11.509 1.00 24.56 ? 38  LEU A CD2 1 
ATOM   59   N N   . VAL A 1 12  ? 25.616  -11.599 -12.827 1.00 26.97 ? 39  VAL A N   1 
ATOM   60   C CA  . VAL A 1 12  ? 25.307  -10.162 -12.713 1.00 28.32 ? 39  VAL A CA  1 
ATOM   61   C C   . VAL A 1 12  ? 24.908  -9.672  -14.127 1.00 30.61 ? 39  VAL A C   1 
ATOM   62   O O   . VAL A 1 12  ? 25.258  -10.346 -15.101 1.00 32.54 ? 39  VAL A O   1 
ATOM   63   C CB  . VAL A 1 12  ? 26.517  -9.360  -12.190 1.00 29.26 ? 39  VAL A CB  1 
ATOM   64   C CG1 . VAL A 1 12  ? 26.691  -9.585  -10.698 1.00 28.68 ? 39  VAL A CG1 1 
ATOM   65   C CG2 . VAL A 1 12  ? 27.786  -9.732  -12.935 1.00 29.36 ? 39  VAL A CG2 1 
ATOM   66   N N   . PRO A 1 13  ? 24.185  -8.555  -14.279 1.00 28.40 ? 40  PRO A N   1 
ATOM   67   C CA  . PRO A 1 13  ? 23.648  -7.717  -13.191 1.00 29.66 ? 40  PRO A CA  1 
ATOM   68   C C   . PRO A 1 13  ? 22.527  -8.402  -12.398 1.00 30.61 ? 40  PRO A C   1 
ATOM   69   O O   . PRO A 1 13  ? 21.941  -9.387  -12.860 1.00 29.37 ? 40  PRO A O   1 
ATOM   70   C CB  . PRO A 1 13  ? 23.107  -6.498  -13.942 1.00 29.83 ? 40  PRO A CB  1 
ATOM   71   C CG  . PRO A 1 13  ? 22.688  -7.069  -15.266 1.00 31.73 ? 40  PRO A CG  1 
ATOM   72   C CD  . PRO A 1 13  ? 23.617  -8.197  -15.590 1.00 32.13 ? 40  PRO A CD  1 
ATOM   73   N N   . ARG A 1 14  ? 22.238  -7.878  -11.206 1.00 28.42 ? 41  ARG A N   1 
ATOM   74   C CA  . ARG A 1 14  ? 21.264  -8.498  -10.295 1.00 28.94 ? 41  ARG A CA  1 
ATOM   75   C C   . ARG A 1 14  ? 19.902  -7.826  -10.369 1.00 30.74 ? 41  ARG A C   1 
ATOM   76   O O   . ARG A 1 14  ? 19.744  -6.771  -10.985 1.00 28.66 ? 41  ARG A O   1 
ATOM   77   C CB  . ARG A 1 14  ? 21.769  -8.439  -8.836  1.00 29.66 ? 41  ARG A CB  1 
ATOM   78   C CG  . ARG A 1 14  ? 23.193  -8.942  -8.602  1.00 30.14 ? 41  ARG A CG  1 
ATOM   79   C CD  . ARG A 1 14  ? 23.305  -10.438 -8.815  1.00 29.08 ? 41  ARG A CD  1 
ATOM   80   N NE  . ARG A 1 14  ? 22.485  -11.240 -7.900  1.00 28.27 ? 41  ARG A NE  1 
ATOM   81   C CZ  . ARG A 1 14  ? 22.407  -12.570 -7.969  1.00 28.19 ? 41  ARG A CZ  1 
ATOM   82   N NH1 . ARG A 1 14  ? 21.637  -13.243 -7.123  1.00 25.33 ? 41  ARG A NH1 1 
ATOM   83   N NH2 . ARG A 1 14  ? 23.139  -13.237 -8.870  1.00 27.79 ? 41  ARG A NH2 1 
ATOM   84   N N   . GLY A 1 15  ? 18.935  -8.448  -9.695  1.00 29.96 ? 42  GLY A N   1 
ATOM   85   C CA  . GLY A 1 15  ? 17.609  -7.856  -9.479  1.00 29.52 ? 42  GLY A CA  1 
ATOM   86   C C   . GLY A 1 15  ? 17.682  -6.736  -8.453  1.00 31.21 ? 42  GLY A C   1 
ATOM   87   O O   . GLY A 1 15  ? 18.761  -6.396  -7.942  1.00 30.42 ? 42  GLY A O   1 
ATOM   88   N N   . SER A 1 16  ? 16.518  -6.155  -8.167  1.00 27.08 ? 43  SER A N   1 
ATOM   89   C CA  . SER A 1 16  ? 16.443  -5.060  -7.230  1.00 27.63 ? 43  SER A CA  1 
ATOM   90   C C   . SER A 1 16  ? 14.968  -4.747  -7.081  1.00 23.59 ? 43  SER A C   1 
ATOM   91   O O   . SER A 1 16  ? 14.125  -5.257  -7.805  1.00 23.27 ? 43  SER A O   1 
ATOM   92   C CB  . SER A 1 16  ? 17.182  -3.833  -7.740  1.00 28.75 ? 43  SER A CB  1 
ATOM   93   O OG  . SER A 1 16  ? 16.741  -3.478  -9.035  1.00 27.67 ? 43  SER A OG  1 
ATOM   94   N N   . ASN A 1 17  ? 14.674  -3.951  -6.077  1.00 25.18 ? 44  ASN A N   1 
ATOM   95   C CA  . ASN A 1 17  ? 13.331  -3.407  -5.961  1.00 24.24 ? 44  ASN A CA  1 
ATOM   96   C C   . ASN A 1 17  ? 13.243  -2.131  -6.756  1.00 23.63 ? 44  ASN A C   1 
ATOM   97   O O   . ASN A 1 17  ? 14.240  -1.399  -6.845  1.00 24.93 ? 44  ASN A O   1 
ATOM   98   C CB  . ASN A 1 17  ? 13.012  -3.147  -4.530  1.00 25.36 ? 44  ASN A CB  1 
ATOM   99   C CG  . ASN A 1 17  ? 12.906  -4.429  -3.756  1.00 26.76 ? 44  ASN A CG  1 
ATOM   100  O OD1 . ASN A 1 17  ? 12.067  -5.266  -4.070  1.00 25.40 ? 44  ASN A OD1 1 
ATOM   101  N ND2 . ASN A 1 17  ? 13.779  -4.606  -2.777  1.00 28.74 ? 44  ASN A ND2 1 
ATOM   102  N N   . PRO A 1 18  ? 12.060  -1.851  -7.344  1.00 19.17 ? 45  PRO A N   1 
ATOM   103  C CA  . PRO A 1 18  ? 11.911  -0.523  -7.926  1.00 19.99 ? 45  PRO A CA  1 
ATOM   104  C C   . PRO A 1 18  ? 11.924  0.555   -6.889  1.00 21.30 ? 45  PRO A C   1 
ATOM   105  O O   . PRO A 1 18  ? 11.781  0.279   -5.677  1.00 20.97 ? 45  PRO A O   1 
ATOM   106  C CB  . PRO A 1 18  ? 10.524  -0.590  -8.571  1.00 19.79 ? 45  PRO A CB  1 
ATOM   107  C CG  . PRO A 1 18  ? 9.778   -1.441  -7.584  1.00 19.41 ? 45  PRO A CG  1 
ATOM   108  C CD  . PRO A 1 18  ? 10.757  -2.492  -7.169  1.00 19.55 ? 45  PRO A CD  1 
ATOM   109  N N   . PRO A 1 19  ? 12.045  1.807   -7.342  1.00 22.27 ? 46  PRO A N   1 
ATOM   110  C CA  . PRO A 1 19  ? 11.914  2.853   -6.360  1.00 23.38 ? 46  PRO A CA  1 
ATOM   111  C C   . PRO A 1 19  ? 10.482  2.882   -5.853  1.00 22.08 ? 46  PRO A C   1 
ATOM   112  O O   . PRO A 1 19  ? 9.560   2.529   -6.593  1.00 24.76 ? 46  PRO A O   1 
ATOM   113  C CB  . PRO A 1 19  ? 12.223  4.124   -7.121  1.00 24.13 ? 46  PRO A CB  1 
ATOM   114  C CG  . PRO A 1 19  ? 11.964  3.789   -8.537  1.00 24.63 ? 46  PRO A CG  1 
ATOM   115  C CD  . PRO A 1 19  ? 12.301  2.325   -8.690  1.00 22.83 ? 46  PRO A CD  1 
ATOM   116  N N   . PRO A 1 20  ? 10.320  3.215   -4.579  1.00 23.00 ? 47  PRO A N   1 
ATOM   117  C CA  . PRO A 1 20  ? 8.998   3.192   -4.029  1.00 23.50 ? 47  PRO A CA  1 
ATOM   118  C C   . PRO A 1 20  ? 8.153   4.365   -4.496  1.00 22.32 ? 47  PRO A C   1 
ATOM   119  O O   . PRO A 1 20  ? 8.678   5.355   -5.056  1.00 20.48 ? 47  PRO A O   1 
ATOM   120  C CB  . PRO A 1 20  ? 9.256   3.270   -2.517  1.00 23.13 ? 47  PRO A CB  1 
ATOM   121  C CG  . PRO A 1 20  ? 10.494  4.024   -2.395  1.00 26.02 ? 47  PRO A CG  1 
ATOM   122  C CD  . PRO A 1 20  ? 11.317  3.644   -3.585  1.00 24.69 ? 47  PRO A CD  1 
ATOM   123  N N   . PRO A 1 21  ? 6.850   4.288   -4.237  1.00 20.32 ? 48  PRO A N   1 
ATOM   124  C CA  . PRO A 1 21  ? 5.951   5.387   -4.586  1.00 19.86 ? 48  PRO A CA  1 
ATOM   125  C C   . PRO A 1 21  ? 6.347   6.697   -3.922  1.00 20.77 ? 48  PRO A C   1 
ATOM   126  O O   . PRO A 1 21  ? 6.814   6.679   -2.803  1.00 19.00 ? 48  PRO A O   1 
ATOM   127  C CB  . PRO A 1 21  ? 4.587   4.905   -4.058  1.00 19.06 ? 48  PRO A CB  1 
ATOM   128  C CG  . PRO A 1 21  ? 4.705   3.433   -3.909  1.00 19.44 ? 48  PRO A CG  1 
ATOM   129  C CD  . PRO A 1 21  ? 6.130   3.126   -3.688  1.00 20.07 ? 48  PRO A CD  1 
ATOM   130  N N   . GLU A 1 22  ? 6.159   7.837   -4.589  1.00 20.95 ? 49  GLU A N   1 
ATOM   131  C CA  . GLU A 1 22  ? 6.510   9.104   -3.941  1.00 21.71 ? 49  GLU A CA  1 
ATOM   132  C C   . GLU A 1 22  ? 5.616   9.384   -2.750  1.00 19.98 ? 49  GLU A C   1 
ATOM   133  O O   . GLU A 1 22  ? 4.439   8.959   -2.735  1.00 19.22 ? 49  GLU A O   1 
ATOM   134  C CB  . GLU A 1 22  ? 6.409   10.279  -4.930  1.00 25.59 ? 49  GLU A CB  1 
ATOM   135  C CG  . GLU A 1 22  ? 4.998   10.695  -5.297  1.00 29.19 ? 49  GLU A CG  1 
ATOM   136  C CD  . GLU A 1 22  ? 4.952   11.818  -6.303  1.00 33.45 ? 49  GLU A CD  1 
ATOM   137  O OE1 . GLU A 1 22  ? 3.837   12.252  -6.737  1.00 31.52 ? 49  GLU A OE1 1 
ATOM   138  O OE2 . GLU A 1 22  ? 6.054   12.246  -6.682  1.00 34.78 ? 49  GLU A OE2 1 
ATOM   139  N N   . THR A 1 23  ? 6.170   10.046  -1.741  1.00 18.77 ? 50  THR A N   1 
ATOM   140  C CA  . THR A 1 23  ? 5.384   10.508  -0.607  1.00 19.68 ? 50  THR A CA  1 
ATOM   141  C C   . THR A 1 23  ? 5.319   12.041  -0.465  1.00 19.10 ? 50  THR A C   1 
ATOM   142  O O   . THR A 1 23  ? 4.701   12.547  0.486   1.00 21.53 ? 50  THR A O   1 
ATOM   143  C CB  . THR A 1 23  ? 5.893   9.891   0.681   1.00 22.35 ? 50  THR A CB  1 
ATOM   144  O OG1 . THR A 1 23  ? 7.272   10.202  0.839   1.00 23.20 ? 50  THR A OG1 1 
ATOM   145  C CG2 . THR A 1 23  ? 5.699   8.373   0.601   1.00 24.08 ? 50  THR A CG2 1 
ATOM   146  N N   . SER A 1 24  ? 6.000   12.718  -1.378  1.00 19.21 ? 51  SER A N   1 
ATOM   147  C CA  . SER A 1 24  ? 6.108   14.165  -1.461  1.00 22.15 ? 51  SER A CA  1 
ATOM   148  C C   . SER A 1 24  ? 6.117   14.517  -2.944  1.00 21.72 ? 51  SER A C   1 
ATOM   149  O O   . SER A 1 24  ? 6.610   13.789  -3.807  1.00 21.66 ? 51  SER A O   1 
ATOM   150  C CB  . SER A 1 24  ? 7.429   14.657  -0.817  1.00 25.72 ? 51  SER A CB  1 
ATOM   151  O OG  . SER A 1 24  ? 7.155   15.059  0.491   1.00 34.99 ? 51  SER A OG  1 
ATOM   152  N N   . ASN A 1 25  ? 5.563   15.670  -3.231  1.00 20.28 ? 52  ASN A N   1 
ATOM   153  C CA  . ASN A 1 25  ? 5.570   16.219  -4.560  1.00 19.59 ? 52  ASN A CA  1 
ATOM   154  C C   . ASN A 1 25  ? 5.184   17.693  -4.381  1.00 20.37 ? 52  ASN A C   1 
ATOM   155  O O   . ASN A 1 25  ? 4.010   18.015  -4.240  1.00 19.50 ? 52  ASN A O   1 
ATOM   156  C CB  . ASN A 1 25  ? 4.581   15.501  -5.496  1.00 20.35 ? 52  ASN A CB  1 
ATOM   157  C CG  . ASN A 1 25  ? 4.604   16.063  -6.915  1.00 23.14 ? 52  ASN A CG  1 
ATOM   158  O OD1 . ASN A 1 25  ? 5.041   17.194  -7.147  1.00 24.11 ? 52  ASN A OD1 1 
ATOM   159  N ND2 . ASN A 1 25  ? 4.113   15.271  -7.868  1.00 22.97 ? 52  ASN A ND2 1 
ATOM   160  N N   . PRO A 1 26  ? 6.163   18.608  -4.411  1.00 20.20 ? 53  PRO A N   1 
ATOM   161  C CA  . PRO A 1 26  ? 5.798   19.998  -4.176  1.00 20.95 ? 53  PRO A CA  1 
ATOM   162  C C   . PRO A 1 26  ? 4.819   20.606  -5.149  1.00 18.79 ? 53  PRO A C   1 
ATOM   163  O O   . PRO A 1 26  ? 4.005   21.455  -4.719  1.00 19.91 ? 53  PRO A O   1 
ATOM   164  C CB  . PRO A 1 26  ? 7.151   20.729  -4.199  1.00 21.26 ? 53  PRO A CB  1 
ATOM   165  C CG  . PRO A 1 26  ? 8.118   19.677  -3.754  1.00 21.86 ? 53  PRO A CG  1 
ATOM   166  C CD  . PRO A 1 26  ? 7.631   18.454  -4.450  1.00 21.60 ? 53  PRO A CD  1 
ATOM   167  N N   . ASN A 1 27  ? 4.849   20.186  -6.429  1.00 18.65 ? 54  ASN A N   1 
ATOM   168  C CA  . ASN A 1 27  ? 3.916   20.720  -7.421  1.00 18.51 ? 54  ASN A CA  1 
ATOM   169  C C   . ASN A 1 27  ? 2.528   20.058  -7.449  1.00 20.63 ? 54  ASN A C   1 
ATOM   170  O O   . ASN A 1 27  ? 1.657   20.522  -8.183  1.00 21.85 ? 54  ASN A O   1 
ATOM   171  C CB  . ASN A 1 27  ? 4.524   20.675  -8.829  1.00 21.35 ? 54  ASN A CB  1 
ATOM   172  C CG  . ASN A 1 27  ? 5.587   21.729  -9.034  1.00 22.20 ? 54  ASN A CG  1 
ATOM   173  O OD1 . ASN A 1 27  ? 5.501   22.826  -8.463  1.00 23.91 ? 54  ASN A OD1 1 
ATOM   174  N ND2 . ASN A 1 27  ? 6.565   21.433  -9.867  1.00 22.11 ? 54  ASN A ND2 1 
ATOM   175  N N   . LYS A 1 28  ? 2.310   19.028  -6.641  1.00 20.57 ? 55  LYS A N   1 
ATOM   176  C CA  . LYS A 1 28  ? 1.000   18.386  -6.645  1.00 21.60 ? 55  LYS A CA  1 
ATOM   177  C C   . LYS A 1 28  ? 0.038   19.242  -5.825  1.00 21.41 ? 55  LYS A C   1 
ATOM   178  O O   . LYS A 1 28  ? 0.420   19.731  -4.771  1.00 20.80 ? 55  LYS A O   1 
ATOM   179  C CB  . LYS A 1 28  ? 1.065   17.006  -6.016  1.00 21.70 ? 55  LYS A CB  1 
ATOM   180  C CG  . LYS A 1 28  ? -0.274  16.248  -6.082  1.00 21.17 ? 55  LYS A CG  1 
ATOM   181  C CD  . LYS A 1 28  ? -0.195  14.901  -5.389  1.00 19.78 ? 55  LYS A CD  1 
ATOM   182  C CE  . LYS A 1 28  ? -1.562  14.207  -5.335  1.00 20.15 ? 55  LYS A CE  1 
ATOM   183  N NZ  . LYS A 1 28  ? -2.518  15.004  -4.505  1.00 20.80 ? 55  LYS A NZ  1 
ATOM   184  N N   . PRO A 1 29  ? -1.224  19.374  -6.293  1.00 21.71 ? 56  PRO A N   1 
ATOM   185  C CA  . PRO A 1 29  ? -2.211  20.078  -5.468  1.00 22.76 ? 56  PRO A CA  1 
ATOM   186  C C   . PRO A 1 29  ? -2.544  19.292  -4.169  1.00 19.77 ? 56  PRO A C   1 
ATOM   187  O O   . PRO A 1 29  ? -2.668  18.071  -4.221  1.00 19.86 ? 56  PRO A O   1 
ATOM   188  C CB  . PRO A 1 29  ? -3.442  20.187  -6.382  1.00 21.55 ? 56  PRO A CB  1 
ATOM   189  C CG  . PRO A 1 29  ? -3.040  19.732  -7.736  1.00 24.76 ? 56  PRO A CG  1 
ATOM   190  C CD  . PRO A 1 29  ? -1.732  18.992  -7.624  1.00 24.40 ? 56  PRO A CD  1 
ATOM   191  N N   . LYS A 1 30  ? -2.650  19.984  -3.045  1.00 20.41 ? 57  LYS A N   1 
ATOM   192  C CA  . LYS A 1 30  ? -2.880  19.364  -1.724  1.00 22.56 ? 57  LYS A CA  1 
ATOM   193  C C   . LYS A 1 30  ? -3.899  20.118  -0.901  1.00 23.14 ? 57  LYS A C   1 
ATOM   194  O O   . LYS A 1 30  ? -3.978  21.358  -0.979  1.00 21.74 ? 57  LYS A O   1 
ATOM   195  C CB  . LYS A 1 30  ? -1.589  19.399  -0.903  1.00 24.65 ? 57  LYS A CB  1 
ATOM   196  C CG  . LYS A 1 30  ? -0.470  18.584  -1.470  1.00 27.44 ? 57  LYS A CG  1 
ATOM   197  C CD  . LYS A 1 30  ? 0.807   18.938  -0.718  1.00 25.84 ? 57  LYS A CD  1 
ATOM   198  C CE  . LYS A 1 30  ? 1.986   18.504  -1.509  1.00 26.96 ? 57  LYS A CE  1 
ATOM   199  N NZ  . LYS A 1 30  ? 2.261   19.427  -2.646  1.00 25.38 ? 57  LYS A NZ  1 
ATOM   200  N N   . ARG A 1 31  ? -4.621  19.399  -0.033  1.00 23.24 ? 58  ARG A N   1 
ATOM   201  C CA  . ARG A 1 31  ? -5.530  20.050  0.922   1.00 24.15 ? 58  ARG A CA  1 
ATOM   202  C C   . ARG A 1 31  ? -5.531  19.291  2.225   1.00 29.35 ? 58  ARG A C   1 
ATOM   203  O O   . ARG A 1 31  ? -5.107  18.132  2.280   1.00 31.35 ? 58  ARG A O   1 
ATOM   204  C CB  . ARG A 1 31  ? -6.946  20.074  0.403   1.00 27.89 ? 58  ARG A CB  1 
ATOM   205  C CG  . ARG A 1 31  ? -7.131  21.033  -0.733  1.00 28.05 ? 58  ARG A CG  1 
ATOM   206  C CD  . ARG A 1 31  ? -8.568  21.266  -1.092  1.00 28.58 ? 58  ARG A CD  1 
ATOM   207  N NE  . ARG A 1 31  ? -9.227  20.010  -1.307  1.00 28.95 ? 58  ARG A NE  1 
ATOM   208  C CZ  . ARG A 1 31  ? -10.514 19.847  -1.547  1.00 28.85 ? 58  ARG A CZ  1 
ATOM   209  N NH1 . ARG A 1 31  ? -11.333 20.885  -1.664  1.00 31.78 ? 58  ARG A NH1 1 
ATOM   210  N NH2 . ARG A 1 31  ? -10.985 18.613  -1.653  1.00 28.96 ? 58  ARG A NH2 1 
ATOM   211  N N   . GLN A 1 32  ? -5.981  19.957  3.272   1.00 28.78 ? 59  GLN A N   1 
ATOM   212  C CA  . GLN A 1 32  ? -6.358  19.277  4.485   1.00 31.81 ? 59  GLN A CA  1 
ATOM   213  C C   . GLN A 1 32  ? -7.860  19.364  4.484   1.00 32.08 ? 59  GLN A C   1 
ATOM   214  O O   . GLN A 1 32  ? -8.439  20.433  4.215   1.00 32.51 ? 59  GLN A O   1 
ATOM   215  C CB  . GLN A 1 32  ? -5.708  19.942  5.692   1.00 36.55 ? 59  GLN A CB  1 
ATOM   216  C CG  . GLN A 1 32  ? -4.200  20.037  5.553   1.00 39.57 ? 59  GLN A CG  1 
ATOM   217  C CD  . GLN A 1 32  ? -3.507  20.561  6.798   1.00 44.03 ? 59  GLN A CD  1 
ATOM   218  O OE1 . GLN A 1 32  ? -3.758  20.093  7.905   1.00 49.01 ? 59  GLN A OE1 1 
ATOM   219  N NE2 . GLN A 1 32  ? -2.604  21.528  6.613   1.00 47.79 ? 59  GLN A NE2 1 
ATOM   220  N N   . THR A 1 33  ? -8.516  18.232  4.663   1.00 29.37 ? 60  THR A N   1 
ATOM   221  C CA  . THR A 1 33  ? -9.959  18.185  4.759   1.00 29.22 ? 60  THR A CA  1 
ATOM   222  C C   . THR A 1 33  ? -10.302 17.354  5.962   1.00 31.69 ? 60  THR A C   1 
ATOM   223  O O   . THR A 1 33  ? -9.453  16.621  6.472   1.00 32.40 ? 60  THR A O   1 
ATOM   224  C CB  . THR A 1 33  ? -10.630 17.560  3.519   1.00 29.38 ? 60  THR A CB  1 
ATOM   225  O OG1 . THR A 1 33  ? -10.353 16.149  3.465   1.00 27.48 ? 60  THR A OG1 1 
ATOM   226  C CG2 . THR A 1 33  ? -10.114 18.188  2.266   1.00 26.89 ? 60  THR A CG2 1 
ATOM   227  N N   . ASN A 1 34  ? -11.533 17.482  6.440   1.00 31.97 ? 61  ASN A N   1 
ATOM   228  C CA  . ASN A 1 34  ? -11.924 16.711  7.629   1.00 32.32 ? 61  ASN A CA  1 
ATOM   229  C C   . ASN A 1 34  ? -11.970 15.217  7.348   1.00 30.17 ? 61  ASN A C   1 
ATOM   230  O O   . ASN A 1 34  ? -11.720 14.398  8.242   1.00 27.31 ? 61  ASN A O   1 
ATOM   231  C CB  . ASN A 1 34  ? -13.249 17.187  8.201   1.00 35.98 ? 61  ASN A CB  1 
ATOM   232  C CG  . ASN A 1 34  ? -13.125 18.539  8.874   1.00 39.69 ? 61  ASN A CG  1 
ATOM   233  O OD1 . ASN A 1 34  ? -12.131 18.825  9.563   1.00 45.37 ? 61  ASN A OD1 1 
ATOM   234  N ND2 . ASN A 1 34  ? -14.132 19.382  8.692   1.00 41.93 ? 61  ASN A ND2 1 
ATOM   235  N N   . GLN A 1 35  ? -12.274 14.862  6.111   1.00 29.11 ? 62  GLN A N   1 
ATOM   236  C CA  . GLN A 1 35  ? -12.239 13.479  5.705   1.00 27.14 ? 62  GLN A CA  1 
ATOM   237  C C   . GLN A 1 35  ? -10.792 12.935  5.722   1.00 25.78 ? 62  GLN A C   1 
ATOM   238  O O   . GLN A 1 35  ? -10.584 11.784  6.149   1.00 23.04 ? 62  GLN A O   1 
ATOM   239  C CB  . GLN A 1 35  ? -12.892 13.313  4.350   1.00 30.17 ? 62  GLN A CB  1 
ATOM   240  C CG  . GLN A 1 35  ? -14.398 13.601  4.349   1.00 30.67 ? 62  GLN A CG  1 
ATOM   241  C CD  . GLN A 1 35  ? -15.058 13.354  3.002   1.00 30.81 ? 62  GLN A CD  1 
ATOM   242  O OE1 . GLN A 1 35  ? -14.411 13.396  1.952   1.00 33.08 ? 62  GLN A OE1 1 
ATOM   243  N NE2 . GLN A 1 35  ? -16.366 13.149  3.018   1.00 29.92 ? 62  GLN A NE2 1 
ATOM   244  N N   . LEU A 1 36  ? -9.818  13.726  5.250   1.00 23.21 ? 63  LEU A N   1 
ATOM   245  C CA  . LEU A 1 36  ? -8.396  13.293  5.253   1.00 23.02 ? 63  LEU A CA  1 
ATOM   246  C C   . LEU A 1 36  ? -7.862  13.146  6.676   1.00 26.46 ? 63  LEU A C   1 
ATOM   247  O O   . LEU A 1 36  ? -7.111  12.207  7.002   1.00 24.13 ? 63  LEU A O   1 
ATOM   248  C CB  . LEU A 1 36  ? -7.503  14.226  4.407   1.00 22.01 ? 63  LEU A CB  1 
ATOM   249  C CG  . LEU A 1 36  ? -7.714  13.982  2.920   1.00 19.99 ? 63  LEU A CG  1 
ATOM   250  C CD1 . LEU A 1 36  ? -7.136  15.158  2.112   1.00 19.69 ? 63  LEU A CD1 1 
ATOM   251  C CD2 . LEU A 1 36  ? -7.100  12.650  2.523   1.00 20.23 ? 63  LEU A CD2 1 
ATOM   252  N N   . GLN A 1 37  ? -8.292  14.065  7.531   1.00 27.76 ? 64  GLN A N   1 
ATOM   253  C CA  . GLN A 1 37  ? -7.985  13.968  8.958   1.00 30.93 ? 64  GLN A CA  1 
ATOM   254  C C   . GLN A 1 37  ? -8.526  12.677  9.572   1.00 27.25 ? 64  GLN A C   1 
ATOM   255  O O   . GLN A 1 37  ? -7.766  11.961  10.207  1.00 29.60 ? 64  GLN A O   1 
ATOM   256  C CB  . GLN A 1 37  ? -8.508  15.204  9.680   1.00 31.45 ? 64  GLN A CB  1 
ATOM   257  C CG  . GLN A 1 37  ? -7.689  16.438  9.343   1.00 38.40 ? 64  GLN A CG  1 
ATOM   258  C CD  . GLN A 1 37  ? -7.916  17.591  10.308  1.00 45.64 ? 64  GLN A CD  1 
ATOM   259  O OE1 . GLN A 1 37  ? -9.014  17.766  10.855  1.00 51.08 ? 64  GLN A OE1 1 
ATOM   260  N NE2 . GLN A 1 37  ? -6.868  18.383  10.530  1.00 48.35 ? 64  GLN A NE2 1 
ATOM   261  N N   . TYR A 1 38  ? -9.784  12.336  9.306   1.00 29.85 ? 65  TYR A N   1 
ATOM   262  C CA  . TYR A 1 38  ? -10.373 11.081  9.788   1.00 29.24 ? 65  TYR A CA  1 
ATOM   263  C C   . TYR A 1 38  ? -9.618  9.898   9.194   1.00 28.94 ? 65  TYR A C   1 
ATOM   264  O O   . TYR A 1 38  ? -9.303  8.954   9.925   1.00 28.50 ? 65  TYR A O   1 
ATOM   265  C CB  . TYR A 1 38  ? -11.857 11.018  9.452   1.00 29.90 ? 65  TYR A CB  1 
ATOM   266  C CG  . TYR A 1 38  ? -12.634 9.745   9.774   1.00 30.75 ? 65  TYR A CG  1 
ATOM   267  C CD1 . TYR A 1 38  ? -12.716 8.706   8.861   1.00 31.65 ? 65  TYR A CD1 1 
ATOM   268  C CD2 . TYR A 1 38  ? -13.377 9.632   10.951  1.00 35.65 ? 65  TYR A CD2 1 
ATOM   269  C CE1 . TYR A 1 38  ? -13.471 7.573   9.117   1.00 35.26 ? 65  TYR A CE1 1 
ATOM   270  C CE2 . TYR A 1 38  ? -14.137 8.501   11.217  1.00 35.98 ? 65  TYR A CE2 1 
ATOM   271  C CZ  . TYR A 1 38  ? -14.188 7.474   10.289  1.00 36.32 ? 65  TYR A CZ  1 
ATOM   272  O OH  . TYR A 1 38  ? -14.971 6.358   10.526  1.00 35.27 ? 65  TYR A OH  1 
ATOM   273  N N   . LEU A 1 39  ? -9.302  9.961   7.895   1.00 23.55 ? 66  LEU A N   1 
ATOM   274  C CA  . LEU A 1 39  ? -8.532  8.886   7.249   1.00 22.42 ? 66  LEU A CA  1 
ATOM   275  C C   . LEU A 1 39  ? -7.197  8.589   7.923   1.00 21.99 ? 66  LEU A C   1 
ATOM   276  O O   . LEU A 1 39  ? -6.790  7.395   7.992   1.00 23.61 ? 66  LEU A O   1 
ATOM   277  C CB  . LEU A 1 39  ? -8.334  9.155   5.737   1.00 20.86 ? 66  LEU A CB  1 
ATOM   278  C CG  . LEU A 1 39  ? -9.550  8.807   4.850   1.00 22.96 ? 66  LEU A CG  1 
ATOM   279  C CD1 . LEU A 1 39  ? -9.481  9.526   3.495   1.00 22.86 ? 66  LEU A CD1 1 
ATOM   280  C CD2 . LEU A 1 39  ? -9.669  7.310   4.646   1.00 23.42 ? 66  LEU A CD2 1 
ATOM   281  N N   . LEU A 1 40  ? -6.519  9.606   8.440   1.00 21.23 ? 67  LEU A N   1 
ATOM   282  C CA  . LEU A 1 40  ? -5.262  9.396   9.158   1.00 23.59 ? 67  LEU A CA  1 
ATOM   283  C C   . LEU A 1 40  ? -5.546  8.957   10.591  1.00 26.83 ? 67  LEU A C   1 
ATOM   284  O O   . LEU A 1 40  ? -5.027  7.943   11.041  1.00 25.93 ? 67  LEU A O   1 
ATOM   285  C CB  . LEU A 1 40  ? -4.342  10.627  9.131   1.00 24.85 ? 67  LEU A CB  1 
ATOM   286  C CG  . LEU A 1 40  ? -3.058  10.624  9.998   1.00 26.07 ? 67  LEU A CG  1 
ATOM   287  C CD1 . LEU A 1 40  ? -2.102  9.475   9.677   1.00 28.61 ? 67  LEU A CD1 1 
ATOM   288  C CD2 . LEU A 1 40  ? -2.301  11.950  9.932   1.00 28.17 ? 67  LEU A CD2 1 
ATOM   289  N N   . ARG A 1 41  ? -6.323  9.762   11.307  1.00 28.34 ? 68  ARG A N   1 
ATOM   290  C CA  . ARG A 1 41  ? -6.528  9.542   12.750  1.00 32.92 ? 68  ARG A CA  1 
ATOM   291  C C   . ARG A 1 41  ? -7.313  8.290   13.098  1.00 30.51 ? 68  ARG A C   1 
ATOM   292  O O   . ARG A 1 41  ? -7.065  7.673   14.140  1.00 35.49 ? 68  ARG A O   1 
ATOM   293  C CB  . ARG A 1 41  ? -7.212  10.767  13.370  1.00 36.69 ? 68  ARG A CB  1 
ATOM   294  C CG  . ARG A 1 41  ? -6.324  11.990  13.348  1.00 40.42 ? 68  ARG A CG  1 
ATOM   295  C CD  . ARG A 1 41  ? -6.806  13.106  14.261  1.00 48.18 ? 68  ARG A CD  1 
ATOM   296  N NE  . ARG A 1 41  ? -7.578  14.143  13.569  1.00 50.96 ? 68  ARG A NE  1 
ATOM   297  C CZ  . ARG A 1 41  ? -7.809  15.372  14.047  1.00 55.93 ? 68  ARG A CZ  1 
ATOM   298  N NH1 . ARG A 1 41  ? -7.334  15.755  15.236  1.00 60.75 ? 68  ARG A NH1 1 
ATOM   299  N NH2 . ARG A 1 41  ? -8.519  16.242  13.331  1.00 58.89 ? 68  ARG A NH2 1 
ATOM   300  N N   . VAL A 1 42  ? -8.266  7.916   12.253  1.00 32.16 ? 69  VAL A N   1 
ATOM   301  C CA  . VAL A 1 42  ? -9.134  6.778   12.509  1.00 33.15 ? 69  VAL A CA  1 
ATOM   302  C C   . VAL A 1 42  ? -8.872  5.588   11.593  1.00 31.05 ? 69  VAL A C   1 
ATOM   303  O O   . VAL A 1 42  ? -8.650  4.495   12.089  1.00 31.83 ? 69  VAL A O   1 
ATOM   304  C CB  . VAL A 1 42  ? -10.624 7.197   12.456  1.00 34.11 ? 69  VAL A CB  1 
ATOM   305  C CG1 . VAL A 1 42  ? -11.552 5.996   12.641  1.00 33.30 ? 69  VAL A CG1 1 
ATOM   306  C CG2 . VAL A 1 42  ? -10.892 8.265   13.514  1.00 32.90 ? 69  VAL A CG2 1 
ATOM   307  N N   . VAL A 1 43  ? -8.900  5.766   10.279  1.00 27.15 ? 70  VAL A N   1 
ATOM   308  C CA  . VAL A 1 43  ? -8.868  4.621   9.376   1.00 26.87 ? 70  VAL A CA  1 
ATOM   309  C C   . VAL A 1 43  ? -7.455  4.004   9.371   1.00 28.69 ? 70  VAL A C   1 
ATOM   310  O O   . VAL A 1 43  ? -7.270  2.808   9.667   1.00 27.44 ? 70  VAL A O   1 
ATOM   311  C CB  . VAL A 1 43  ? -9.362  4.977   7.963   1.00 25.51 ? 70  VAL A CB  1 
ATOM   312  C CG1 . VAL A 1 43  ? -9.192  3.829   6.985   1.00 27.19 ? 70  VAL A CG1 1 
ATOM   313  C CG2 . VAL A 1 43  ? -10.821 5.458   7.988   1.00 27.94 ? 70  VAL A CG2 1 
ATOM   314  N N   . LEU A 1 44  ? -6.468  4.815   9.036   1.00 25.84 ? 71  LEU A N   1 
ATOM   315  C CA  . LEU A 1 44  ? -5.103  4.312   8.917   1.00 27.87 ? 71  LEU A CA  1 
ATOM   316  C C   . LEU A 1 44  ? -4.624  3.834   10.292  1.00 28.91 ? 71  LEU A C   1 
ATOM   317  O O   . LEU A 1 44  ? -4.160  2.716   10.411  1.00 28.17 ? 71  LEU A O   1 
ATOM   318  C CB  . LEU A 1 44  ? -4.154  5.399   8.358   1.00 28.15 ? 71  LEU A CB  1 
ATOM   319  C CG  . LEU A 1 44  ? -2.677  5.035   8.129   1.00 31.00 ? 71  LEU A CG  1 
ATOM   320  C CD1 . LEU A 1 44  ? -1.796  4.952   9.379   1.00 30.98 ? 71  LEU A CD1 1 
ATOM   321  C CD2 . LEU A 1 44  ? -2.581  3.744   7.333   1.00 30.56 ? 71  LEU A CD2 1 
ATOM   322  N N   . LYS A 1 45  ? -4.761  4.658   11.325  1.00 31.18 ? 72  LYS A N   1 
ATOM   323  C CA  . LYS A 1 45  ? -4.263  4.262   12.648  1.00 36.01 ? 72  LYS A CA  1 
ATOM   324  C C   . LYS A 1 45  ? -4.948  3.036   13.290  1.00 36.88 ? 72  LYS A C   1 
ATOM   325  O O   . LYS A 1 45  ? -4.295  2.336   14.062  1.00 42.29 ? 72  LYS A O   1 
ATOM   326  C CB  . LYS A 1 45  ? -4.160  5.458   13.598  1.00 39.61 ? 72  LYS A CB  1 
ATOM   327  C CG  . LYS A 1 45  ? -2.776  6.098   13.516  1.00 43.85 ? 72  LYS A CG  1 
ATOM   328  C CD  . LYS A 1 45  ? -2.745  7.594   13.765  1.00 47.19 ? 72  LYS A CD  1 
ATOM   329  C CE  . LYS A 1 45  ? -1.409  8.165   13.295  1.00 51.05 ? 72  LYS A CE  1 
ATOM   330  N NZ  . LYS A 1 45  ? -1.034  9.430   13.986  1.00 53.26 ? 72  LYS A NZ  1 
ATOM   331  N N   . THR A 1 46  ? -6.192  2.722   12.929  1.00 37.74 ? 73  THR A N   1 
ATOM   332  C CA  . THR A 1 46  ? -6.839  1.474   13.399  1.00 37.95 ? 73  THR A CA  1 
ATOM   333  C C   . THR A 1 46  ? -6.461  0.240   12.540  1.00 35.62 ? 73  THR A C   1 
ATOM   334  O O   . THR A 1 46  ? -6.381  -0.898  13.036  1.00 32.38 ? 73  THR A O   1 
ATOM   335  C CB  . THR A 1 46  ? -8.381  1.598   13.523  1.00 40.14 ? 73  THR A CB  1 
ATOM   336  O OG1 . THR A 1 46  ? -8.992  1.731   12.236  1.00 44.34 ? 73  THR A OG1 1 
ATOM   337  C CG2 . THR A 1 46  ? -8.771  2.760   14.415  1.00 39.81 ? 73  THR A CG2 1 
ATOM   338  N N   . LEU A 1 47  ? -6.211  0.435   11.257  1.00 29.92 ? 74  LEU A N   1 
ATOM   339  C CA  . LEU A 1 47  ? -5.676  -0.667  10.461  1.00 29.41 ? 74  LEU A CA  1 
ATOM   340  C C   . LEU A 1 47  ? -4.219  -0.952  10.854  1.00 26.95 ? 74  LEU A C   1 
ATOM   341  O O   . LEU A 1 47  ? -3.832  -2.134  10.925  1.00 24.39 ? 74  LEU A O   1 
ATOM   342  C CB  . LEU A 1 47  ? -5.784  -0.395  8.968   1.00 30.17 ? 74  LEU A CB  1 
ATOM   343  C CG  . LEU A 1 47  ? -7.136  -0.228  8.280   1.00 34.50 ? 74  LEU A CG  1 
ATOM   344  C CD1 . LEU A 1 47  ? -6.997  -0.449  6.779   1.00 37.08 ? 74  LEU A CD1 1 
ATOM   345  C CD2 . LEU A 1 47  ? -8.185  -1.180  8.816   1.00 35.92 ? 74  LEU A CD2 1 
ATOM   346  N N   . TRP A 1 48  ? -3.435  0.097   11.124  1.00 25.14 ? 75  TRP A N   1 
ATOM   347  C CA  . TRP A 1 48  ? -1.987  -0.017  11.403  1.00 23.95 ? 75  TRP A CA  1 
ATOM   348  C C   . TRP A 1 48  ? -1.676  -0.879  12.618  1.00 25.35 ? 75  TRP A C   1 
ATOM   349  O O   . TRP A 1 48  ? -0.679  -1.594  12.621  1.00 26.89 ? 75  TRP A O   1 
ATOM   350  C CB  . TRP A 1 48  ? -1.349  1.347   11.622  1.00 24.22 ? 75  TRP A CB  1 
ATOM   351  C CG  . TRP A 1 48  ? 0.162   1.357   11.602  1.00 23.72 ? 75  TRP A CG  1 
ATOM   352  C CD1 . TRP A 1 48  ? 1.020   1.218   12.684  1.00 24.71 ? 75  TRP A CD1 1 
ATOM   353  C CD2 . TRP A 1 48  ? 1.009   1.492   10.460  1.00 20.85 ? 75  TRP A CD2 1 
ATOM   354  N NE1 . TRP A 1 48  ? 2.316   1.280   12.280  1.00 24.30 ? 75  TRP A NE1 1 
ATOM   355  C CE2 . TRP A 1 48  ? 2.343   1.455   10.919  1.00 22.93 ? 75  TRP A CE2 1 
ATOM   356  C CE3 . TRP A 1 48  ? 0.768   1.692   9.092   1.00 21.22 ? 75  TRP A CE3 1 
ATOM   357  C CZ2 . TRP A 1 48  ? 3.423   1.579   10.065  1.00 21.87 ? 75  TRP A CZ2 1 
ATOM   358  C CZ3 . TRP A 1 48  ? 1.839   1.786   8.255   1.00 20.78 ? 75  TRP A CZ3 1 
ATOM   359  C CH2 . TRP A 1 48  ? 3.144   1.751   8.727   1.00 21.66 ? 75  TRP A CH2 1 
ATOM   360  N N   . LYS A 1 49  ? -2.527  -0.765  13.639  1.00 26.69 ? 76  LYS A N   1 
ATOM   361  C CA  . LYS A 1 49  ? -2.394  -1.526  14.880  1.00 28.57 ? 76  LYS A CA  1 
ATOM   362  C C   . LYS A 1 49  ? -2.896  -2.962  14.810  1.00 27.72 ? 76  LYS A C   1 
ATOM   363  O O   . LYS A 1 49  ? -2.677  -3.722  15.747  1.00 30.10 ? 76  LYS A O   1 
ATOM   364  C CB  . LYS A 1 49  ? -3.155  -0.813  16.008  1.00 31.47 ? 76  LYS A CB  1 
ATOM   365  C CG  . LYS A 1 49  ? -2.512  0.486   16.471  1.00 35.43 ? 76  LYS A CG  1 
ATOM   366  C CD  . LYS A 1 49  ? -3.500  1.299   17.309  1.00 40.27 ? 76  LYS A CD  1 
ATOM   367  C CE  . LYS A 1 49  ? -2.864  2.043   18.480  1.00 43.08 ? 76  LYS A CE  1 
ATOM   368  N NZ  . LYS A 1 49  ? -2.130  3.277   18.075  1.00 45.38 ? 76  LYS A NZ  1 
ATOM   369  N N   . HIS A 1 50  ? -3.594  -3.330  13.741  1.00 25.60 ? 77  HIS A N   1 
ATOM   370  C CA  . HIS A 1 50  ? -4.137  -4.661  13.601  1.00 24.32 ? 77  HIS A CA  1 
ATOM   371  C C   . HIS A 1 50  ? -3.004  -5.700  13.418  1.00 22.32 ? 77  HIS A C   1 
ATOM   372  O O   . HIS A 1 50  ? -2.001  -5.417  12.785  1.00 21.76 ? 77  HIS A O   1 
ATOM   373  C CB  . HIS A 1 50  ? -5.068  -4.716  12.397  1.00 24.13 ? 77  HIS A CB  1 
ATOM   374  C CG  . HIS A 1 50  ? -5.963  -5.911  12.392  1.00 25.15 ? 77  HIS A CG  1 
ATOM   375  N ND1 . HIS A 1 50  ? -5.547  -7.163  11.992  1.00 25.31 ? 77  HIS A ND1 1 
ATOM   376  C CD2 . HIS A 1 50  ? -7.249  -6.054  12.778  1.00 26.46 ? 77  HIS A CD2 1 
ATOM   377  C CE1 . HIS A 1 50  ? -6.537  -8.024  12.123  1.00 26.20 ? 77  HIS A CE1 1 
ATOM   378  N NE2 . HIS A 1 50  ? -7.588  -7.369  12.585  1.00 27.09 ? 77  HIS A NE2 1 
ATOM   379  N N   . GLN A 1 51  ? -3.158  -6.888  14.004  1.00 24.32 ? 78  GLN A N   1 
ATOM   380  C CA  . GLN A 1 51  ? -2.121  -7.924  13.889  1.00 23.56 ? 78  GLN A CA  1 
ATOM   381  C C   . GLN A 1 51  ? -1.897  -8.517  12.482  1.00 22.00 ? 78  GLN A C   1 
ATOM   382  O O   . GLN A 1 51  ? -0.923  -9.231  12.271  1.00 21.68 ? 78  GLN A O   1 
ATOM   383  C CB  . GLN A 1 51  ? -2.416  -9.072  14.842  1.00 25.08 ? 78  GLN A CB  1 
ATOM   384  C CG  . GLN A 1 51  ? -3.709  -9.775  14.501  1.00 23.67 ? 78  GLN A CG  1 
ATOM   385  C CD  . GLN A 1 51  ? -3.787  -11.176 15.029  1.00 26.65 ? 78  GLN A CD  1 
ATOM   386  O OE1 . GLN A 1 51  ? -2.774  -11.760 15.468  1.00 27.77 ? 78  GLN A OE1 1 
ATOM   387  N NE2 . GLN A 1 51  ? -4.979  -11.736 14.990  1.00 23.68 ? 78  GLN A NE2 1 
ATOM   388  N N   . PHE A 1 52  ? -2.747  -8.172  11.520  1.00 20.55 ? 79  PHE A N   1 
ATOM   389  C CA  . PHE A 1 52  ? -2.577  -8.555  10.116  1.00 20.67 ? 79  PHE A CA  1 
ATOM   390  C C   . PHE A 1 52  ? -1.998  -7.416  9.292   1.00 20.43 ? 79  PHE A C   1 
ATOM   391  O O   . PHE A 1 52  ? -1.780  -7.612  8.090   1.00 19.54 ? 79  PHE A O   1 
ATOM   392  C CB  . PHE A 1 52  ? -3.890  -9.016  9.473   1.00 20.95 ? 79  PHE A CB  1 
ATOM   393  C CG  . PHE A 1 52  ? -4.475  -10.301 10.022  1.00 21.48 ? 79  PHE A CG  1 
ATOM   394  C CD1 . PHE A 1 52  ? -3.735  -11.202 10.800  1.00 22.17 ? 79  PHE A CD1 1 
ATOM   395  C CD2 . PHE A 1 52  ? -5.795  -10.651 9.690   1.00 21.24 ? 79  PHE A CD2 1 
ATOM   396  C CE1 . PHE A 1 52  ? -4.319  -12.382 11.269  1.00 23.31 ? 79  PHE A CE1 1 
ATOM   397  C CE2 . PHE A 1 52  ? -6.370  -11.831 10.150  1.00 21.40 ? 79  PHE A CE2 1 
ATOM   398  C CZ  . PHE A 1 52  ? -5.641  -12.702 10.938  1.00 20.38 ? 79  PHE A CZ  1 
ATOM   399  N N   . ALA A 1 53  ? -1.716  -6.267  9.892   1.00 20.00 ? 80  ALA A N   1 
ATOM   400  C CA  . ALA A 1 53  ? -1.187  -5.101  9.110   1.00 20.12 ? 80  ALA A CA  1 
ATOM   401  C C   . ALA A 1 53  ? 0.208   -5.265  8.599   1.00 20.32 ? 80  ALA A C   1 
ATOM   402  O O   . ALA A 1 53  ? 0.569   -4.665  7.579   1.00 19.14 ? 80  ALA A O   1 
ATOM   403  C CB  . ALA A 1 53  ? -1.245  -3.843  9.956   1.00 20.25 ? 80  ALA A CB  1 
ATOM   404  N N   . TRP A 1 54  ? 1.072   -5.963  9.361   1.00 18.87 ? 81  TRP A N   1 
ATOM   405  C CA  . TRP A 1 54  ? 2.510   -5.916  9.086   1.00 18.33 ? 81  TRP A CA  1 
ATOM   406  C C   . TRP A 1 54  ? 2.992   -6.181  7.653   1.00 18.11 ? 81  TRP A C   1 
ATOM   407  O O   . TRP A 1 54  ? 3.965   -5.530  7.227   1.00 19.14 ? 81  TRP A O   1 
ATOM   408  C CB  . TRP A 1 54  ? 3.306   -6.799  10.095  1.00 18.87 ? 81  TRP A CB  1 
ATOM   409  C CG  . TRP A 1 54  ? 2.896   -8.230  10.109  1.00 17.75 ? 81  TRP A CG  1 
ATOM   410  C CD1 . TRP A 1 54  ? 1.914   -8.804  10.838  1.00 18.29 ? 81  TRP A CD1 1 
ATOM   411  C CD2 . TRP A 1 54  ? 3.474   -9.294  9.321   1.00 17.89 ? 81  TRP A CD2 1 
ATOM   412  N NE1 . TRP A 1 54  ? 1.846   -10.144 10.587  1.00 19.57 ? 81  TRP A NE1 1 
ATOM   413  C CE2 . TRP A 1 54  ? 2.773   -10.474 9.644   1.00 18.81 ? 81  TRP A CE2 1 
ATOM   414  C CE3 . TRP A 1 54  ? 4.511   -9.357  8.390   1.00 19.01 ? 81  TRP A CE3 1 
ATOM   415  C CZ2 . TRP A 1 54  ? 3.084   -11.711 9.076   1.00 19.38 ? 81  TRP A CZ2 1 
ATOM   416  C CZ3 . TRP A 1 54  ? 4.809   -10.579 7.840   1.00 18.52 ? 81  TRP A CZ3 1 
ATOM   417  C CH2 . TRP A 1 54  ? 4.095   -11.733 8.172   1.00 19.28 ? 81  TRP A CH2 1 
ATOM   418  N N   . PRO A 1 55  ? 2.358   -7.109  6.906   1.00 17.90 ? 82  PRO A N   1 
ATOM   419  C CA  . PRO A 1 55  ? 2.892   -7.260  5.546   1.00 16.68 ? 82  PRO A CA  1 
ATOM   420  C C   . PRO A 1 55  ? 2.614   -6.068  4.656   1.00 17.24 ? 82  PRO A C   1 
ATOM   421  O O   . PRO A 1 55  ? 3.233   -5.940  3.600   1.00 17.44 ? 82  PRO A O   1 
ATOM   422  C CB  . PRO A 1 55  ? 2.152   -8.479  5.000   1.00 17.30 ? 82  PRO A CB  1 
ATOM   423  C CG  . PRO A 1 55  ? 1.650   -9.208  6.207   1.00 16.96 ? 82  PRO A CG  1 
ATOM   424  C CD  . PRO A 1 55  ? 1.283   -8.093  7.140   1.00 17.44 ? 82  PRO A CD  1 
ATOM   425  N N   . PHE A 1 56  ? 1.707   -5.214  5.111   1.00 16.81 ? 83  PHE A N   1 
ATOM   426  C CA  . PHE A 1 56  ? 1.242   -4.083  4.325   1.00 18.57 ? 83  PHE A CA  1 
ATOM   427  C C   . PHE A 1 56  ? 1.876   -2.783  4.793   1.00 18.80 ? 83  PHE A C   1 
ATOM   428  O O   . PHE A 1 56  ? 1.604   -1.738  4.224   1.00 19.71 ? 83  PHE A O   1 
ATOM   429  C CB  . PHE A 1 56  ? -0.280  -4.021  4.441   1.00 18.24 ? 83  PHE A CB  1 
ATOM   430  C CG  . PHE A 1 56  ? -0.972  -5.267  3.996   1.00 17.93 ? 83  PHE A CG  1 
ATOM   431  C CD1 . PHE A 1 56  ? -1.338  -5.453  2.660   1.00 19.23 ? 83  PHE A CD1 1 
ATOM   432  C CD2 . PHE A 1 56  ? -1.244  -6.283  4.876   1.00 18.40 ? 83  PHE A CD2 1 
ATOM   433  C CE1 . PHE A 1 56  ? -1.929  -6.621  2.234   1.00 19.41 ? 83  PHE A CE1 1 
ATOM   434  C CE2 . PHE A 1 56  ? -1.858  -7.434  4.464   1.00 18.63 ? 83  PHE A CE2 1 
ATOM   435  C CZ  . PHE A 1 56  ? -2.201  -7.633  3.128   1.00 18.63 ? 83  PHE A CZ  1 
ATOM   436  N N   . GLN A 1 57  ? 2.755   -2.802  5.780   1.00 19.15 ? 84  GLN A N   1 
ATOM   437  C CA  . GLN A 1 57  ? 3.239   -1.561  6.369   1.00 19.34 ? 84  GLN A CA  1 
ATOM   438  C C   . GLN A 1 57  ? 4.411   -0.905  5.600   1.00 20.22 ? 84  GLN A C   1 
ATOM   439  O O   . GLN A 1 57  ? 4.858   0.174   5.972   1.00 20.98 ? 84  GLN A O   1 
ATOM   440  C CB  . GLN A 1 57  ? 3.611   -1.782  7.854   1.00 19.25 ? 84  GLN A CB  1 
ATOM   441  C CG  . GLN A 1 57  ? 2.411   -1.836  8.781   1.00 18.83 ? 84  GLN A CG  1 
ATOM   442  C CD  . GLN A 1 57  ? 2.765   -2.297  10.200  1.00 20.52 ? 84  GLN A CD  1 
ATOM   443  O OE1 . GLN A 1 57  ? 3.832   -2.841  10.436  1.00 20.71 ? 84  GLN A OE1 1 
ATOM   444  N NE2 . GLN A 1 57  ? 1.856   -2.086  11.142  1.00 22.46 ? 84  GLN A NE2 1 
ATOM   445  N N   . GLN A 1 58  ? 4.911   -1.564  4.551   1.00 19.20 ? 85  GLN A N   1 
ATOM   446  C CA  . GLN A 1 58  ? 6.011   -1.044  3.782   1.00 20.41 ? 85  GLN A CA  1 
ATOM   447  C C   . GLN A 1 58  ? 5.921   -1.624  2.402   1.00 19.00 ? 85  GLN A C   1 
ATOM   448  O O   . GLN A 1 58  ? 5.249   -2.646  2.171   1.00 19.72 ? 85  GLN A O   1 
ATOM   449  C CB  . GLN A 1 58  ? 7.377   -1.368  4.425   1.00 20.13 ? 85  GLN A CB  1 
ATOM   450  C CG  . GLN A 1 58  ? 7.661   -2.838  4.700   1.00 21.32 ? 85  GLN A CG  1 
ATOM   451  C CD  . GLN A 1 58  ? 6.865   -3.367  5.871   1.00 21.26 ? 85  GLN A CD  1 
ATOM   452  O OE1 . GLN A 1 58  ? 6.843   -2.745  6.940   1.00 22.31 ? 85  GLN A OE1 1 
ATOM   453  N NE2 . GLN A 1 58  ? 6.141   -4.469  5.658   1.00 21.51 ? 85  GLN A NE2 1 
ATOM   454  N N   . PRO A 1 59  ? 6.570   -0.954  1.445   1.00 19.20 ? 86  PRO A N   1 
ATOM   455  C CA  . PRO A 1 59  ? 6.589   -1.525  0.125   1.00 20.81 ? 86  PRO A CA  1 
ATOM   456  C C   . PRO A 1 59  ? 7.120   -2.947  0.102   1.00 21.13 ? 86  PRO A C   1 
ATOM   457  O O   . PRO A 1 59  ? 8.003   -3.293  0.885   1.00 20.74 ? 86  PRO A O   1 
ATOM   458  C CB  . PRO A 1 59  ? 7.513   -0.572  -0.647  1.00 21.03 ? 86  PRO A CB  1 
ATOM   459  C CG  . PRO A 1 59  ? 7.466   0.706   0.096   1.00 20.56 ? 86  PRO A CG  1 
ATOM   460  C CD  . PRO A 1 59  ? 7.241   0.351   1.517   1.00 21.19 ? 86  PRO A CD  1 
ATOM   461  N N   . VAL A 1 60  ? 6.608   -3.766  -0.805  1.00 18.70 ? 87  VAL A N   1 
ATOM   462  C CA  . VAL A 1 60  ? 7.111   -5.129  -0.972  1.00 19.02 ? 87  VAL A CA  1 
ATOM   463  C C   . VAL A 1 60  ? 8.621   -5.114  -1.268  1.00 20.17 ? 87  VAL A C   1 
ATOM   464  O O   . VAL A 1 60  ? 9.080   -4.495  -2.234  1.00 19.52 ? 87  VAL A O   1 
ATOM   465  C CB  . VAL A 1 60  ? 6.308   -5.920  -2.047  1.00 19.71 ? 87  VAL A CB  1 
ATOM   466  C CG1 . VAL A 1 60  ? 6.983   -7.227  -2.404  1.00 19.81 ? 87  VAL A CG1 1 
ATOM   467  C CG2 . VAL A 1 60  ? 4.870   -6.217  -1.562  1.00 18.83 ? 87  VAL A CG2 1 
ATOM   468  N N   . ASP A 1 61  ? 9.410   -5.760  -0.403  1.00 22.23 ? 88  ASP A N   1 
ATOM   469  C CA  . ASP A 1 61  ? 10.808  -6.072  -0.720  1.00 23.54 ? 88  ASP A CA  1 
ATOM   470  C C   . ASP A 1 61  ? 10.875  -7.419  -1.442  1.00 24.74 ? 88  ASP A C   1 
ATOM   471  O O   . ASP A 1 61  ? 10.864  -8.481  -0.817  1.00 27.27 ? 88  ASP A O   1 
ATOM   472  C CB  . ASP A 1 61  ? 11.631  -6.081  0.570   1.00 26.40 ? 88  ASP A CB  1 
ATOM   473  C CG  . ASP A 1 61  ? 13.124  -6.212  0.315   1.00 27.57 ? 88  ASP A CG  1 
ATOM   474  O OD1 . ASP A 1 61  ? 13.531  -6.702  -0.757  1.00 26.26 ? 88  ASP A OD1 1 
ATOM   475  O OD2 . ASP A 1 61  ? 13.884  -5.848  1.223   1.00 30.67 ? 88  ASP A OD2 1 
ATOM   476  N N   . ALA A 1 62  ? 10.912  -7.392  -2.768  1.00 24.28 ? 89  ALA A N   1 
ATOM   477  C CA  . ALA A 1 62  ? 10.796  -8.627  -3.545  1.00 25.42 ? 89  ALA A CA  1 
ATOM   478  C C   . ALA A 1 62  ? 12.068  -9.480  -3.417  1.00 24.94 ? 89  ALA A C   1 
ATOM   479  O O   . ALA A 1 62  ? 12.012  -10.666 -3.658  1.00 24.60 ? 89  ALA A O   1 
ATOM   480  C CB  . ALA A 1 62  ? 10.474  -8.345  -5.013  1.00 25.06 ? 89  ALA A CB  1 
ATOM   481  N N   . VAL A 1 63  ? 13.182  -8.842  -3.035  1.00 24.79 ? 90  VAL A N   1 
ATOM   482  C CA  . VAL A 1 63  ? 14.464  -9.521  -2.846  1.00 27.11 ? 90  VAL A CA  1 
ATOM   483  C C   . VAL A 1 63  ? 14.414  -10.325 -1.547  1.00 26.45 ? 90  VAL A C   1 
ATOM   484  O O   . VAL A 1 63  ? 14.494  -11.553 -1.571  1.00 26.48 ? 90  VAL A O   1 
ATOM   485  C CB  . VAL A 1 63  ? 15.648  -8.524  -2.811  1.00 27.73 ? 90  VAL A CB  1 
ATOM   486  C CG1 . VAL A 1 63  ? 16.965  -9.254  -2.542  1.00 30.39 ? 90  VAL A CG1 1 
ATOM   487  C CG2 . VAL A 1 63  ? 15.742  -7.707  -4.103  1.00 28.70 ? 90  VAL A CG2 1 
ATOM   488  N N   . LYS A 1 64  ? 14.234  -9.630  -0.428  1.00 27.00 ? 91  LYS A N   1 
ATOM   489  C CA  . LYS A 1 64  ? 14.066  -10.304 0.880   1.00 28.82 ? 91  LYS A CA  1 
ATOM   490  C C   . LYS A 1 64  ? 12.982  -11.383 0.906   1.00 29.95 ? 91  LYS A C   1 
ATOM   491  O O   . LYS A 1 64  ? 13.191  -12.517 1.355   1.00 30.07 ? 91  LYS A O   1 
ATOM   492  C CB  . LYS A 1 64  ? 13.809  -9.278  1.983   1.00 30.66 ? 91  LYS A CB  1 
ATOM   493  C CG  . LYS A 1 64  ? 13.604  -9.935  3.349   1.00 32.85 ? 91  LYS A CG  1 
ATOM   494  C CD  . LYS A 1 64  ? 13.286  -8.904  4.386   1.00 32.85 ? 91  LYS A CD  1 
ATOM   495  C CE  . LYS A 1 64  ? 12.954  -9.587  5.691   1.00 33.19 ? 91  LYS A CE  1 
ATOM   496  N NZ  . LYS A 1 64  ? 12.650  -8.576  6.735   1.00 32.33 ? 91  LYS A NZ  1 
ATOM   497  N N   . LEU A 1 65  ? 11.815  -11.074 0.370   1.00 27.56 ? 92  LEU A N   1 
ATOM   498  C CA  . LEU A 1 65  ? 10.713  -11.988 0.508   1.00 25.25 ? 92  LEU A CA  1 
ATOM   499  C C   . LEU A 1 65  ? 10.676  -13.092 -0.574  1.00 22.98 ? 92  LEU A C   1 
ATOM   500  O O   . LEU A 1 65  ? 9.752   -13.874 -0.624  1.00 25.13 ? 92  LEU A O   1 
ATOM   501  C CB  . LEU A 1 65  ? 9.422   -11.159 0.557   1.00 25.89 ? 92  LEU A CB  1 
ATOM   502  C CG  . LEU A 1 65  ? 9.386   -10.022 1.584   1.00 25.57 ? 92  LEU A CG  1 
ATOM   503  C CD1 . LEU A 1 65  ? 8.170   -9.125  1.381   1.00 26.54 ? 92  LEU A CD1 1 
ATOM   504  C CD2 . LEU A 1 65  ? 9.408   -10.561 3.011   1.00 26.79 ? 92  LEU A CD2 1 
ATOM   505  N N   . ASN A 1 66  ? 11.676  -13.143 -1.462  1.00 23.83 ? 93  ASN A N   1 
ATOM   506  C CA  . ASN A 1 66  ? 11.725  -14.118 -2.538  1.00 25.35 ? 93  ASN A CA  1 
ATOM   507  C C   . ASN A 1 66  ? 10.458  -14.152 -3.389  1.00 24.43 ? 93  ASN A C   1 
ATOM   508  O O   . ASN A 1 66  ? 9.858   -15.196 -3.587  1.00 24.94 ? 93  ASN A O   1 
ATOM   509  C CB  . ASN A 1 66  ? 12.058  -15.516 -1.956  1.00 30.08 ? 93  ASN A CB  1 
ATOM   510  C CG  . ASN A 1 66  ? 13.167  -16.210 -2.707  1.00 37.59 ? 93  ASN A CG  1 
ATOM   511  O OD1 . ASN A 1 66  ? 13.534  -15.823 -3.835  1.00 42.56 ? 93  ASN A OD1 1 
ATOM   512  N ND2 . ASN A 1 66  ? 13.748  -17.230 -2.068  1.00 38.92 ? 93  ASN A ND2 1 
ATOM   513  N N   . LEU A 1 67  ? 10.064  -12.965 -3.864  1.00 22.28 ? 94  LEU A N   1 
ATOM   514  C CA  . LEU A 1 67  ? 8.919   -12.755 -4.745  1.00 21.87 ? 94  LEU A CA  1 
ATOM   515  C C   . LEU A 1 67  ? 9.433   -12.105 -6.026  1.00 22.97 ? 94  LEU A C   1 
ATOM   516  O O   . LEU A 1 67  ? 9.038   -10.986 -6.402  1.00 20.48 ? 94  LEU A O   1 
ATOM   517  C CB  . LEU A 1 67  ? 7.901   -11.827 -4.072  1.00 20.63 ? 94  LEU A CB  1 
ATOM   518  C CG  . LEU A 1 67  ? 7.372   -12.311 -2.711  1.00 21.26 ? 94  LEU A CG  1 
ATOM   519  C CD1 . LEU A 1 67  ? 6.453   -11.272 -2.071  1.00 21.55 ? 94  LEU A CD1 1 
ATOM   520  C CD2 . LEU A 1 67  ? 6.683   -13.659 -2.841  1.00 21.26 ? 94  LEU A CD2 1 
ATOM   521  N N   . PRO A 1 68  ? 10.386  -12.769 -6.694  1.00 22.29 ? 95  PRO A N   1 
ATOM   522  C CA  . PRO A 1 68  ? 10.987  -12.137 -7.879  1.00 22.33 ? 95  PRO A CA  1 
ATOM   523  C C   . PRO A 1 68  ? 10.001  -11.743 -8.965  1.00 19.76 ? 95  PRO A C   1 
ATOM   524  O O   . PRO A 1 68  ? 10.356  -10.853 -9.763  1.00 20.67 ? 95  PRO A O   1 
ATOM   525  C CB  . PRO A 1 68  ? 11.944  -13.238 -8.399  1.00 20.64 ? 95  PRO A CB  1 
ATOM   526  C CG  . PRO A 1 68  ? 11.355  -14.498 -7.890  1.00 21.75 ? 95  PRO A CG  1 
ATOM   527  C CD  . PRO A 1 68  ? 10.913  -14.133 -6.497  1.00 23.12 ? 95  PRO A CD  1 
ATOM   528  N N   . ASP A 1 69  ? 8.811   -12.369 -9.004  1.00 19.83 ? 96  ASP A N   1 
ATOM   529  C CA  . ASP A 1 69  ? 7.755   -12.047 -9.990  1.00 19.62 ? 96  ASP A CA  1 
ATOM   530  C C   . ASP A 1 69  ? 6.872   -10.862 -9.591  1.00 19.15 ? 96  ASP A C   1 
ATOM   531  O O   . ASP A 1 69  ? 6.018   -10.448 -10.376 1.00 19.37 ? 96  ASP A O   1 
ATOM   532  C CB  . ASP A 1 69  ? 6.865   -13.274 -10.290 1.00 21.54 ? 96  ASP A CB  1 
ATOM   533  C CG  . ASP A 1 69  ? 6.280   -13.910 -9.058  1.00 20.28 ? 96  ASP A CG  1 
ATOM   534  O OD1 . ASP A 1 69  ? 6.696   -13.555 -7.917  1.00 24.29 ? 96  ASP A OD1 1 
ATOM   535  O OD2 . ASP A 1 69  ? 5.423   -14.807 -9.204  1.00 27.49 ? 96  ASP A OD2 1 
ATOM   536  N N   . TYR A 1 70  ? 7.059   -10.350 -8.377  1.00 17.51 ? 97  TYR A N   1 
ATOM   537  C CA  . TYR A 1 70  ? 6.081   -9.405  -7.827  1.00 17.99 ? 97  TYR A CA  1 
ATOM   538  C C   . TYR A 1 70  ? 5.922   -8.165  -8.661  1.00 16.44 ? 97  TYR A C   1 
ATOM   539  O O   . TYR A 1 70  ? 4.815   -7.813  -9.084  1.00 17.53 ? 97  TYR A O   1 
ATOM   540  C CB  . TYR A 1 70  ? 6.429   -8.994  -6.380  1.00 16.54 ? 97  TYR A CB  1 
ATOM   541  C CG  . TYR A 1 70  ? 5.288   -8.197  -5.786  1.00 16.37 ? 97  TYR A CG  1 
ATOM   542  C CD1 . TYR A 1 70  ? 4.134   -8.830  -5.339  1.00 17.01 ? 97  TYR A CD1 1 
ATOM   543  C CD2 . TYR A 1 70  ? 5.300   -6.797  -5.811  1.00 17.06 ? 97  TYR A CD2 1 
ATOM   544  C CE1 . TYR A 1 70  ? 3.067   -8.094  -4.810  1.00 16.44 ? 97  TYR A CE1 1 
ATOM   545  C CE2 . TYR A 1 70  ? 4.248   -6.061  -5.272  1.00 16.86 ? 97  TYR A CE2 1 
ATOM   546  C CZ  . TYR A 1 70  ? 3.127   -6.717  -4.794  1.00 17.33 ? 97  TYR A CZ  1 
ATOM   547  O OH  . TYR A 1 70  ? 2.060   -5.960  -4.313  1.00 18.00 ? 97  TYR A OH  1 
ATOM   548  N N   . TYR A 1 71  ? 7.030   -7.504  -8.943  1.00 17.04 ? 98  TYR A N   1 
ATOM   549  C CA  . TYR A 1 71  ? 6.953   -6.274  -9.757  1.00 17.79 ? 98  TYR A CA  1 
ATOM   550  C C   . TYR A 1 71  ? 6.873   -6.561  -11.278 1.00 16.69 ? 98  TYR A C   1 
ATOM   551  O O   . TYR A 1 71  ? 6.737   -5.628  -12.066 1.00 19.14 ? 98  TYR A O   1 
ATOM   552  C CB  . TYR A 1 71  ? 8.090   -5.311  -9.410  1.00 17.79 ? 98  TYR A CB  1 
ATOM   553  C CG  . TYR A 1 71  ? 7.971   -4.817  -7.961  1.00 16.41 ? 98  TYR A CG  1 
ATOM   554  C CD1 . TYR A 1 71  ? 7.005   -3.898  -7.618  1.00 16.28 ? 98  TYR A CD1 1 
ATOM   555  C CD2 . TYR A 1 71  ? 8.839   -5.237  -6.973  1.00 15.66 ? 98  TYR A CD2 1 
ATOM   556  C CE1 . TYR A 1 71  ? 6.879   -3.426  -6.333  1.00 16.95 ? 98  TYR A CE1 1 
ATOM   557  C CE2 . TYR A 1 71  ? 8.718   -4.761  -5.648  1.00 17.20 ? 98  TYR A CE2 1 
ATOM   558  C CZ  . TYR A 1 71  ? 7.741   -3.838  -5.353  1.00 16.77 ? 98  TYR A CZ  1 
ATOM   559  O OH  . TYR A 1 71  ? 7.561   -3.293  -4.077  1.00 18.40 ? 98  TYR A OH  1 
ATOM   560  N N   . LYS A 1 72  ? 6.987   -7.817  -11.679 1.00 18.18 ? 99  LYS A N   1 
ATOM   561  C CA  . LYS A 1 72  ? 6.598   -8.205  -13.055 1.00 19.76 ? 99  LYS A CA  1 
ATOM   562  C C   . LYS A 1 72  ? 5.095   -8.136  -13.251 1.00 18.80 ? 99  LYS A C   1 
ATOM   563  O O   . LYS A 1 72  ? 4.596   -7.848  -14.343 1.00 19.96 ? 99  LYS A O   1 
ATOM   564  C CB  . LYS A 1 72  ? 7.074   -9.617  -13.411 1.00 21.66 ? 99  LYS A CB  1 
ATOM   565  C CG  . LYS A 1 72  ? 8.537   -9.943  -13.213 1.00 24.75 ? 99  LYS A CG  1 
ATOM   566  C CD  . LYS A 1 72  ? 9.446   -9.137  -14.033 1.00 24.43 ? 99  LYS A CD  1 
ATOM   567  C CE  . LYS A 1 72  ? 10.887  -9.662  -13.989 1.00 23.88 ? 99  LYS A CE  1 
ATOM   568  N NZ  . LYS A 1 72  ? 11.797  -8.470  -13.985 1.00 23.89 ? 99  LYS A NZ  1 
ATOM   569  N N   . ILE A 1 73  ? 4.346   -8.435  -12.190 1.00 18.81 ? 100 ILE A N   1 
ATOM   570  C CA  . ILE A 1 73  ? 2.897   -8.579  -12.226 1.00 19.24 ? 100 ILE A CA  1 
ATOM   571  C C   . ILE A 1 73  ? 2.246   -7.300  -11.677 1.00 19.16 ? 100 ILE A C   1 
ATOM   572  O O   . ILE A 1 73  ? 1.240   -6.859  -12.186 1.00 20.49 ? 100 ILE A O   1 
ATOM   573  C CB  . ILE A 1 73  ? 2.438   -9.816  -11.398 1.00 20.02 ? 100 ILE A CB  1 
ATOM   574  C CG1 . ILE A 1 73  ? 2.993   -11.124 -12.020 1.00 21.92 ? 100 ILE A CG1 1 
ATOM   575  C CG2 . ILE A 1 73  ? 0.937   -9.907  -11.256 1.00 21.48 ? 100 ILE A CG2 1 
ATOM   576  C CD1 . ILE A 1 73  ? 2.911   -12.309 -11.097 1.00 24.49 ? 100 ILE A CD1 1 
ATOM   577  N N   . ILE A 1 74  ? 2.815   -6.726  -10.626 1.00 18.74 ? 101 ILE A N   1 
ATOM   578  C CA  . ILE A 1 74  ? 2.215   -5.557  -10.001 1.00 18.12 ? 101 ILE A CA  1 
ATOM   579  C C   . ILE A 1 74  ? 2.964   -4.325  -10.469 1.00 17.03 ? 101 ILE A C   1 
ATOM   580  O O   . ILE A 1 74  ? 4.094   -4.099  -10.038 1.00 17.36 ? 101 ILE A O   1 
ATOM   581  C CB  . ILE A 1 74  ? 2.247   -5.659  -8.471  1.00 17.79 ? 101 ILE A CB  1 
ATOM   582  C CG1 . ILE A 1 74  ? 1.403   -6.870  -8.006  1.00 17.81 ? 101 ILE A CG1 1 
ATOM   583  C CG2 . ILE A 1 74  ? 1.717   -4.380  -7.839  1.00 19.36 ? 101 ILE A CG2 1 
ATOM   584  C CD1 . ILE A 1 74  ? -0.001  -6.983  -8.564  1.00 18.05 ? 101 ILE A CD1 1 
ATOM   585  N N   . LYS A 1 75  ? 2.308   -3.496  -11.288 1.00 17.32 ? 102 LYS A N   1 
ATOM   586  C CA  . LYS A 1 75  ? 2.919   -2.325  -11.856 1.00 18.41 ? 102 LYS A CA  1 
ATOM   587  C C   . LYS A 1 75  ? 2.466   -1.019  -11.224 1.00 18.07 ? 102 LYS A C   1 
ATOM   588  O O   . LYS A 1 75  ? 3.057   0.015   -11.500 1.00 20.52 ? 102 LYS A O   1 
ATOM   589  C CB  . LYS A 1 75  ? 2.652   -2.226  -13.376 1.00 18.58 ? 102 LYS A CB  1 
ATOM   590  C CG  . LYS A 1 75  ? 3.027   -3.437  -14.190 1.00 20.57 ? 102 LYS A CG  1 
ATOM   591  C CD  . LYS A 1 75  ? 4.486   -3.758  -14.010 1.00 20.39 ? 102 LYS A CD  1 
ATOM   592  C CE  . LYS A 1 75  ? 5.049   -4.608  -15.146 1.00 20.11 ? 102 LYS A CE  1 
ATOM   593  N NZ  . LYS A 1 75  ? 6.423   -4.974  -14.800 1.00 19.14 ? 102 LYS A NZ  1 
ATOM   594  N N   . THR A 1 76  ? 1.431   -1.041  -10.374 1.00 18.09 ? 103 THR A N   1 
ATOM   595  C CA  . THR A 1 76  ? 1.126   0.124   -9.539  1.00 20.64 ? 103 THR A CA  1 
ATOM   596  C C   . THR A 1 76  ? 1.114   -0.263  -8.059  1.00 18.92 ? 103 THR A C   1 
ATOM   597  O O   . THR A 1 76  ? 0.062   -0.441  -7.490  1.00 19.33 ? 103 THR A O   1 
ATOM   598  C CB  . THR A 1 76  ? -0.209  0.763   -9.986  1.00 24.13 ? 103 THR A CB  1 
ATOM   599  O OG1 . THR A 1 76  ? -1.279  -0.122  -9.702  1.00 31.89 ? 103 THR A OG1 1 
ATOM   600  C CG2 . THR A 1 76  ? -0.220  1.010   -11.475 1.00 25.85 ? 103 THR A CG2 1 
ATOM   601  N N   . PRO A 1 77  ? 2.308   -0.498  -7.446  1.00 17.91 ? 104 PRO A N   1 
ATOM   602  C CA  . PRO A 1 77  ? 2.376   -0.967  -6.078  1.00 18.44 ? 104 PRO A CA  1 
ATOM   603  C C   . PRO A 1 77  ? 1.871   0.100   -5.124  1.00 18.19 ? 104 PRO A C   1 
ATOM   604  O O   . PRO A 1 77  ? 1.992   1.326   -5.390  1.00 18.28 ? 104 PRO A O   1 
ATOM   605  C CB  . PRO A 1 77  ? 3.870   -1.163  -5.811  1.00 20.20 ? 104 PRO A CB  1 
ATOM   606  C CG  . PRO A 1 77  ? 4.581   -0.563  -6.970  1.00 20.12 ? 104 PRO A CG  1 
ATOM   607  C CD  . PRO A 1 77  ? 3.633   -0.349  -8.064  1.00 19.38 ? 104 PRO A CD  1 
ATOM   608  N N   . MET A 1 78  ? 1.323   -0.351  -4.016  1.00 16.77 ? 105 MET A N   1 
ATOM   609  C CA  . MET A 1 78  ? 0.949   0.569   -2.959  1.00 16.82 ? 105 MET A CA  1 
ATOM   610  C C   . MET A 1 78  ? 0.966   -0.185  -1.634  1.00 16.98 ? 105 MET A C   1 
ATOM   611  O O   . MET A 1 78  ? 0.693   -1.388  -1.592  1.00 18.53 ? 105 MET A O   1 
ATOM   612  C CB  . MET A 1 78  ? -0.435  1.167   -3.260  1.00 16.62 ? 105 MET A CB  1 
ATOM   613  C CG  . MET A 1 78  ? -0.873  2.234   -2.233  1.00 16.69 ? 105 MET A CG  1 
ATOM   614  S SD  . MET A 1 78  ? 0.276   3.598   -2.007  1.00 17.18 ? 105 MET A SD  1 
ATOM   615  C CE  . MET A 1 78  ? 0.594   4.157   -3.701  1.00 17.81 ? 105 MET A CE  1 
ATOM   616  N N   . ASP A 1 79  ? 1.221   0.543   -0.538  1.00 17.22 ? 106 ASP A N   1 
ATOM   617  C CA  . ASP A 1 79  ? 1.285   -0.045  0.772   1.00 16.82 ? 106 ASP A CA  1 
ATOM   618  C C   . ASP A 1 79  ? 0.896   0.987   1.811   1.00 16.67 ? 106 ASP A C   1 
ATOM   619  O O   . ASP A 1 79  ? 0.859   2.181   1.543   1.00 15.69 ? 106 ASP A O   1 
ATOM   620  C CB  . ASP A 1 79  ? 2.701   -0.511  1.042   1.00 18.19 ? 106 ASP A CB  1 
ATOM   621  C CG  . ASP A 1 79  ? 3.661   0.640   1.095   1.00 18.00 ? 106 ASP A CG  1 
ATOM   622  O OD1 . ASP A 1 79  ? 4.087   1.104   0.024   1.00 19.01 ? 106 ASP A OD1 1 
ATOM   623  O OD2 . ASP A 1 79  ? 3.948   1.135   2.187   1.00 17.82 ? 106 ASP A OD2 1 
ATOM   624  N N   . MET A 1 80  ? 0.603   0.526   3.012   1.00 16.75 ? 107 MET A N   1 
ATOM   625  C CA  . MET A 1 80  ? 0.146   1.440   4.048   1.00 18.45 ? 107 MET A CA  1 
ATOM   626  C C   . MET A 1 80  ? 1.203   2.384   4.616   1.00 17.42 ? 107 MET A C   1 
ATOM   627  O O   . MET A 1 80  ? 0.841   3.423   5.173   1.00 17.70 ? 107 MET A O   1 
ATOM   628  C CB  . MET A 1 80  ? -0.527  0.680   5.216   1.00 21.13 ? 107 MET A CB  1 
ATOM   629  C CG  . MET A 1 80  ? -1.885  0.128   4.905   1.00 23.30 ? 107 MET A CG  1 
ATOM   630  S SD  . MET A 1 80  ? -2.923  -0.151  6.374   1.00 27.68 ? 107 MET A SD  1 
ATOM   631  C CE  . MET A 1 80  ? -1.932  -1.314  7.271   1.00 25.89 ? 107 MET A CE  1 
ATOM   632  N N   . GLY A 1 81  ? 2.487   2.021   4.553   1.00 17.84 ? 108 GLY A N   1 
ATOM   633  C CA  . GLY A 1 81  ? 3.568   2.924   4.980   1.00 17.83 ? 108 GLY A CA  1 
ATOM   634  C C   . GLY A 1 81  ? 3.608   4.152   4.089   1.00 17.67 ? 108 GLY A C   1 
ATOM   635  O O   . GLY A 1 81  ? 3.711   5.273   4.565   1.00 18.83 ? 108 GLY A O   1 
ATOM   636  N N   . THR A 1 82  ? 3.488   3.893   2.790   1.00 16.87 ? 109 THR A N   1 
ATOM   637  C CA  . THR A 1 82  ? 3.333   4.947   1.782   1.00 17.59 ? 109 THR A CA  1 
ATOM   638  C C   . THR A 1 82  ? 2.116   5.802   2.009   1.00 16.81 ? 109 THR A C   1 
ATOM   639  O O   . THR A 1 82  ? 2.252   7.031   2.051   1.00 18.39 ? 109 THR A O   1 
ATOM   640  C CB  . THR A 1 82  ? 3.311   4.370   0.387   1.00 17.12 ? 109 THR A CB  1 
ATOM   641  O OG1 . THR A 1 82  ? 4.578   3.780   0.162   1.00 16.99 ? 109 THR A OG1 1 
ATOM   642  C CG2 . THR A 1 82  ? 3.081   5.458   -0.682  1.00 17.38 ? 109 THR A CG2 1 
ATOM   643  N N   . ILE A 1 83  ? 0.951   5.191   2.203   1.00 16.00 ? 110 ILE A N   1 
ATOM   644  C CA  . ILE A 1 83  ? -0.255  5.934   2.532   1.00 15.91 ? 110 ILE A CA  1 
ATOM   645  C C   . ILE A 1 83  ? -0.072  6.769   3.841   1.00 16.93 ? 110 ILE A C   1 
ATOM   646  O O   . ILE A 1 83  ? -0.461  7.944   3.897   1.00 15.05 ? 110 ILE A O   1 
ATOM   647  C CB  . ILE A 1 83  ? -1.492  4.987   2.640   1.00 16.27 ? 110 ILE A CB  1 
ATOM   648  C CG1 . ILE A 1 83  ? -1.775  4.308   1.278   1.00 16.71 ? 110 ILE A CG1 1 
ATOM   649  C CG2 . ILE A 1 83  ? -2.730  5.762   3.062   1.00 16.91 ? 110 ILE A CG2 1 
ATOM   650  C CD1 . ILE A 1 83  ? -2.748  3.158   1.302   1.00 14.77 ? 110 ILE A CD1 1 
ATOM   651  N N   . LYS A 1 84  ? 0.503   6.183   4.875   1.00 18.71 ? 111 LYS A N   1 
ATOM   652  C CA  . LYS A 1 84  ? 0.721   6.906   6.139   1.00 19.68 ? 111 LYS A CA  1 
ATOM   653  C C   . LYS A 1 84  ? 1.578   8.149   5.945   1.00 19.36 ? 111 LYS A C   1 
ATOM   654  O O   . LYS A 1 84  ? 1.221   9.211   6.420   1.00 20.02 ? 111 LYS A O   1 
ATOM   655  C CB  . LYS A 1 84  ? 1.383   5.996   7.172   1.00 22.10 ? 111 LYS A CB  1 
ATOM   656  C CG  . LYS A 1 84  ? 1.714   6.659   8.518   1.00 24.93 ? 111 LYS A CG  1 
ATOM   657  C CD  . LYS A 1 84  ? 2.280   5.598   9.467   1.00 28.99 ? 111 LYS A CD  1 
ATOM   658  C CE  . LYS A 1 84  ? 2.466   6.106   10.895  1.00 33.01 ? 111 LYS A CE  1 
ATOM   659  N NZ  . LYS A 1 84  ? 3.870   6.555   11.106  1.00 34.81 ? 111 LYS A NZ  1 
ATOM   660  N N   . LYS A 1 85  ? 2.673   7.996   5.209   1.00 19.09 ? 112 LYS A N   1 
ATOM   661  C CA  . LYS A 1 85  ? 3.565   9.087   4.933   1.00 21.25 ? 112 LYS A CA  1 
ATOM   662  C C   . LYS A 1 85  ? 2.857   10.137  4.101   1.00 19.69 ? 112 LYS A C   1 
ATOM   663  O O   . LYS A 1 85  ? 2.993   11.323  4.359   1.00 19.14 ? 112 LYS A O   1 
ATOM   664  C CB  . LYS A 1 85  ? 4.834   8.636   4.234   1.00 24.19 ? 112 LYS A CB  1 
ATOM   665  C CG  . LYS A 1 85  ? 5.841   7.934   5.131   1.00 30.81 ? 112 LYS A CG  1 
ATOM   666  C CD  . LYS A 1 85  ? 7.252   8.129   4.595   1.00 37.53 ? 112 LYS A CD  1 
ATOM   667  C CE  . LYS A 1 85  ? 8.263   7.368   5.440   1.00 41.37 ? 112 LYS A CE  1 
ATOM   668  N NZ  . LYS A 1 85  ? 8.332   7.889   6.846   1.00 44.26 ? 112 LYS A NZ  1 
ATOM   669  N N   . ARG A 1 86  ? 2.128   9.705   3.066   1.00 17.87 ? 113 ARG A N   1 
ATOM   670  C CA  . ARG A 1 86  ? 1.367   10.661  2.302   1.00 17.30 ? 113 ARG A CA  1 
ATOM   671  C C   . ARG A 1 86  ? 0.405   11.482  3.140   1.00 17.10 ? 113 ARG A C   1 
ATOM   672  O O   . ARG A 1 86  ? 0.328   12.724  2.980   1.00 18.53 ? 113 ARG A O   1 
ATOM   673  C CB  . ARG A 1 86  ? 0.586   9.941   1.175   1.00 15.61 ? 113 ARG A CB  1 
ATOM   674  C CG  . ARG A 1 86  ? 1.498   9.533   0.055   1.00 16.18 ? 113 ARG A CG  1 
ATOM   675  C CD  . ARG A 1 86  ? 0.775   8.738   -1.025  1.00 14.98 ? 113 ARG A CD  1 
ATOM   676  N NE  . ARG A 1 86  ? 1.702   8.474   -2.113  1.00 15.21 ? 113 ARG A NE  1 
ATOM   677  C CZ  . ARG A 1 86  ? 1.368   8.070   -3.339  1.00 16.24 ? 113 ARG A CZ  1 
ATOM   678  N NH1 . ARG A 1 86  ? 0.120   7.802   -3.676  1.00 16.83 ? 113 ARG A NH1 1 
ATOM   679  N NH2 . ARG A 1 86  ? 2.321   7.935   -4.250  1.00 17.66 ? 113 ARG A NH2 1 
ATOM   680  N N   . LEU A 1 87  ? -0.342  10.813  4.015   1.00 17.17 ? 114 LEU A N   1 
ATOM   681  C CA  . LEU A 1 87  ? -1.257  11.473  4.937   1.00 19.36 ? 114 LEU A CA  1 
ATOM   682  C C   . LEU A 1 87  ? -0.527  12.439  5.851   1.00 21.91 ? 114 LEU A C   1 
ATOM   683  O O   . LEU A 1 87  ? -0.998  13.581  6.020   1.00 21.46 ? 114 LEU A O   1 
ATOM   684  C CB  . LEU A 1 87  ? -2.117  10.488  5.773   1.00 18.65 ? 114 LEU A CB  1 
ATOM   685  C CG  . LEU A 1 87  ? -3.265  9.806   4.988   1.00 19.46 ? 114 LEU A CG  1 
ATOM   686  C CD1 . LEU A 1 87  ? -3.792  8.573   5.678   1.00 20.36 ? 114 LEU A CD1 1 
ATOM   687  C CD2 . LEU A 1 87  ? -4.430  10.739  4.663   1.00 19.20 ? 114 LEU A CD2 1 
ATOM   688  N N   . GLU A 1 88  ? 0.580   11.994  6.437   1.00 23.02 ? 115 GLU A N   1 
ATOM   689  C CA  . GLU A 1 88  ? 1.422   12.849  7.320   1.00 24.79 ? 115 GLU A CA  1 
ATOM   690  C C   . GLU A 1 88  ? 1.987   14.080  6.611   1.00 25.83 ? 115 GLU A C   1 
ATOM   691  O O   . GLU A 1 88  ? 2.114   15.156  7.204   1.00 28.29 ? 115 GLU A O   1 
ATOM   692  C CB  . GLU A 1 88  ? 2.566   12.025  7.960   1.00 26.46 ? 115 GLU A CB  1 
ATOM   693  C CG  . GLU A 1 88  ? 2.073   11.025  9.000   1.00 27.67 ? 115 GLU A CG  1 
ATOM   694  C CD  . GLU A 1 88  ? 3.104   9.978   9.437   1.00 29.68 ? 115 GLU A CD  1 
ATOM   695  O OE1 . GLU A 1 88  ? 4.173   9.821   8.792   1.00 32.72 ? 115 GLU A OE1 1 
ATOM   696  O OE2 . GLU A 1 88  ? 2.813   9.261   10.430  1.00 34.62 ? 115 GLU A OE2 1 
ATOM   697  N N   . ASN A 1 89  ? 2.307   13.905  5.341   1.00 22.54 ? 116 ASN A N   1 
ATOM   698  C CA  . ASN A 1 89  ? 2.815   14.964  4.492   1.00 23.56 ? 116 ASN A CA  1 
ATOM   699  C C   . ASN A 1 89  ? 1.753   15.821  3.815   1.00 22.21 ? 116 ASN A C   1 
ATOM   700  O O   . ASN A 1 89  ? 2.120   16.704  3.043   1.00 23.64 ? 116 ASN A O   1 
ATOM   701  C CB  . ASN A 1 89  ? 3.702   14.356  3.411   1.00 24.56 ? 116 ASN A CB  1 
ATOM   702  C CG  . ASN A 1 89  ? 4.999   13.820  3.954   1.00 26.53 ? 116 ASN A CG  1 
ATOM   703  O OD1 . ASN A 1 89  ? 5.320   14.019  5.132   1.00 29.66 ? 116 ASN A OD1 1 
ATOM   704  N ND2 . ASN A 1 89  ? 5.762   13.156  3.102   1.00 25.98 ? 116 ASN A ND2 1 
ATOM   705  N N   . ASN A 1 90  ? 0.474   15.560  4.072   1.00 21.73 ? 117 ASN A N   1 
ATOM   706  C CA  . ASN A 1 90  ? -0.643  16.304  3.480   1.00 22.30 ? 117 ASN A CA  1 
ATOM   707  C C   . ASN A 1 90  ? -0.598  16.217  1.956   1.00 22.52 ? 117 ASN A C   1 
ATOM   708  O O   . ASN A 1 90  ? -0.923  17.177  1.290   1.00 23.83 ? 117 ASN A O   1 
ATOM   709  C CB  . ASN A 1 90  ? -0.656  17.785  3.943   1.00 24.70 ? 117 ASN A CB  1 
ATOM   710  C CG  . ASN A 1 90  ? -0.663  17.935  5.460   1.00 28.19 ? 117 ASN A CG  1 
ATOM   711  O OD1 . ASN A 1 90  ? -1.589  17.494  6.145   1.00 30.39 ? 117 ASN A OD1 1 
ATOM   712  N ND2 . ASN A 1 90  ? 0.376   18.565  5.983   1.00 33.35 ? 117 ASN A ND2 1 
ATOM   713  N N   . TYR A 1 91  ? -0.224  15.055  1.418   1.00 17.95 ? 118 TYR A N   1 
ATOM   714  C CA  . TYR A 1 91  ? -0.038  14.844  -0.016  1.00 16.78 ? 118 TYR A CA  1 
ATOM   715  C C   . TYR A 1 91  ? -1.310  14.881  -0.871  1.00 17.31 ? 118 TYR A C   1 
ATOM   716  O O   . TYR A 1 91  ? -1.257  15.128  -2.099  1.00 17.29 ? 118 TYR A O   1 
ATOM   717  C CB  . TYR A 1 91  ? 0.610   13.460  -0.213  1.00 16.17 ? 118 TYR A CB  1 
ATOM   718  C CG  . TYR A 1 91  ? 0.917   12.972  -1.615  1.00 15.98 ? 118 TYR A CG  1 
ATOM   719  C CD1 . TYR A 1 91  ? 2.106   13.294  -2.238  1.00 16.63 ? 118 TYR A CD1 1 
ATOM   720  C CD2 . TYR A 1 91  ? 0.054   12.114  -2.271  1.00 17.03 ? 118 TYR A CD2 1 
ATOM   721  C CE1 . TYR A 1 91  ? 2.441   12.794  -3.470  1.00 17.95 ? 118 TYR A CE1 1 
ATOM   722  C CE2 . TYR A 1 91  ? 0.351   11.626  -3.536  1.00 17.61 ? 118 TYR A CE2 1 
ATOM   723  C CZ  . TYR A 1 91  ? 1.536   11.961  -4.139  1.00 18.31 ? 118 TYR A CZ  1 
ATOM   724  O OH  . TYR A 1 91  ? 1.834   11.468  -5.396  1.00 21.96 ? 118 TYR A OH  1 
ATOM   725  N N   . TYR A 1 92  ? -2.420  14.525  -0.254  1.00 15.92 ? 119 TYR A N   1 
ATOM   726  C CA  . TYR A 1 92  ? -3.643  14.334  -0.976  1.00 16.70 ? 119 TYR A CA  1 
ATOM   727  C C   . TYR A 1 92  ? -4.434  15.632  -1.173  1.00 16.00 ? 119 TYR A C   1 
ATOM   728  O O   . TYR A 1 92  ? -4.425  16.496  -0.359  1.00 17.91 ? 119 TYR A O   1 
ATOM   729  C CB  . TYR A 1 92  ? -4.491  13.305  -0.257  1.00 16.41 ? 119 TYR A CB  1 
ATOM   730  C CG  . TYR A 1 92  ? -3.882  11.925  -0.173  1.00 16.00 ? 119 TYR A CG  1 
ATOM   731  C CD1 . TYR A 1 92  ? -3.729  11.138  -1.326  1.00 16.27 ? 119 TYR A CD1 1 
ATOM   732  C CD2 . TYR A 1 92  ? -3.485  11.384  1.057   1.00 17.30 ? 119 TYR A CD2 1 
ATOM   733  C CE1 . TYR A 1 92  ? -3.196  9.853   -1.258  1.00 15.71 ? 119 TYR A CE1 1 
ATOM   734  C CE2 . TYR A 1 92  ? -2.947  10.116  1.135   1.00 16.52 ? 119 TYR A CE2 1 
ATOM   735  C CZ  . TYR A 1 92  ? -2.824  9.331   0.000   1.00 15.01 ? 119 TYR A CZ  1 
ATOM   736  O OH  . TYR A 1 92  ? -2.336  8.038   0.151   1.00 15.32 ? 119 TYR A OH  1 
ATOM   737  N N   . TRP A 1 93  ? -5.177  15.692  -2.270  1.00 16.46 ? 120 TRP A N   1 
ATOM   738  C CA  . TRP A 1 93  ? -6.173  16.757  -2.493  1.00 16.57 ? 120 TRP A CA  1 
ATOM   739  C C   . TRP A 1 93  ? -7.554  16.460  -1.869  1.00 15.47 ? 120 TRP A C   1 
ATOM   740  O O   . TRP A 1 93  ? -8.277  17.376  -1.494  1.00 18.26 ? 120 TRP A O   1 
ATOM   741  C CB  . TRP A 1 93  ? -6.344  16.961  -4.003  1.00 17.10 ? 120 TRP A CB  1 
ATOM   742  C CG  . TRP A 1 93  ? -7.342  17.981  -4.371  1.00 16.49 ? 120 TRP A CG  1 
ATOM   743  C CD1 . TRP A 1 93  ? -8.625  17.771  -4.741  1.00 17.48 ? 120 TRP A CD1 1 
ATOM   744  C CD2 . TRP A 1 93  ? -7.154  19.392  -4.370  1.00 16.87 ? 120 TRP A CD2 1 
ATOM   745  N NE1 . TRP A 1 93  ? -9.232  18.942  -5.016  1.00 17.87 ? 120 TRP A NE1 1 
ATOM   746  C CE2 . TRP A 1 93  ? -8.374  19.970  -4.762  1.00 18.05 ? 120 TRP A CE2 1 
ATOM   747  C CE3 . TRP A 1 93  ? -6.095  20.231  -4.029  1.00 17.17 ? 120 TRP A CE3 1 
ATOM   748  C CZ2 . TRP A 1 93  ? -8.545  21.350  -4.894  1.00 17.31 ? 120 TRP A CZ2 1 
ATOM   749  C CZ3 . TRP A 1 93  ? -6.280  21.622  -4.139  1.00 17.83 ? 120 TRP A CZ3 1 
ATOM   750  C CH2 . TRP A 1 93  ? -7.489  22.148  -4.612  1.00 17.79 ? 120 TRP A CH2 1 
ATOM   751  N N   . ASN A 1 94  ? -7.943  15.198  -1.816  1.00 15.95 ? 121 ASN A N   1 
ATOM   752  C CA  . ASN A 1 94  ? -9.224  14.810  -1.277  1.00 16.38 ? 121 ASN A CA  1 
ATOM   753  C C   . ASN A 1 94  ? -9.192  13.399  -0.759  1.00 15.90 ? 121 ASN A C   1 
ATOM   754  O O   . ASN A 1 94  ? -8.235  12.671  -0.955  1.00 16.09 ? 121 ASN A O   1 
ATOM   755  C CB  . ASN A 1 94  ? -10.362 14.987  -2.331  1.00 17.48 ? 121 ASN A CB  1 
ATOM   756  C CG  . ASN A 1 94  ? -10.192 14.130  -3.554  1.00 20.34 ? 121 ASN A CG  1 
ATOM   757  O OD1 . ASN A 1 94  ? -9.495  13.139  -3.528  1.00 21.22 ? 121 ASN A OD1 1 
ATOM   758  N ND2 . ASN A 1 94  ? -10.882 14.503  -4.654  1.00 20.44 ? 121 ASN A ND2 1 
ATOM   759  N N   . ALA A 1 95  ? -10.287 12.990  -0.133  1.00 16.37 ? 122 ALA A N   1 
ATOM   760  C CA  . ALA A 1 95  ? -10.320 11.696  0.463   1.00 18.63 ? 122 ALA A CA  1 
ATOM   761  C C   . ALA A 1 95  ? -10.307 10.620  -0.606  1.00 18.67 ? 122 ALA A C   1 
ATOM   762  O O   . ALA A 1 95  ? -9.723  9.554   -0.400  1.00 17.55 ? 122 ALA A O   1 
ATOM   763  C CB  . ALA A 1 95  ? -11.498 11.563  1.457   1.00 20.36 ? 122 ALA A CB  1 
ATOM   764  N N   . GLN A 1 96  ? -10.875 10.885  -1.776  1.00 18.66 ? 123 GLN A N   1 
ATOM   765  C CA  . GLN A 1 96  ? -10.899 9.898   -2.849  1.00 19.59 ? 123 GLN A CA  1 
ATOM   766  C C   . GLN A 1 96  ? -9.521  9.424   -3.237  1.00 18.15 ? 123 GLN A C   1 
ATOM   767  O O   . GLN A 1 96  ? -9.320  8.206   -3.500  1.00 19.40 ? 123 GLN A O   1 
ATOM   768  C CB  . GLN A 1 96  ? -11.616 10.427  -4.107  1.00 20.84 ? 123 GLN A CB  1 
ATOM   769  C CG  . GLN A 1 96  ? -11.912 9.363   -5.197  1.00 24.03 ? 123 GLN A CG  1 
ATOM   770  C CD  . GLN A 1 96  ? -10.746 8.985   -6.141  1.00 28.74 ? 123 GLN A CD  1 
ATOM   771  O OE1 . GLN A 1 96  ? -9.993  9.844   -6.653  1.00 31.69 ? 123 GLN A OE1 1 
ATOM   772  N NE2 . GLN A 1 96  ? -10.599 7.676   -6.392  1.00 31.53 ? 123 GLN A NE2 1 
ATOM   773  N N   . GLU A 1 97  ? -8.576  10.366  -3.328  1.00 16.69 ? 124 GLU A N   1 
ATOM   774  C CA  . GLU A 1 97  ? -7.221  9.987   -3.691  1.00 16.67 ? 124 GLU A CA  1 
ATOM   775  C C   . GLU A 1 97  ? -6.612  8.964   -2.727  1.00 15.66 ? 124 GLU A C   1 
ATOM   776  O O   . GLU A 1 97  ? -5.912  8.067   -3.137  1.00 15.91 ? 124 GLU A O   1 
ATOM   777  C CB  . GLU A 1 97  ? -6.328  11.210  -3.803  1.00 16.77 ? 124 GLU A CB  1 
ATOM   778  C CG  . GLU A 1 97  ? -6.645  12.095  -5.032  1.00 18.67 ? 124 GLU A CG  1 
ATOM   779  C CD  . GLU A 1 97  ? -5.728  13.285  -5.158  1.00 21.07 ? 124 GLU A CD  1 
ATOM   780  O OE1 . GLU A 1 97  ? -4.981  13.557  -4.204  1.00 18.05 ? 124 GLU A OE1 1 
ATOM   781  O OE2 . GLU A 1 97  ? -5.715  13.947  -6.238  1.00 21.36 ? 124 GLU A OE2 1 
ATOM   782  N N   . CYS A 1 98  ? -6.842  9.196   -1.429  1.00 15.99 ? 125 CYS A N   1 
ATOM   783  C CA  . CYS A 1 98  ? -6.313  8.322   -0.381  1.00 15.62 ? 125 CYS A CA  1 
ATOM   784  C C   . CYS A 1 98  ? -6.991  6.968   -0.398  1.00 15.74 ? 125 CYS A C   1 
ATOM   785  O O   . CYS A 1 98  ? -6.349  5.923   -0.361  1.00 15.56 ? 125 CYS A O   1 
ATOM   786  C CB  . CYS A 1 98  ? -6.519  9.005   0.967   1.00 16.23 ? 125 CYS A CB  1 
ATOM   787  S SG  . CYS A 1 98  ? -5.970  7.958   2.337   1.00 18.36 ? 125 CYS A SG  1 
ATOM   788  N N   . ILE A 1 99  ? -8.307  6.986   -0.510  1.00 15.99 ? 126 ILE A N   1 
ATOM   789  C CA  . ILE A 1 99  ? -9.093  5.761   -0.623  1.00 17.68 ? 126 ILE A CA  1 
ATOM   790  C C   . ILE A 1 99  ? -8.647  4.935   -1.830  1.00 17.82 ? 126 ILE A C   1 
ATOM   791  O O   . ILE A 1 99  ? -8.530  3.707   -1.754  1.00 16.42 ? 126 ILE A O   1 
ATOM   792  C CB  . ILE A 1 99  ? -10.610 6.099   -0.698  1.00 18.67 ? 126 ILE A CB  1 
ATOM   793  C CG1 . ILE A 1 99  ? -11.058 6.600   0.674   1.00 17.20 ? 126 ILE A CG1 1 
ATOM   794  C CG2 . ILE A 1 99  ? -11.431 4.862   -1.059  1.00 18.89 ? 126 ILE A CG2 1 
ATOM   795  C CD1 . ILE A 1 99  ? -12.415 7.288   0.714   1.00 17.71 ? 126 ILE A CD1 1 
ATOM   796  N N   . GLN A 1 100 ? -8.384  5.606   -2.956  1.00 17.16 ? 127 GLN A N   1 
ATOM   797  C CA  . GLN A 1 100 ? -7.909  4.881   -4.146  1.00 18.34 ? 127 GLN A CA  1 
ATOM   798  C C   . GLN A 1 100 ? -6.599  4.170   -3.868  1.00 16.56 ? 127 GLN A C   1 
ATOM   799  O O   . GLN A 1 100 ? -6.387  3.039   -4.342  1.00 15.59 ? 127 GLN A O   1 
ATOM   800  C CB  . GLN A 1 100 ? -7.747  5.848   -5.299  1.00 22.38 ? 127 GLN A CB  1 
ATOM   801  C CG  . GLN A 1 100 ? -7.426  5.164   -6.639  1.00 28.49 ? 127 GLN A CG  1 
ATOM   802  C CD  . GLN A 1 100 ? -7.599  6.128   -7.812  1.00 37.23 ? 127 GLN A CD  1 
ATOM   803  O OE1 . GLN A 1 100 ? -8.203  5.795   -8.845  1.00 44.16 ? 127 GLN A OE1 1 
ATOM   804  N NE2 . GLN A 1 100 ? -7.092  7.354   -7.640  1.00 41.67 ? 127 GLN A NE2 1 
ATOM   805  N N   . ASP A 1 101 ? -5.737  4.782   -3.061  1.00 15.42 ? 128 ASP A N   1 
ATOM   806  C CA  . ASP A 1 101 ? -4.497  4.130   -2.670  1.00 15.27 ? 128 ASP A CA  1 
ATOM   807  C C   . ASP A 1 101 ? -4.736  2.859   -1.877  1.00 15.07 ? 128 ASP A C   1 
ATOM   808  O O   . ASP A 1 101 ? -4.170  1.814   -2.178  1.00 14.56 ? 128 ASP A O   1 
ATOM   809  C CB  . ASP A 1 101 ? -3.544  5.090   -1.917  1.00 16.06 ? 128 ASP A CB  1 
ATOM   810  C CG  . ASP A 1 101 ? -2.784  6.066   -2.835  1.00 19.52 ? 128 ASP A CG  1 
ATOM   811  O OD1 . ASP A 1 101 ? -2.752  5.849   -4.072  1.00 17.49 ? 128 ASP A OD1 1 
ATOM   812  O OD2 . ASP A 1 101 ? -2.150  7.007   -2.288  1.00 19.17 ? 128 ASP A OD2 1 
ATOM   813  N N   . PHE A 1 102 ? -5.620  2.930   -0.865  1.00 14.79 ? 129 PHE A N   1 
ATOM   814  C CA  . PHE A 1 102 ? -6.060  1.691   -0.171  1.00 15.97 ? 129 PHE A CA  1 
ATOM   815  C C   . PHE A 1 102 ? -6.589  0.621   -1.130  1.00 15.76 ? 129 PHE A C   1 
ATOM   816  O O   . PHE A 1 102 ? -6.179  -0.536  -1.041  1.00 16.20 ? 129 PHE A O   1 
ATOM   817  C CB  . PHE A 1 102 ? -7.109  2.020   0.879   1.00 16.16 ? 129 PHE A CB  1 
ATOM   818  C CG  . PHE A 1 102 ? -6.547  2.560   2.177   1.00 16.53 ? 129 PHE A CG  1 
ATOM   819  C CD1 . PHE A 1 102 ? -6.018  1.698   3.112   1.00 18.19 ? 129 PHE A CD1 1 
ATOM   820  C CD2 . PHE A 1 102 ? -6.573  3.904   2.476   1.00 17.87 ? 129 PHE A CD2 1 
ATOM   821  C CE1 . PHE A 1 102 ? -5.528  2.173   4.333   1.00 19.01 ? 129 PHE A CE1 1 
ATOM   822  C CE2 . PHE A 1 102 ? -6.074  4.386   3.698   1.00 18.77 ? 129 PHE A CE2 1 
ATOM   823  C CZ  . PHE A 1 102 ? -5.572  3.507   4.626   1.00 19.19 ? 129 PHE A CZ  1 
ATOM   824  N N   . ASN A 1 103 ? -7.492  1.015   -2.043  1.00 16.12 ? 130 ASN A N   1 
ATOM   825  C CA  . ASN A 1 103 ? -8.069  0.114   -3.014  1.00 18.14 ? 130 ASN A CA  1 
ATOM   826  C C   . ASN A 1 103 ? -6.999  -0.561  -3.886  1.00 17.38 ? 130 ASN A C   1 
ATOM   827  O O   . ASN A 1 103 ? -7.054  -1.770  -4.162  1.00 17.58 ? 130 ASN A O   1 
ATOM   828  C CB  . ASN A 1 103 ? -9.032  0.846   -3.957  1.00 19.94 ? 130 ASN A CB  1 
ATOM   829  C CG  . ASN A 1 103 ? -10.229 1.421   -3.276  1.00 22.93 ? 130 ASN A CG  1 
ATOM   830  O OD1 . ASN A 1 103 ? -10.646 0.973   -2.212  1.00 24.84 ? 130 ASN A OD1 1 
ATOM   831  N ND2 . ASN A 1 103 ? -10.851 2.390   -3.955  1.00 24.68 ? 130 ASN A ND2 1 
ATOM   832  N N   . THR A 1 104 ? -6.010  0.230   -4.293  1.00 16.02 ? 131 THR A N   1 
ATOM   833  C CA  . THR A 1 104 ? -4.883  -0.275  -5.052  1.00 17.00 ? 131 THR A CA  1 
ATOM   834  C C   . THR A 1 104 ? -4.119  -1.324  -4.247  1.00 15.78 ? 131 THR A C   1 
ATOM   835  O O   . THR A 1 104 ? -3.792  -2.393  -4.758  1.00 16.20 ? 131 THR A O   1 
ATOM   836  C CB  . THR A 1 104 ? -3.943  0.867   -5.469  1.00 16.72 ? 131 THR A CB  1 
ATOM   837  O OG1 . THR A 1 104 ? -4.647  1.773   -6.355  1.00 19.62 ? 131 THR A OG1 1 
ATOM   838  C CG2 . THR A 1 104 ? -2.733  0.341   -6.171  1.00 17.99 ? 131 THR A CG2 1 
ATOM   839  N N   . MET A 1 105 ? -3.803  -0.998  -2.995  1.00 14.85 ? 132 MET A N   1 
ATOM   840  C CA  . MET A 1 105 ? -3.118  -1.963  -2.141  1.00 15.24 ? 132 MET A CA  1 
ATOM   841  C C   . MET A 1 105 ? -3.844  -3.304  -2.055  1.00 15.67 ? 132 MET A C   1 
ATOM   842  O O   . MET A 1 105 ? -3.226  -4.352  -2.192  1.00 15.54 ? 132 MET A O   1 
ATOM   843  C CB  . MET A 1 105 ? -2.915  -1.337  -0.733  1.00 15.52 ? 132 MET A CB  1 
ATOM   844  C CG  . MET A 1 105 ? -2.205  -2.285  0.218   1.00 16.55 ? 132 MET A CG  1 
ATOM   845  S SD  . MET A 1 105 ? -2.133  -1.515  1.839   1.00 17.88 ? 132 MET A SD  1 
ATOM   846  C CE  . MET A 1 105 ? -3.781  -1.834  2.436   1.00 20.50 ? 132 MET A CE  1 
ATOM   847  N N   . PHE A 1 106 ? -5.143  -3.272  -1.759  1.00 16.45 ? 133 PHE A N   1 
ATOM   848  C CA  . PHE A 1 106 ? -5.914  -4.495  -1.596  1.00 16.08 ? 133 PHE A CA  1 
ATOM   849  C C   . PHE A 1 106 ? -5.997  -5.214  -2.940  1.00 17.30 ? 133 PHE A C   1 
ATOM   850  O O   . PHE A 1 106 ? -5.769  -6.410  -3.010  1.00 17.51 ? 133 PHE A O   1 
ATOM   851  C CB  . PHE A 1 106 ? -7.319  -4.164  -1.070  1.00 17.19 ? 133 PHE A CB  1 
ATOM   852  C CG  . PHE A 1 106 ? -7.319  -3.703  0.366   1.00 18.20 ? 133 PHE A CG  1 
ATOM   853  C CD1 . PHE A 1 106 ? -6.729  -4.463  1.356   1.00 21.35 ? 133 PHE A CD1 1 
ATOM   854  C CD2 . PHE A 1 106 ? -7.909  -2.495  0.723   1.00 20.60 ? 133 PHE A CD2 1 
ATOM   855  C CE1 . PHE A 1 106 ? -6.716  -4.022  2.674   1.00 20.73 ? 133 PHE A CE1 1 
ATOM   856  C CE2 . PHE A 1 106 ? -7.922  -2.046  2.055   1.00 19.87 ? 133 PHE A CE2 1 
ATOM   857  C CZ  . PHE A 1 106 ? -7.321  -2.822  3.033   1.00 20.23 ? 133 PHE A CZ  1 
ATOM   858  N N   . THR A 1 107 ? -6.356  -4.474  -3.981  1.00 18.30 ? 134 THR A N   1 
ATOM   859  C CA  . THR A 1 107 ? -6.452  -5.088  -5.333  1.00 18.43 ? 134 THR A CA  1 
ATOM   860  C C   . THR A 1 107 ? -5.145  -5.782  -5.768  1.00 17.84 ? 134 THR A C   1 
ATOM   861  O O   . THR A 1 107 ? -5.185  -6.892  -6.359  1.00 19.50 ? 134 THR A O   1 
ATOM   862  C CB  . THR A 1 107 ? -6.879  -4.044  -6.382  1.00 20.96 ? 134 THR A CB  1 
ATOM   863  O OG1 . THR A 1 107 ? -8.243  -3.670  -6.121  1.00 22.43 ? 134 THR A OG1 1 
ATOM   864  C CG2 . THR A 1 107 ? -6.734  -4.616  -7.829  1.00 21.92 ? 134 THR A CG2 1 
ATOM   865  N N   . ASN A 1 108 ? -4.010  -5.140  -5.541  1.00 17.81 ? 135 ASN A N   1 
ATOM   866  C CA  . ASN A 1 108 ? -2.698  -5.756  -5.865  1.00 16.83 ? 135 ASN A CA  1 
ATOM   867  C C   . ASN A 1 108 ? -2.588  -7.126  -5.207  1.00 18.13 ? 135 ASN A C   1 
ATOM   868  O O   . ASN A 1 108 ? -2.144  -8.114  -5.834  1.00 18.57 ? 135 ASN A O   1 
ATOM   869  C CB  . ASN A 1 108 ? -1.499  -4.892  -5.437  1.00 16.43 ? 135 ASN A CB  1 
ATOM   870  C CG  . ASN A 1 108 ? -1.387  -3.620  -6.251  1.00 16.88 ? 135 ASN A CG  1 
ATOM   871  O OD1 . ASN A 1 108 ? -1.957  -3.508  -7.330  1.00 18.53 ? 135 ASN A OD1 1 
ATOM   872  N ND2 . ASN A 1 108 ? -0.667  -2.658  -5.720  1.00 16.49 ? 135 ASN A ND2 1 
ATOM   873  N N   . CYS A 1 109 ? -2.972  -7.176  -3.923  1.00 18.17 ? 136 CYS A N   1 
ATOM   874  C CA  . CYS A 1 109 ? -2.885  -8.407  -3.159  1.00 18.83 ? 136 CYS A CA  1 
ATOM   875  C C   . CYS A 1 109 ? -3.757  -9.514  -3.789  1.00 19.20 ? 136 CYS A C   1 
ATOM   876  O O   . CYS A 1 109 ? -3.330  -10.662 -3.923  1.00 19.18 ? 136 CYS A O   1 
ATOM   877  C CB  . CYS A 1 109 ? -3.225  -8.130  -1.697  1.00 18.91 ? 136 CYS A CB  1 
ATOM   878  S SG  . CYS A 1 109 ? -2.943  -9.567  -0.653  1.00 20.57 ? 136 CYS A SG  1 
ATOM   879  N N   . TYR A 1 110 ? -4.954  -9.143  -4.239  1.00 18.74 ? 137 TYR A N   1 
ATOM   880  C CA  . TYR A 1 110 ? -5.867  -10.108 -4.800  1.00 19.15 ? 137 TYR A CA  1 
ATOM   881  C C   . TYR A 1 110 ? -5.455  -10.528 -6.201  1.00 20.23 ? 137 TYR A C   1 
ATOM   882  O O   . TYR A 1 110 ? -5.652  -11.707 -6.563  1.00 19.83 ? 137 TYR A O   1 
ATOM   883  C CB  . TYR A 1 110 ? -7.288  -9.566  -4.781  1.00 20.00 ? 137 TYR A CB  1 
ATOM   884  C CG  . TYR A 1 110 ? -7.768  -9.108  -3.405  1.00 20.45 ? 137 TYR A CG  1 
ATOM   885  C CD1 . TYR A 1 110 ? -7.464  -9.840  -2.248  1.00 21.92 ? 137 TYR A CD1 1 
ATOM   886  C CD2 . TYR A 1 110 ? -8.568  -7.986  -3.272  1.00 20.89 ? 137 TYR A CD2 1 
ATOM   887  C CE1 . TYR A 1 110 ? -7.936  -9.454  -0.999  1.00 21.43 ? 137 TYR A CE1 1 
ATOM   888  C CE2 . TYR A 1 110 ? -9.053  -7.599  -2.042  1.00 22.05 ? 137 TYR A CE2 1 
ATOM   889  C CZ  . TYR A 1 110 ? -8.731  -8.332  -0.906  1.00 22.68 ? 137 TYR A CZ  1 
ATOM   890  O OH  . TYR A 1 110 ? -9.209  -7.921  0.310   1.00 22.79 ? 137 TYR A OH  1 
ATOM   891  N N   . ILE A 1 111 ? -4.837  -9.614  -6.949  1.00 19.53 ? 138 ILE A N   1 
ATOM   892  C CA  . ILE A 1 111 ? -4.213  -9.960  -8.237  1.00 20.53 ? 138 ILE A CA  1 
ATOM   893  C C   . ILE A 1 111 ? -3.066  -10.968 -8.109  1.00 22.58 ? 138 ILE A C   1 
ATOM   894  O O   . ILE A 1 111 ? -3.054  -11.991 -8.800  1.00 22.31 ? 138 ILE A O   1 
ATOM   895  C CB  . ILE A 1 111 ? -3.743  -8.705  -9.018  1.00 21.37 ? 138 ILE A CB  1 
ATOM   896  C CG1 . ILE A 1 111 ? -4.950  -7.897  -9.467  1.00 22.96 ? 138 ILE A CG1 1 
ATOM   897  C CG2 . ILE A 1 111 ? -2.900  -9.093  -10.240 1.00 22.81 ? 138 ILE A CG2 1 
ATOM   898  C CD1 . ILE A 1 111 ? -4.650  -6.514  -9.994  1.00 25.02 ? 138 ILE A CD1 1 
ATOM   899  N N   . TYR A 1 112 ? -2.104  -10.656 -7.252  1.00 20.84 ? 139 TYR A N   1 
ATOM   900  C CA  . TYR A 1 112 ? -0.878  -11.419 -7.146  1.00 19.96 ? 139 TYR A CA  1 
ATOM   901  C C   . TYR A 1 112 ? -1.104  -12.822 -6.574  1.00 20.25 ? 139 TYR A C   1 
ATOM   902  O O   . TYR A 1 112 ? -0.429  -13.781 -6.964  1.00 21.54 ? 139 TYR A O   1 
ATOM   903  C CB  . TYR A 1 112 ? 0.196   -10.612 -6.400  1.00 18.46 ? 139 TYR A CB  1 
ATOM   904  C CG  . TYR A 1 112 ? 1.494   -11.319 -6.304  1.00 19.85 ? 139 TYR A CG  1 
ATOM   905  C CD1 . TYR A 1 112 ? 2.338   -11.449 -7.402  1.00 19.21 ? 139 TYR A CD1 1 
ATOM   906  C CD2 . TYR A 1 112 ? 1.874   -11.925 -5.123  1.00 19.27 ? 139 TYR A CD2 1 
ATOM   907  C CE1 . TYR A 1 112 ? 3.531   -12.123 -7.288  1.00 21.18 ? 139 TYR A CE1 1 
ATOM   908  C CE2 . TYR A 1 112 ? 3.054   -12.616 -5.017  1.00 20.75 ? 139 TYR A CE2 1 
ATOM   909  C CZ  . TYR A 1 112 ? 3.884   -12.708 -6.101  1.00 20.49 ? 139 TYR A CZ  1 
ATOM   910  O OH  . TYR A 1 112 ? 5.035   -13.456 -6.025  1.00 22.65 ? 139 TYR A OH  1 
ATOM   911  N N   . ASN A 1 113 ? -2.041  -12.941 -5.652  1.00 20.54 ? 140 ASN A N   1 
ATOM   912  C CA  . ASN A 1 113 ? -2.228  -14.136 -4.859  1.00 20.62 ? 140 ASN A CA  1 
ATOM   913  C C   . ASN A 1 113 ? -3.516  -14.872 -5.238  1.00 24.00 ? 140 ASN A C   1 
ATOM   914  O O   . ASN A 1 113 ? -4.196  -14.503 -6.189  1.00 25.15 ? 140 ASN A O   1 
ATOM   915  C CB  . ASN A 1 113 ? -2.217  -13.706 -3.401  1.00 20.06 ? 140 ASN A CB  1 
ATOM   916  C CG  . ASN A 1 113 ? -0.909  -13.046 -3.030  1.00 20.00 ? 140 ASN A CG  1 
ATOM   917  O OD1 . ASN A 1 113 ? 0.111   -13.706 -2.943  1.00 20.82 ? 140 ASN A OD1 1 
ATOM   918  N ND2 . ASN A 1 113 ? -0.920  -11.738 -2.859  1.00 17.45 ? 140 ASN A ND2 1 
ATOM   919  N N   . LYS A 1 114 ? -3.814  -15.922 -4.496  1.00 25.32 ? 141 LYS A N   1 
ATOM   920  C CA  . LYS A 1 114 ? -4.982  -16.760 -4.728  1.00 29.12 ? 141 LYS A CA  1 
ATOM   921  C C   . LYS A 1 114 ? -5.921  -16.785 -3.535  1.00 27.36 ? 141 LYS A C   1 
ATOM   922  O O   . LYS A 1 114 ? -5.469  -16.685 -2.368  1.00 24.15 ? 141 LYS A O   1 
ATOM   923  C CB  . LYS A 1 114 ? -4.544  -18.191 -4.995  1.00 31.35 ? 141 LYS A CB  1 
ATOM   924  C CG  . LYS A 1 114 ? -3.963  -18.359 -6.381  1.00 36.32 ? 141 LYS A CG  1 
ATOM   925  C CD  . LYS A 1 114 ? -3.443  -19.773 -6.559  1.00 39.62 ? 141 LYS A CD  1 
ATOM   926  C CE  . LYS A 1 114 ? -2.699  -19.903 -7.875  1.00 42.72 ? 141 LYS A CE  1 
ATOM   927  N NZ  . LYS A 1 114 ? -3.538  -19.536 -9.053  1.00 44.13 ? 141 LYS A NZ  1 
ATOM   928  N N   . PRO A 1 115 ? -7.234  -16.993 -3.803  1.00 25.47 ? 142 PRO A N   1 
ATOM   929  C CA  . PRO A 1 115 ? -8.162  -17.146 -2.682  1.00 26.21 ? 142 PRO A CA  1 
ATOM   930  C C   . PRO A 1 115 ? -7.705  -18.223 -1.689  1.00 24.60 ? 142 PRO A C   1 
ATOM   931  O O   . PRO A 1 115 ? -7.194  -19.274 -2.093  1.00 26.56 ? 142 PRO A O   1 
ATOM   932  C CB  . PRO A 1 115 ? -9.492  -17.529 -3.351  1.00 29.58 ? 142 PRO A CB  1 
ATOM   933  C CG  . PRO A 1 115 ? -9.362  -17.102 -4.779  1.00 28.26 ? 142 PRO A CG  1 
ATOM   934  C CD  . PRO A 1 115 ? -7.919  -17.073 -5.123  1.00 28.26 ? 142 PRO A CD  1 
ATOM   935  N N   . GLY A 1 116 ? -7.816  -17.916 -0.411  1.00 25.37 ? 143 GLY A N   1 
ATOM   936  C CA  . GLY A 1 116 ? -7.352  -18.822 0.647   1.00 23.93 ? 143 GLY A CA  1 
ATOM   937  C C   . GLY A 1 116 ? -5.892  -18.740 1.051   1.00 25.59 ? 143 GLY A C   1 
ATOM   938  O O   . GLY A 1 116 ? -5.537  -19.269 2.125   1.00 25.16 ? 143 GLY A O   1 
ATOM   939  N N   . ASP A 1 117 ? -5.039  -18.064 0.264   1.00 22.52 ? 144 ASP A N   1 
ATOM   940  C CA  . ASP A 1 117 ? -3.671  -17.803 0.721   1.00 22.15 ? 144 ASP A CA  1 
ATOM   941  C C   . ASP A 1 117 ? -3.689  -16.971 2.008   1.00 20.63 ? 144 ASP A C   1 
ATOM   942  O O   . ASP A 1 117 ? -4.531  -16.079 2.171   1.00 19.37 ? 144 ASP A O   1 
ATOM   943  C CB  . ASP A 1 117 ? -2.895  -16.985 -0.327  1.00 22.90 ? 144 ASP A CB  1 
ATOM   944  C CG  . ASP A 1 117 ? -2.548  -17.771 -1.562  1.00 26.82 ? 144 ASP A CG  1 
ATOM   945  O OD1 . ASP A 1 117 ? -2.622  -19.027 -1.538  1.00 28.32 ? 144 ASP A OD1 1 
ATOM   946  O OD2 . ASP A 1 117 ? -2.189  -17.127 -2.560  1.00 26.80 ? 144 ASP A OD2 1 
ATOM   947  N N   . ASP A 1 118 ? -2.723  -17.186 2.903   1.00 19.52 ? 145 ASP A N   1 
ATOM   948  C CA  . ASP A 1 118 ? -2.658  -16.409 4.134   1.00 20.83 ? 145 ASP A CA  1 
ATOM   949  C C   . ASP A 1 118 ? -2.674  -14.899 3.902   1.00 19.18 ? 145 ASP A C   1 
ATOM   950  O O   . ASP A 1 118 ? -3.309  -14.126 4.690   1.00 20.05 ? 145 ASP A O   1 
ATOM   951  C CB  . ASP A 1 118 ? -1.381  -16.731 4.912   1.00 22.23 ? 145 ASP A CB  1 
ATOM   952  C CG  . ASP A 1 118 ? -1.554  -17.876 5.878   1.00 24.39 ? 145 ASP A CG  1 
ATOM   953  O OD1 . ASP A 1 118 ? -2.701  -18.287 6.165   1.00 26.25 ? 145 ASP A OD1 1 
ATOM   954  O OD2 . ASP A 1 118 ? -0.506  -18.333 6.380   1.00 26.59 ? 145 ASP A OD2 1 
ATOM   955  N N   . ILE A 1 119 ? -1.913  -14.450 2.898   1.00 16.94 ? 146 ILE A N   1 
ATOM   956  C CA  . ILE A 1 119 ? -1.846  -13.013 2.663   1.00 18.44 ? 146 ILE A CA  1 
ATOM   957  C C   . ILE A 1 119 ? -3.215  -12.456 2.260   1.00 17.50 ? 146 ILE A C   1 
ATOM   958  O O   . ILE A 1 119 ? -3.550  -11.320 2.615   1.00 18.46 ? 146 ILE A O   1 
ATOM   959  C CB  . ILE A 1 119 ? -0.756  -12.635 1.641   1.00 18.18 ? 146 ILE A CB  1 
ATOM   960  C CG1 . ILE A 1 119 ? -0.474  -11.135 1.686   1.00 18.95 ? 146 ILE A CG1 1 
ATOM   961  C CG2 . ILE A 1 119 ? -1.085  -13.174 0.252   1.00 18.79 ? 146 ILE A CG2 1 
ATOM   962  C CD1 . ILE A 1 119 ? 0.362   -10.690 2.881   1.00 20.16 ? 146 ILE A CD1 1 
ATOM   963  N N   . VAL A 1 120 ? -3.980  -13.266 1.528   1.00 17.22 ? 147 VAL A N   1 
ATOM   964  C CA  . VAL A 1 120 ? -5.316  -12.906 1.111   1.00 18.29 ? 147 VAL A CA  1 
ATOM   965  C C   . VAL A 1 120 ? -6.319  -12.856 2.266   1.00 19.16 ? 147 VAL A C   1 
ATOM   966  O O   . VAL A 1 120 ? -7.123  -11.936 2.346   1.00 18.83 ? 147 VAL A O   1 
ATOM   967  C CB  . VAL A 1 120 ? -5.788  -13.781 -0.069  1.00 18.63 ? 147 VAL A CB  1 
ATOM   968  C CG1 . VAL A 1 120 ? -7.236  -13.490 -0.405  1.00 19.53 ? 147 VAL A CG1 1 
ATOM   969  C CG2 . VAL A 1 120 ? -4.906  -13.500 -1.271  1.00 18.17 ? 147 VAL A CG2 1 
ATOM   970  N N   . LEU A 1 121 ? -6.207  -13.793 3.198   1.00 19.29 ? 148 LEU A N   1 
ATOM   971  C CA  . LEU A 1 121 ? -7.015  -13.750 4.420   1.00 19.84 ? 148 LEU A CA  1 
ATOM   972  C C   . LEU A 1 121 ? -6.743  -12.527 5.243   1.00 19.31 ? 148 LEU A C   1 
ATOM   973  O O   . LEU A 1 121 ? -7.652  -11.919 5.809   1.00 19.01 ? 148 LEU A O   1 
ATOM   974  C CB  . LEU A 1 121 ? -6.773  -15.018 5.254   1.00 22.18 ? 148 LEU A CB  1 
ATOM   975  C CG  . LEU A 1 121 ? -7.118  -16.371 4.630   1.00 23.98 ? 148 LEU A CG  1 
ATOM   976  C CD1 . LEU A 1 121 ? -6.802  -17.505 5.585   1.00 25.46 ? 148 LEU A CD1 1 
ATOM   977  C CD2 . LEU A 1 121 ? -8.580  -16.477 4.202   1.00 24.71 ? 148 LEU A CD2 1 
ATOM   978  N N   . MET A 1 122 ? -5.491  -12.104 5.279   1.00 16.84 ? 149 MET A N   1 
ATOM   979  C CA  . MET A 1 122 ? -5.104  -10.903 5.970   1.00 17.67 ? 149 MET A CA  1 
ATOM   980  C C   . MET A 1 122 ? -5.679  -9.665  5.290   1.00 17.96 ? 149 MET A C   1 
ATOM   981  O O   . MET A 1 122 ? -6.268  -8.798  5.942   1.00 18.49 ? 149 MET A O   1 
ATOM   982  C CB  . MET A 1 122 ? -3.571  -10.797 6.038   1.00 18.65 ? 149 MET A CB  1 
ATOM   983  C CG  . MET A 1 122 ? -2.979  -11.892 6.896   1.00 18.68 ? 149 MET A CG  1 
ATOM   984  S SD  . MET A 1 122 ? -1.185  -12.107 6.745   1.00 18.72 ? 149 MET A SD  1 
ATOM   985  C CE  . MET A 1 122 ? -0.617  -11.144 8.149   1.00 16.82 ? 149 MET A CE  1 
ATOM   986  N N   . ALA A 1 123 ? -5.483  -9.585  3.974   1.00 17.00 ? 150 ALA A N   1 
ATOM   987  C CA  . ALA A 1 123 ? -6.031  -8.474  3.198   1.00 17.67 ? 150 ALA A CA  1 
ATOM   988  C C   . ALA A 1 123 ? -7.552  -8.353  3.366   1.00 19.79 ? 150 ALA A C   1 
ATOM   989  O O   . ALA A 1 123 ? -8.051  -7.247  3.588   1.00 20.96 ? 150 ALA A O   1 
ATOM   990  C CB  . ALA A 1 123 ? -5.640  -8.629  1.724   1.00 18.09 ? 150 ALA A CB  1 
ATOM   991  N N   . GLU A 1 124 ? -8.266  -9.486  3.296   1.00 20.37 ? 151 GLU A N   1 
ATOM   992  C CA  . GLU A 1 124 ? -9.740  -9.543  3.412   1.00 22.88 ? 151 GLU A CA  1 
ATOM   993  C C   . GLU A 1 124 ? -10.189 -9.014  4.737   1.00 22.24 ? 151 GLU A C   1 
ATOM   994  O O   . GLU A 1 124 ? -11.156 -8.230  4.807   1.00 20.91 ? 151 GLU A O   1 
ATOM   995  C CB  . GLU A 1 124 ? -10.278 -10.957 3.245   1.00 24.27 ? 151 GLU A CB  1 
ATOM   996  C CG  . GLU A 1 124 ? -10.250 -11.496 1.844   1.00 28.10 ? 151 GLU A CG  1 
ATOM   997  C CD  . GLU A 1 124 ? -10.605 -12.968 1.756   1.00 30.06 ? 151 GLU A CD  1 
ATOM   998  O OE1 . GLU A 1 124 ? -10.899 -13.603 2.779   1.00 37.53 ? 151 GLU A OE1 1 
ATOM   999  O OE2 . GLU A 1 124 ? -10.539 -13.521 0.644   1.00 33.61 ? 151 GLU A OE2 1 
ATOM   1000 N N   . ALA A 1 125 ? -9.482  -9.403  5.796   1.00 20.80 ? 152 ALA A N   1 
ATOM   1001 C CA  . ALA A 1 125 ? -9.824  -8.893  7.130   1.00 21.14 ? 152 ALA A CA  1 
ATOM   1002 C C   . ALA A 1 125 ? -9.620  -7.388  7.252   1.00 21.91 ? 152 ALA A C   1 
ATOM   1003 O O   . ALA A 1 125 ? -10.434 -6.673  7.840   1.00 22.28 ? 152 ALA A O   1 
ATOM   1004 C CB  . ALA A 1 125 ? -9.019  -9.607  8.194   1.00 21.41 ? 152 ALA A CB  1 
ATOM   1005 N N   . LEU A 1 126 ? -8.474  -6.911  6.778   1.00 20.38 ? 153 LEU A N   1 
ATOM   1006 C CA  . LEU A 1 126 ? -8.175  -5.494  6.787   1.00 20.99 ? 153 LEU A CA  1 
ATOM   1007 C C   . LEU A 1 126 ? -9.152  -4.710  5.901   1.00 20.83 ? 153 LEU A C   1 
ATOM   1008 O O   . LEU A 1 126 ? -9.495  -3.585  6.257   1.00 22.72 ? 153 LEU A O   1 
ATOM   1009 C CB  . LEU A 1 126 ? -6.743  -5.236  6.318   1.00 21.69 ? 153 LEU A CB  1 
ATOM   1010 C CG  . LEU A 1 126 ? -5.629  -5.761  7.223   1.00 21.65 ? 153 LEU A CG  1 
ATOM   1011 C CD1 . LEU A 1 126 ? -4.276  -5.576  6.530   1.00 21.92 ? 153 LEU A CD1 1 
ATOM   1012 C CD2 . LEU A 1 126 ? -5.639  -5.040  8.551   1.00 21.58 ? 153 LEU A CD2 1 
ATOM   1013 N N   . GLU A 1 127 ? -9.588  -5.299  4.782   1.00 21.53 ? 154 GLU A N   1 
ATOM   1014 C CA  . GLU A 1 127 ? -10.500 -4.623  3.857   1.00 22.18 ? 154 GLU A CA  1 
ATOM   1015 C C   . GLU A 1 127 ? -11.876 -4.499  4.480   1.00 24.51 ? 154 GLU A C   1 
ATOM   1016 O O   . GLU A 1 127 ? -12.541 -3.459  4.366   1.00 22.72 ? 154 GLU A O   1 
ATOM   1017 C CB  . GLU A 1 127 ? -10.589 -5.369  2.521   1.00 24.25 ? 154 GLU A CB  1 
ATOM   1018 C CG  . GLU A 1 127 ? -11.490 -4.654  1.510   1.00 27.47 ? 154 GLU A CG  1 
ATOM   1019 C CD  . GLU A 1 127 ? -11.581 -5.318  0.150   1.00 31.87 ? 154 GLU A CD  1 
ATOM   1020 O OE1 . GLU A 1 127 ? -11.343 -6.525  0.012   1.00 30.33 ? 154 GLU A OE1 1 
ATOM   1021 O OE2 . GLU A 1 127 ? -11.943 -4.606  -0.804  1.00 38.45 ? 154 GLU A OE2 1 
ATOM   1022 N N   . LYS A 1 128 ? -12.322 -5.566  5.128   1.00 23.65 ? 155 LYS A N   1 
ATOM   1023 C CA  . LYS A 1 128 ? -13.572 -5.511  5.894   1.00 25.40 ? 155 LYS A CA  1 
ATOM   1024 C C   . LYS A 1 128 ? -13.578 -4.381  6.908   1.00 23.92 ? 155 LYS A C   1 
ATOM   1025 O O   . LYS A 1 128 ? -14.561 -3.627  7.067   1.00 22.02 ? 155 LYS A O   1 
ATOM   1026 C CB  . LYS A 1 128 ? -13.790 -6.847  6.618   1.00 27.22 ? 155 LYS A CB  1 
ATOM   1027 C CG  . LYS A 1 128 ? -14.835 -6.800  7.708   1.00 31.83 ? 155 LYS A CG  1 
ATOM   1028 C CD  . LYS A 1 128 ? -14.807 -8.066  8.553   1.00 34.81 ? 155 LYS A CD  1 
ATOM   1029 C CE  . LYS A 1 128 ? -15.710 -7.921  9.751   1.00 38.41 ? 155 LYS A CE  1 
ATOM   1030 N NZ  . LYS A 1 128 ? -16.178 -9.250  10.223  1.00 40.20 ? 155 LYS A NZ  1 
ATOM   1031 N N   . LEU A 1 129 ? -12.486 -4.265  7.641   1.00 23.86 ? 156 LEU A N   1 
ATOM   1032 C CA  . LEU A 1 129 ? -12.374 -3.262  8.637   1.00 23.61 ? 156 LEU A CA  1 
ATOM   1033 C C   . LEU A 1 129 ? -12.335 -1.867  7.959   1.00 24.99 ? 156 LEU A C   1 
ATOM   1034 O O   . LEU A 1 129 ? -13.041 -0.937  8.359   1.00 23.14 ? 156 LEU A O   1 
ATOM   1035 C CB  . LEU A 1 129 ? -11.116 -3.527  9.472   1.00 27.09 ? 156 LEU A CB  1 
ATOM   1036 C CG  . LEU A 1 129 ? -10.932 -2.725  10.731  1.00 32.04 ? 156 LEU A CG  1 
ATOM   1037 C CD1 . LEU A 1 129 ? -12.118 -2.910  11.677  1.00 35.23 ? 156 LEU A CD1 1 
ATOM   1038 C CD2 . LEU A 1 129 ? -9.636  -3.098  11.437  1.00 35.01 ? 156 LEU A CD2 1 
ATOM   1039 N N   . PHE A 1 130 ? -11.483 -1.743  6.937   1.00 20.15 ? 157 PHE A N   1 
ATOM   1040 C CA  . PHE A 1 130 ? -11.456 -0.538  6.123   1.00 21.56 ? 157 PHE A CA  1 
ATOM   1041 C C   . PHE A 1 130 ? -12.866 -0.095  5.691   1.00 21.18 ? 157 PHE A C   1 
ATOM   1042 O O   . PHE A 1 130 ? -13.200 1.090   5.889   1.00 25.07 ? 157 PHE A O   1 
ATOM   1043 C CB  . PHE A 1 130 ? -10.569 -0.759  4.862   1.00 20.21 ? 157 PHE A CB  1 
ATOM   1044 C CG  . PHE A 1 130 ? -10.495 0.437   3.957   1.00 20.13 ? 157 PHE A CG  1 
ATOM   1045 C CD1 . PHE A 1 130 ? -9.801  1.571   4.342   1.00 20.73 ? 157 PHE A CD1 1 
ATOM   1046 C CD2 . PHE A 1 130 ? -11.082 0.382   2.699   1.00 21.31 ? 157 PHE A CD2 1 
ATOM   1047 C CE1 . PHE A 1 130 ? -9.722  2.689   3.490   1.00 21.64 ? 157 PHE A CE1 1 
ATOM   1048 C CE2 . PHE A 1 130 ? -10.995 1.461   1.841   1.00 22.94 ? 157 PHE A CE2 1 
ATOM   1049 C CZ  . PHE A 1 130 ? -10.325 2.606   2.238   1.00 20.37 ? 157 PHE A CZ  1 
ATOM   1050 N N   . LEU A 1 131 ? -13.669 -0.993  5.125   1.00 24.00 ? 158 LEU A N   1 
ATOM   1051 C CA  . LEU A 1 131 ? -15.006 -0.630  4.587   1.00 24.04 ? 158 LEU A CA  1 
ATOM   1052 C C   . LEU A 1 131 ? -15.971 -0.218  5.693   1.00 26.45 ? 158 LEU A C   1 
ATOM   1053 O O   . LEU A 1 131 ? -16.787 0.680   5.479   1.00 25.12 ? 158 LEU A O   1 
ATOM   1054 C CB  . LEU A 1 131 ? -15.626 -1.717  3.696   1.00 27.03 ? 158 LEU A CB  1 
ATOM   1055 C CG  . LEU A 1 131 ? -14.926 -2.066  2.369   1.00 26.75 ? 158 LEU A CG  1 
ATOM   1056 C CD1 . LEU A 1 131 ? -15.400 -3.397  1.805   1.00 28.99 ? 158 LEU A CD1 1 
ATOM   1057 C CD2 . LEU A 1 131 ? -15.111 -0.967  1.335   1.00 29.75 ? 158 LEU A CD2 1 
ATOM   1058 N N   . GLN A 1 132 ? -15.846 -0.836  6.874   1.00 25.73 ? 159 GLN A N   1 
ATOM   1059 C CA  . GLN A 1 132 ? -16.617 -0.424  8.058   1.00 28.71 ? 159 GLN A CA  1 
ATOM   1060 C C   . GLN A 1 132 ? -16.265 0.990   8.507   1.00 28.26 ? 159 GLN A C   1 
ATOM   1061 O O   . GLN A 1 132 ? -17.159 1.845   8.709   1.00 26.27 ? 159 GLN A O   1 
ATOM   1062 C CB  . GLN A 1 132 ? -16.396 -1.394  9.239   1.00 32.11 ? 159 GLN A CB  1 
ATOM   1063 C CG  . GLN A 1 132 ? -16.997 -2.773  9.044   1.00 37.45 ? 159 GLN A CG  1 
ATOM   1064 C CD  . GLN A 1 132 ? -16.754 -3.705  10.238  1.00 43.36 ? 159 GLN A CD  1 
ATOM   1065 O OE1 . GLN A 1 132 ? -16.067 -3.350  11.206  1.00 48.08 ? 159 GLN A OE1 1 
ATOM   1066 N NE2 . GLN A 1 132 ? -17.329 -4.902  10.172  1.00 47.44 ? 159 GLN A NE2 1 
ATOM   1067 N N   . LYS A 1 133 ? -14.966 1.251   8.627   1.00 27.69 ? 160 LYS A N   1 
ATOM   1068 C CA  . LYS A 1 133 ? -14.463 2.553   9.005   1.00 26.99 ? 160 LYS A CA  1 
ATOM   1069 C C   . LYS A 1 133 ? -14.829 3.620   7.954   1.00 27.35 ? 160 LYS A C   1 
ATOM   1070 O O   . LYS A 1 133 ? -15.185 4.710   8.334   1.00 27.38 ? 160 LYS A O   1 
ATOM   1071 C CB  . LYS A 1 133 ? -12.949 2.562   9.256   1.00 29.70 ? 160 LYS A CB  1 
ATOM   1072 C CG  . LYS A 1 133 ? -12.411 1.519   10.239  1.00 32.42 ? 160 LYS A CG  1 
ATOM   1073 C CD  . LYS A 1 133 ? -12.174 2.065   11.625  1.00 39.23 ? 160 LYS A CD  1 
ATOM   1074 C CE  . LYS A 1 133 ? -13.476 2.439   12.289  1.00 41.27 ? 160 LYS A CE  1 
ATOM   1075 N NZ  . LYS A 1 133 ? -13.405 2.358   13.777  1.00 45.47 ? 160 LYS A NZ  1 
ATOM   1076 N N   . ILE A 1 134 ? -14.789 3.273   6.653   1.00 25.64 ? 161 ILE A N   1 
ATOM   1077 C CA  . ILE A 1 134 ? -15.191 4.188   5.562   1.00 26.98 ? 161 ILE A CA  1 
ATOM   1078 C C   . ILE A 1 134 ? -16.646 4.628   5.654   1.00 25.31 ? 161 ILE A C   1 
ATOM   1079 O O   . ILE A 1 134 ? -16.948 5.766   5.328   1.00 23.54 ? 161 ILE A O   1 
ATOM   1080 C CB  . ILE A 1 134 ? -14.911 3.577   4.155   1.00 28.31 ? 161 ILE A CB  1 
ATOM   1081 C CG1 . ILE A 1 134 ? -13.427 3.600   3.865   1.00 28.74 ? 161 ILE A CG1 1 
ATOM   1082 C CG2 . ILE A 1 134 ? -15.723 4.253   3.033   1.00 28.68 ? 161 ILE A CG2 1 
ATOM   1083 C CD1 . ILE A 1 134 ? -12.787 4.951   3.670   1.00 31.04 ? 161 ILE A CD1 1 
ATOM   1084 N N   . ASN A 1 135 ? -17.533 3.733   6.089   1.00 25.25 ? 162 ASN A N   1 
ATOM   1085 C CA  . ASN A 1 135 ? -18.942 4.064   6.286   1.00 28.24 ? 162 ASN A CA  1 
ATOM   1086 C C   . ASN A 1 135 ? -19.231 5.050   7.413   1.00 32.20 ? 162 ASN A C   1 
ATOM   1087 O O   . ASN A 1 135 ? -20.372 5.476   7.545   1.00 31.09 ? 162 ASN A O   1 
ATOM   1088 C CB  . ASN A 1 135 ? -19.825 2.807   6.437   1.00 29.53 ? 162 ASN A CB  1 
ATOM   1089 C CG  . ASN A 1 135 ? -20.150 2.172   5.086   1.00 31.59 ? 162 ASN A CG  1 
ATOM   1090 O OD1 . ASN A 1 135 ? -20.393 2.882   4.119   1.00 35.61 ? 162 ASN A OD1 1 
ATOM   1091 N ND2 . ASN A 1 135 ? -20.111 0.833   5.006   1.00 32.25 ? 162 ASN A ND2 1 
ATOM   1092 N N   . GLU A 1 136 ? -18.247 5.417   8.224   1.00 29.06 ? 163 GLU A N   1 
ATOM   1093 C CA  . GLU A 1 136 ? -18.477 6.497   9.193   1.00 34.04 ? 163 GLU A CA  1 
ATOM   1094 C C   . GLU A 1 136 ? -17.643 7.734   8.852   1.00 31.59 ? 163 GLU A C   1 
ATOM   1095 O O   . GLU A 1 136 ? -17.363 8.563   9.702   1.00 30.83 ? 163 GLU A O   1 
ATOM   1096 C CB  . GLU A 1 136 ? -18.250 5.982   10.615  1.00 40.69 ? 163 GLU A CB  1 
ATOM   1097 C CG  . GLU A 1 136 ? -19.021 4.699   10.963  1.00 45.10 ? 163 GLU A CG  1 
ATOM   1098 C CD  . GLU A 1 136 ? -20.531 4.811   10.848  1.00 48.87 ? 163 GLU A CD  1 
ATOM   1099 O OE1 . GLU A 1 136 ? -21.087 5.911   11.089  1.00 50.28 ? 163 GLU A OE1 1 
ATOM   1100 O OE2 . GLU A 1 136 ? -21.167 3.778   10.521  1.00 53.02 ? 163 GLU A OE2 1 
ATOM   1101 N N   . LEU A 1 137 ? -17.255 7.858   7.581   1.00 28.28 ? 164 LEU A N   1 
ATOM   1102 C CA  . LEU A 1 137 ? -16.558 9.039   7.118   1.00 29.80 ? 164 LEU A CA  1 
ATOM   1103 C C   . LEU A 1 137 ? -17.445 10.243  7.368   1.00 27.71 ? 164 LEU A C   1 
ATOM   1104 O O   . LEU A 1 137 ? -18.665 10.164  7.166   1.00 28.88 ? 164 LEU A O   1 
ATOM   1105 C CB  . LEU A 1 137 ? -16.217 8.939   5.615   1.00 31.16 ? 164 LEU A CB  1 
ATOM   1106 C CG  . LEU A 1 137 ? -15.015 9.718   5.085   1.00 33.88 ? 164 LEU A CG  1 
ATOM   1107 C CD1 . LEU A 1 137 ? -13.707 9.197   5.636   1.00 33.17 ? 164 LEU A CD1 1 
ATOM   1108 C CD2 . LEU A 1 137 ? -15.016 9.681   3.565   1.00 34.13 ? 164 LEU A CD2 1 
ATOM   1109 N N   . PRO A 1 138 ? -16.863 11.361  7.838   1.00 28.15 ? 165 PRO A N   1 
ATOM   1110 C CA  . PRO A 1 138 ? -17.645 12.595  7.993   1.00 28.58 ? 165 PRO A CA  1 
ATOM   1111 C C   . PRO A 1 138 ? -18.395 12.996  6.718   1.00 28.90 ? 165 PRO A C   1 
ATOM   1112 O O   . PRO A 1 138 ? -17.816 12.891  5.630   1.00 30.71 ? 165 PRO A O   1 
ATOM   1113 C CB  . PRO A 1 138 ? -16.555 13.647  8.262   1.00 30.00 ? 165 PRO A CB  1 
ATOM   1114 C CG  . PRO A 1 138 ? -15.488 12.875  8.914   1.00 29.08 ? 165 PRO A CG  1 
ATOM   1115 C CD  . PRO A 1 138 ? -15.461 11.569  8.218   1.00 28.46 ? 165 PRO A CD  1 
HETATM 1116 C CAO . EB8 B 2 .   ? 0.913   -7.457  0.890   1.00 17.26 ? 201 EB8 A CAO 1 
HETATM 1117 C CAN . EB8 B 2 .   ? 2.075   -7.618  -0.054  1.00 17.39 ? 201 EB8 A CAN 1 
HETATM 1118 N NAK . EB8 B 2 .   ? 2.450   -9.049  -0.139  1.00 16.80 ? 201 EB8 A NAK 1 
HETATM 1119 C CAL . EB8 B 2 .   ? 1.991   -9.956  -1.022  1.00 17.81 ? 201 EB8 A CAL 1 
HETATM 1120 O OAM . EB8 B 2 .   ? 1.111   -9.700  -1.868  1.00 17.90 ? 201 EB8 A OAM 1 
HETATM 1121 C CAJ . EB8 B 2 .   ? 2.586   -11.164 -0.783  1.00 18.29 ? 201 EB8 A CAJ 1 
HETATM 1122 C CAI . EB8 B 2 .   ? 2.514   -12.406 -1.303  1.00 18.47 ? 201 EB8 A CAI 1 
HETATM 1123 C CAH . EB8 B 2 .   ? 3.300   -13.462 -0.808  1.00 19.54 ? 201 EB8 A CAH 1 
HETATM 1124 C CAG . EB8 B 2 .   ? 4.159   -13.233 0.283   1.00 18.53 ? 201 EB8 A CAG 1 
HETATM 1125 C CAD . EB8 B 2 .   ? 4.201   -11.917 0.818   1.00 18.89 ? 201 EB8 A CAD 1 
HETATM 1126 C CAE . EB8 B 2 .   ? 3.410   -10.967 0.261   1.00 17.47 ? 201 EB8 A CAE 1 
HETATM 1127 C CAF . EB8 B 2 .   ? 3.345   -9.668  0.647   1.00 17.79 ? 201 EB8 A CAF 1 
HETATM 1128 C CAA . EB8 B 2 .   ? 4.090   -9.239  1.684   1.00 18.31 ? 201 EB8 A CAA 1 
HETATM 1129 C CAB . EB8 B 2 .   ? 4.955   -10.142 2.343   1.00 19.34 ? 201 EB8 A CAB 1 
HETATM 1130 C CAC . EB8 B 2 .   ? 5.002   -11.504 1.923   1.00 19.35 ? 201 EB8 A CAC 1 
HETATM 1131 N NAP . EB8 B 2 .   ? 5.863   -12.379 2.443   1.00 19.98 ? 201 EB8 A NAP 1 
HETATM 1132 S SAQ . EB8 B 2 .   ? 5.869   -12.732 4.102   1.00 20.87 ? 201 EB8 A SAQ 1 
HETATM 1133 O OAS . EB8 B 2 .   ? 5.972   -11.482 4.923   1.00 19.82 ? 201 EB8 A OAS 1 
HETATM 1134 O OAT . EB8 B 2 .   ? 6.865   -13.812 4.324   1.00 22.22 ? 201 EB8 A OAT 1 
HETATM 1135 C CAR . EB8 B 2 .   ? 4.241   -13.399 4.414   1.00 19.26 ? 201 EB8 A CAR 1 
HETATM 1136 C CAY . EB8 B 2 .   ? 3.345   -12.541 5.048   1.00 19.19 ? 201 EB8 A CAY 1 
HETATM 1137 C CAX . EB8 B 2 .   ? 2.079   -12.930 5.363   1.00 20.60 ? 201 EB8 A CAX 1 
HETATM 1138 C CAW . EB8 B 2 .   ? 1.679   -14.211 5.052   1.00 20.48 ? 201 EB8 A CAW 1 
HETATM 1139 C CAV . EB8 B 2 .   ? 2.535   -15.093 4.405   1.00 21.46 ? 201 EB8 A CAV 1 
HETATM 1140 C CAU . EB8 B 2 .   ? 3.841   -14.721 4.076   1.00 20.59 ? 201 EB8 A CAU 1 
HETATM 1141 C CAZ . EB8 B 2 .   ? 4.632   -15.704 3.414   1.00 21.08 ? 201 EB8 A CAZ 1 
HETATM 1142 O OBB . EB8 B 2 .   ? 5.366   -15.434 2.464   1.00 22.02 ? 201 EB8 A OBB 1 
HETATM 1143 O OBA . EB8 B 2 .   ? 4.552   -16.967 3.957   1.00 21.63 ? 201 EB8 A OBA 1 
HETATM 1144 C CBC . EB8 B 2 .   ? 5.400   -17.960 3.336   1.00 23.42 ? 201 EB8 A CBC 1 
HETATM 1145 N N   . NO3 C 3 .   ? -0.632  22.869  -2.079  1.00 23.22 ? 202 NO3 A N   1 
HETATM 1146 O O1  . NO3 C 3 .   ? -0.930  23.384  -1.015  1.00 23.47 ? 202 NO3 A O1  1 
HETATM 1147 O O2  . NO3 C 3 .   ? 0.635   22.367  -2.319  1.00 29.47 ? 202 NO3 A O2  1 
HETATM 1148 O O3  . NO3 C 3 .   ? -1.594  22.737  -3.090  1.00 22.73 ? 202 NO3 A O3  1 
HETATM 1149 N N   . NO3 D 3 .   ? 29.002  -13.540 -14.929 1.00 33.67 ? 203 NO3 A N   1 
HETATM 1150 O O1  . NO3 D 3 .   ? 28.428  -12.507 -14.694 1.00 34.16 ? 203 NO3 A O1  1 
HETATM 1151 O O2  . NO3 D 3 .   ? 30.172  -13.511 -15.688 1.00 37.00 ? 203 NO3 A O2  1 
HETATM 1152 O O3  . NO3 D 3 .   ? 28.485  -14.747 -14.470 1.00 31.87 ? 203 NO3 A O3  1 
HETATM 1153 C C1  . EDO E 4 .   ? -1.747  -3.335  -10.900 1.00 30.24 ? 204 EDO A C1  1 
HETATM 1154 O O1  . EDO E 4 .   ? -0.794  -3.083  -9.860  1.00 26.61 ? 204 EDO A O1  1 
HETATM 1155 C C2  . EDO E 4 .   ? -1.370  -4.598  -11.659 1.00 29.66 ? 204 EDO A C2  1 
HETATM 1156 O O2  . EDO E 4 .   ? -0.139  -4.364  -12.359 1.00 28.50 ? 204 EDO A O2  1 
HETATM 1157 C C1  . EDO F 4 .   ? 7.988   3.736   3.825   1.00 47.64 ? 205 EDO A C1  1 
HETATM 1158 O O1  . EDO F 4 .   ? 6.819   3.038   4.242   1.00 46.71 ? 205 EDO A O1  1 
HETATM 1159 C C2  . EDO F 4 .   ? 7.588   4.644   2.669   1.00 48.92 ? 205 EDO A C2  1 
HETATM 1160 O O2  . EDO F 4 .   ? 8.411   4.325   1.552   1.00 48.02 ? 205 EDO A O2  1 
HETATM 1161 C C1  . EDO G 4 .   ? -1.213  22.610  -11.514 1.00 41.80 ? 206 EDO A C1  1 
HETATM 1162 O O1  . EDO G 4 .   ? -1.592  22.499  -10.128 1.00 42.14 ? 206 EDO A O1  1 
HETATM 1163 C C2  . EDO G 4 .   ? 0.266   22.913  -11.742 1.00 44.06 ? 206 EDO A C2  1 
HETATM 1164 O O2  . EDO G 4 .   ? 1.094   22.512  -10.649 1.00 45.46 ? 206 EDO A O2  1 
HETATM 1165 C C1  . GOL H 5 .   ? 5.757   3.810   -7.869  1.00 36.24 ? 207 GOL A C1  1 
HETATM 1166 O O1  . GOL H 5 .   ? 6.024   2.506   -8.324  1.00 31.98 ? 207 GOL A O1  1 
HETATM 1167 C C2  . GOL H 5 .   ? 6.874   4.761   -8.291  1.00 40.15 ? 207 GOL A C2  1 
HETATM 1168 O O2  . GOL H 5 .   ? 8.084   4.080   -8.602  1.00 37.61 ? 207 GOL A O2  1 
HETATM 1169 C C3  . GOL H 5 .   ? 6.425   5.519   -9.520  1.00 40.89 ? 207 GOL A C3  1 
HETATM 1170 O O3  . GOL H 5 .   ? 7.551   6.215   -10.050 1.00 43.62 ? 207 GOL A O3  1 
HETATM 1171 C C1  . GOL I 5 .   ? 19.534  -10.459 -6.362  1.00 42.26 ? 208 GOL A C1  1 
HETATM 1172 O O1  . GOL I 5 .   ? 19.331  -9.122  -5.901  1.00 46.47 ? 208 GOL A O1  1 
HETATM 1173 C C2  . GOL I 5 .   ? 18.434  -10.846 -7.351  1.00 41.66 ? 208 GOL A C2  1 
HETATM 1174 O O2  . GOL I 5 .   ? 19.006  -11.094 -8.643  1.00 33.26 ? 208 GOL A O2  1 
HETATM 1175 C C3  . GOL I 5 .   ? 17.680  -12.072 -6.848  1.00 45.19 ? 208 GOL A C3  1 
HETATM 1176 O O3  . GOL I 5 .   ? 16.747  -12.495 -7.849  1.00 46.60 ? 208 GOL A O3  1 
HETATM 1177 C C1  . GOL J 5 .   ? -10.338 -12.079 -1.817  1.00 45.55 ? 209 GOL A C1  1 
HETATM 1178 O O1  . GOL J 5 .   ? -10.359 -13.493 -1.588  1.00 49.22 ? 209 GOL A O1  1 
HETATM 1179 C C2  . GOL J 5 .   ? -10.002 -11.790 -3.285  1.00 49.09 ? 209 GOL A C2  1 
HETATM 1180 O O2  . GOL J 5 .   ? -9.677  -12.993 -4.016  1.00 47.29 ? 209 GOL A O2  1 
HETATM 1181 C C3  . GOL J 5 .   ? -11.149 -10.974 -3.888  1.00 44.76 ? 209 GOL A C3  1 
HETATM 1182 O O3  . GOL J 5 .   ? -10.859 -10.434 -5.182  1.00 49.29 ? 209 GOL A O3  1 
HETATM 1183 O O   . HOH K 6 .   ? -5.008  -13.447 -8.187  1.00 25.16 ? 301 HOH A O   1 
HETATM 1184 O O   . HOH K 6 .   ? 16.357  -14.862 -7.629  1.00 47.42 ? 302 HOH A O   1 
HETATM 1185 O O   . HOH K 6 .   ? 13.605  -11.642 -5.327  1.00 31.97 ? 303 HOH A O   1 
HETATM 1186 O O   . HOH K 6 .   ? 6.940   4.967   -0.456  1.00 19.68 ? 304 HOH A O   1 
HETATM 1187 O O   . HOH K 6 .   ? 7.337   1.237   -6.416  1.00 22.73 ? 305 HOH A O   1 
HETATM 1188 O O   . HOH K 6 .   ? 15.635  -1.165  -9.350  1.00 33.97 ? 306 HOH A O   1 
HETATM 1189 O O   . HOH K 6 .   ? 18.061  -4.438  -11.045 1.00 28.29 ? 307 HOH A O   1 
HETATM 1190 O O   . HOH K 6 .   ? -5.731  12.591  -8.454  1.00 37.23 ? 308 HOH A O   1 
HETATM 1191 O O   . HOH K 6 .   ? -3.377  4.276   -6.046  1.00 42.14 ? 309 HOH A O   1 
HETATM 1192 O O   . HOH K 6 .   ? 2.093   23.772  -8.589  1.00 34.02 ? 310 HOH A O   1 
HETATM 1193 O O   . HOH K 6 .   ? -3.692  -19.968 7.936   1.00 26.11 ? 311 HOH A O   1 
HETATM 1194 O O   . HOH K 6 .   ? 6.399   -3.895  9.273   1.00 29.62 ? 312 HOH A O   1 
HETATM 1195 O O   . HOH K 6 .   ? 10.238  -2.247  1.832   1.00 31.12 ? 313 HOH A O   1 
HETATM 1196 O O   . HOH K 6 .   ? 15.418  -13.950 1.376   1.00 36.56 ? 314 HOH A O   1 
HETATM 1197 O O   . HOH K 6 .   ? -0.828  -5.247  -1.466  1.00 25.05 ? 315 HOH A O   1 
HETATM 1198 O O   . HOH K 6 .   ? 7.583   -14.325 0.856   1.00 26.82 ? 316 HOH A O   1 
HETATM 1199 O O   . HOH K 6 .   ? -7.251  -13.591 -4.945  1.00 31.61 ? 317 HOH A O   1 
HETATM 1200 O O   . HOH K 6 .   ? 0.126   -7.322  -3.062  1.00 18.71 ? 318 HOH A O   1 
HETATM 1201 O O   . HOH K 6 .   ? -9.609  -16.031 0.595   1.00 33.16 ? 319 HOH A O   1 
HETATM 1202 O O   . HOH K 6 .   ? -19.293 2.759   1.660   1.00 26.32 ? 320 HOH A O   1 
HETATM 1203 O O   . HOH K 6 .   ? -9.829  -13.185 6.798   1.00 27.63 ? 321 HOH A O   1 
HETATM 1204 O O   . HOH K 6 .   ? -1.708  24.731  -8.582  1.00 24.23 ? 322 HOH A O   1 
HETATM 1205 O O   . HOH K 6 .   ? 0.374   -15.931 -1.397  1.00 25.41 ? 323 HOH A O   1 
HETATM 1206 O O   . HOH K 6 .   ? 1.180   -3.773  -0.374  1.00 23.24 ? 324 HOH A O   1 
HETATM 1207 O O   . HOH K 6 .   ? 1.929   23.074  -0.022  1.00 27.22 ? 325 HOH A O   1 
HETATM 1208 O O   . HOH K 6 .   ? 1.497   -3.360  -3.640  1.00 20.28 ? 326 HOH A O   1 
HETATM 1209 O O   . HOH K 6 .   ? 11.704  -7.381  -11.451 1.00 26.98 ? 327 HOH A O   1 
HETATM 1210 O O   . HOH K 6 .   ? 5.926   -6.599  3.543   1.00 22.25 ? 328 HOH A O   1 
HETATM 1211 O O   . HOH K 6 .   ? 0.661   -6.072  12.339  1.00 25.59 ? 329 HOH A O   1 
HETATM 1212 O O   . HOH K 6 .   ? -4.083  16.127  -6.806  1.00 23.48 ? 330 HOH A O   1 
HETATM 1213 O O   . HOH K 6 .   ? 10.804  -2.311  -2.269  1.00 31.58 ? 331 HOH A O   1 
HETATM 1214 O O   . HOH K 6 .   ? -12.927 17.094  -0.352  1.00 36.39 ? 332 HOH A O   1 
HETATM 1215 O O   . HOH K 6 .   ? -11.834 15.182  1.295   1.00 29.88 ? 333 HOH A O   1 
HETATM 1216 O O   . HOH K 6 .   ? 3.183   -4.444  1.223   1.00 18.68 ? 334 HOH A O   1 
HETATM 1217 O O   . HOH K 6 .   ? -0.957  -19.305 2.303   1.00 35.67 ? 335 HOH A O   1 
HETATM 1218 O O   . HOH K 6 .   ? 8.177   -5.807  2.164   1.00 23.16 ? 336 HOH A O   1 
HETATM 1219 O O   . HOH K 6 .   ? 4.459   0.031   -2.567  1.00 18.01 ? 337 HOH A O   1 
HETATM 1220 O O   . HOH K 6 .   ? 9.913   -0.055  -3.567  1.00 27.96 ? 338 HOH A O   1 
HETATM 1221 O O   . HOH K 6 .   ? 4.940   7.460   -7.125  1.00 32.63 ? 339 HOH A O   1 
HETATM 1222 O O   . HOH K 6 .   ? -21.580 8.698   10.704  1.00 44.82 ? 340 HOH A O   1 
HETATM 1223 O O   . HOH K 6 .   ? 0.079   -16.090 1.512   1.00 22.40 ? 341 HOH A O   1 
HETATM 1224 O O   . HOH K 6 .   ? -4.637  -4.437  17.813  1.00 37.30 ? 342 HOH A O   1 
HETATM 1225 O O   . HOH K 6 .   ? 4.231   -2.719  -2.182  1.00 24.46 ? 343 HOH A O   1 
HETATM 1226 O O   . HOH K 6 .   ? -3.619  15.154  2.358   1.00 26.46 ? 344 HOH A O   1 
HETATM 1227 O O   . HOH K 6 .   ? 8.892   11.063  -2.229  1.00 35.56 ? 345 HOH A O   1 
HETATM 1228 O O   . HOH K 6 .   ? 7.111   -0.346  -4.106  1.00 19.83 ? 346 HOH A O   1 
HETATM 1229 O O   . HOH K 6 .   ? -13.126 12.901  -2.141  1.00 21.28 ? 347 HOH A O   1 
HETATM 1230 O O   . HOH K 6 .   ? 6.492   -8.459  5.391   1.00 31.22 ? 348 HOH A O   1 
HETATM 1231 O O   . HOH K 6 .   ? 3.257   19.654  2.773   1.00 43.27 ? 349 HOH A O   1 
HETATM 1232 O O   . HOH K 6 .   ? 1.891   -18.147 2.200   1.00 33.86 ? 350 HOH A O   1 
# 
loop_
_pdbx_poly_seq_scheme.asym_id 
_pdbx_poly_seq_scheme.entity_id 
_pdbx_poly_seq_scheme.seq_id 
_pdbx_poly_seq_scheme.mon_id 
_pdbx_poly_seq_scheme.ndb_seq_num 
_pdbx_poly_seq_scheme.pdb_seq_num 
_pdbx_poly_seq_scheme.auth_seq_num 
_pdbx_poly_seq_scheme.pdb_mon_id 
_pdbx_poly_seq_scheme.auth_mon_id 
_pdbx_poly_seq_scheme.pdb_strand_id 
_pdbx_poly_seq_scheme.pdb_ins_code 
_pdbx_poly_seq_scheme.hetero 
A 1 1   MET 1   28  ?   ?   ?   A . n 
A 1 2   LYS 2   29  ?   ?   ?   A . n 
A 1 3   LYS 3   30  ?   ?   ?   A . n 
A 1 4   GLY 4   31  ?   ?   ?   A . n 
A 1 5   HIS 5   32  ?   ?   ?   A . n 
A 1 6   HIS 6   33  33  HIS HIS A . n 
A 1 7   HIS 7   34  34  HIS HIS A . n 
A 1 8   HIS 8   35  35  HIS HIS A . n 
A 1 9   HIS 9   36  36  HIS HIS A . n 
A 1 10  HIS 10  37  37  HIS HIS A . n 
A 1 11  LEU 11  38  38  LEU LEU A . n 
A 1 12  VAL 12  39  39  VAL VAL A . n 
A 1 13  PRO 13  40  40  PRO PRO A . n 
A 1 14  ARG 14  41  41  ARG ARG A . n 
A 1 15  GLY 15  42  42  GLY GLY A . n 
A 1 16  SER 16  43  43  SER SER A . n 
A 1 17  ASN 17  44  44  ASN ASN A . n 
A 1 18  PRO 18  45  45  PRO PRO A . n 
A 1 19  PRO 19  46  46  PRO PRO A . n 
A 1 20  PRO 20  47  47  PRO PRO A . n 
A 1 21  PRO 21  48  48  PRO PRO A . n 
A 1 22  GLU 22  49  49  GLU GLU A . n 
A 1 23  THR 23  50  50  THR THR A . n 
A 1 24  SER 24  51  51  SER SER A . n 
A 1 25  ASN 25  52  52  ASN ASN A . n 
A 1 26  PRO 26  53  53  PRO PRO A . n 
A 1 27  ASN 27  54  54  ASN ASN A . n 
A 1 28  LYS 28  55  55  LYS LYS A . n 
A 1 29  PRO 29  56  56  PRO PRO A . n 
A 1 30  LYS 30  57  57  LYS LYS A . n 
A 1 31  ARG 31  58  58  ARG ARG A . n 
A 1 32  GLN 32  59  59  GLN GLN A . n 
A 1 33  THR 33  60  60  THR THR A . n 
A 1 34  ASN 34  61  61  ASN ASN A . n 
A 1 35  GLN 35  62  62  GLN GLN A . n 
A 1 36  LEU 36  63  63  LEU LEU A . n 
A 1 37  GLN 37  64  64  GLN GLN A . n 
A 1 38  TYR 38  65  65  TYR TYR A . n 
A 1 39  LEU 39  66  66  LEU LEU A . n 
A 1 40  LEU 40  67  67  LEU LEU A . n 
A 1 41  ARG 41  68  68  ARG ARG A . n 
A 1 42  VAL 42  69  69  VAL VAL A . n 
A 1 43  VAL 43  70  70  VAL VAL A . n 
A 1 44  LEU 44  71  71  LEU LEU A . n 
A 1 45  LYS 45  72  72  LYS LYS A . n 
A 1 46  THR 46  73  73  THR THR A . n 
A 1 47  LEU 47  74  74  LEU LEU A . n 
A 1 48  TRP 48  75  75  TRP TRP A . n 
A 1 49  LYS 49  76  76  LYS LYS A . n 
A 1 50  HIS 50  77  77  HIS HIS A . n 
A 1 51  GLN 51  78  78  GLN GLN A . n 
A 1 52  PHE 52  79  79  PHE PHE A . n 
A 1 53  ALA 53  80  80  ALA ALA A . n 
A 1 54  TRP 54  81  81  TRP TRP A . n 
A 1 55  PRO 55  82  82  PRO PRO A . n 
A 1 56  PHE 56  83  83  PHE PHE A . n 
A 1 57  GLN 57  84  84  GLN GLN A . n 
A 1 58  GLN 58  85  85  GLN GLN A . n 
A 1 59  PRO 59  86  86  PRO PRO A . n 
A 1 60  VAL 60  87  87  VAL VAL A . n 
A 1 61  ASP 61  88  88  ASP ASP A . n 
A 1 62  ALA 62  89  89  ALA ALA A . n 
A 1 63  VAL 63  90  90  VAL VAL A . n 
A 1 64  LYS 64  91  91  LYS LYS A . n 
A 1 65  LEU 65  92  92  LEU LEU A . n 
A 1 66  ASN 66  93  93  ASN ASN A . n 
A 1 67  LEU 67  94  94  LEU LEU A . n 
A 1 68  PRO 68  95  95  PRO PRO A . n 
A 1 69  ASP 69  96  96  ASP ASP A . n 
A 1 70  TYR 70  97  97  TYR TYR A . n 
A 1 71  TYR 71  98  98  TYR TYR A . n 
A 1 72  LYS 72  99  99  LYS LYS A . n 
A 1 73  ILE 73  100 100 ILE ILE A . n 
A 1 74  ILE 74  101 101 ILE ILE A . n 
A 1 75  LYS 75  102 102 LYS LYS A . n 
A 1 76  THR 76  103 103 THR THR A . n 
A 1 77  PRO 77  104 104 PRO PRO A . n 
A 1 78  MET 78  105 105 MET MET A . n 
A 1 79  ASP 79  106 106 ASP ASP A . n 
A 1 80  MET 80  107 107 MET MET A . n 
A 1 81  GLY 81  108 108 GLY GLY A . n 
A 1 82  THR 82  109 109 THR THR A . n 
A 1 83  ILE 83  110 110 ILE ILE A . n 
A 1 84  LYS 84  111 111 LYS LYS A . n 
A 1 85  LYS 85  112 112 LYS LYS A . n 
A 1 86  ARG 86  113 113 ARG ARG A . n 
A 1 87  LEU 87  114 114 LEU LEU A . n 
A 1 88  GLU 88  115 115 GLU GLU A . n 
A 1 89  ASN 89  116 116 ASN ASN A . n 
A 1 90  ASN 90  117 117 ASN ASN A . n 
A 1 91  TYR 91  118 118 TYR TYR A . n 
A 1 92  TYR 92  119 119 TYR TYR A . n 
A 1 93  TRP 93  120 120 TRP TRP A . n 
A 1 94  ASN 94  121 121 ASN ASN A . n 
A 1 95  ALA 95  122 122 ALA ALA A . n 
A 1 96  GLN 96  123 123 GLN GLN A . n 
A 1 97  GLU 97  124 124 GLU GLU A . n 
A 1 98  CYS 98  125 125 CYS CYS A . n 
A 1 99  ILE 99  126 126 ILE ILE A . n 
A 1 100 GLN 100 127 127 GLN GLN A . n 
A 1 101 ASP 101 128 128 ASP ASP A . n 
A 1 102 PHE 102 129 129 PHE PHE A . n 
A 1 103 ASN 103 130 130 ASN ASN A . n 
A 1 104 THR 104 131 131 THR THR A . n 
A 1 105 MET 105 132 132 MET MET A . n 
A 1 106 PHE 106 133 133 PHE PHE A . n 
A 1 107 THR 107 134 134 THR THR A . n 
A 1 108 ASN 108 135 135 ASN ASN A . n 
A 1 109 CYS 109 136 136 CYS CYS A . n 
A 1 110 TYR 110 137 137 TYR TYR A . n 
A 1 111 ILE 111 138 138 ILE ILE A . n 
A 1 112 TYR 112 139 139 TYR TYR A . n 
A 1 113 ASN 113 140 140 ASN ASN A . n 
A 1 114 LYS 114 141 141 LYS LYS A . n 
A 1 115 PRO 115 142 142 PRO PRO A . n 
A 1 116 GLY 116 143 143 GLY GLY A . n 
A 1 117 ASP 117 144 144 ASP ASP A . n 
A 1 118 ASP 118 145 145 ASP ASP A . n 
A 1 119 ILE 119 146 146 ILE ILE A . n 
A 1 120 VAL 120 147 147 VAL VAL A . n 
A 1 121 LEU 121 148 148 LEU LEU A . n 
A 1 122 MET 122 149 149 MET MET A . n 
A 1 123 ALA 123 150 150 ALA ALA A . n 
A 1 124 GLU 124 151 151 GLU GLU A . n 
A 1 125 ALA 125 152 152 ALA ALA A . n 
A 1 126 LEU 126 153 153 LEU LEU A . n 
A 1 127 GLU 127 154 154 GLU GLU A . n 
A 1 128 LYS 128 155 155 LYS LYS A . n 
A 1 129 LEU 129 156 156 LEU LEU A . n 
A 1 130 PHE 130 157 157 PHE PHE A . n 
A 1 131 LEU 131 158 158 LEU LEU A . n 
A 1 132 GLN 132 159 159 GLN GLN A . n 
A 1 133 LYS 133 160 160 LYS LYS A . n 
A 1 134 ILE 134 161 161 ILE ILE A . n 
A 1 135 ASN 135 162 162 ASN ASN A . n 
A 1 136 GLU 136 163 163 GLU GLU A . n 
A 1 137 LEU 137 164 164 LEU LEU A . n 
A 1 138 PRO 138 165 165 PRO PRO A . n 
A 1 139 THR 139 166 ?   ?   ?   A . n 
A 1 140 GLU 140 167 ?   ?   ?   A . n 
A 1 141 GLU 141 168 ?   ?   ?   A . n 
# 
loop_
_pdbx_nonpoly_scheme.asym_id 
_pdbx_nonpoly_scheme.entity_id 
_pdbx_nonpoly_scheme.mon_id 
_pdbx_nonpoly_scheme.ndb_seq_num 
_pdbx_nonpoly_scheme.pdb_seq_num 
_pdbx_nonpoly_scheme.auth_seq_num 
_pdbx_nonpoly_scheme.pdb_mon_id 
_pdbx_nonpoly_scheme.auth_mon_id 
_pdbx_nonpoly_scheme.pdb_strand_id 
_pdbx_nonpoly_scheme.pdb_ins_code 
B 2 EB8 1  201 1  EB8 EB8 A . 
C 3 NO3 1  202 1  NO3 NO3 A . 
D 3 NO3 1  203 2  NO3 NO3 A . 
E 4 EDO 1  204 1  EDO EDO A . 
F 4 EDO 1  205 3  EDO EDO A . 
G 4 EDO 1  206 4  EDO EDO A . 
H 5 GOL 1  207 1  GOL GOL A . 
I 5 GOL 1  208 3  GOL GOL A . 
J 5 GOL 1  209 4  GOL GOL A . 
K 6 HOH 1  301 33 HOH HOH A . 
K 6 HOH 2  302 40 HOH HOH A . 
K 6 HOH 3  303 25 HOH HOH A . 
K 6 HOH 4  304 11 HOH HOH A . 
K 6 HOH 5  305 10 HOH HOH A . 
K 6 HOH 6  306 21 HOH HOH A . 
K 6 HOH 7  307 13 HOH HOH A . 
K 6 HOH 8  308 20 HOH HOH A . 
K 6 HOH 9  309 46 HOH HOH A . 
K 6 HOH 10 310 53 HOH HOH A . 
K 6 HOH 11 311 23 HOH HOH A . 
K 6 HOH 12 312 9  HOH HOH A . 
K 6 HOH 13 313 30 HOH HOH A . 
K 6 HOH 14 314 31 HOH HOH A . 
K 6 HOH 15 315 3  HOH HOH A . 
K 6 HOH 16 316 28 HOH HOH A . 
K 6 HOH 17 317 41 HOH HOH A . 
K 6 HOH 18 318 1  HOH HOH A . 
K 6 HOH 19 319 47 HOH HOH A . 
K 6 HOH 20 320 27 HOH HOH A . 
K 6 HOH 21 321 39 HOH HOH A . 
K 6 HOH 22 322 18 HOH HOH A . 
K 6 HOH 23 323 37 HOH HOH A . 
K 6 HOH 24 324 17 HOH HOH A . 
K 6 HOH 25 325 38 HOH HOH A . 
K 6 HOH 26 326 6  HOH HOH A . 
K 6 HOH 27 327 24 HOH HOH A . 
K 6 HOH 28 328 7  HOH HOH A . 
K 6 HOH 29 329 16 HOH HOH A . 
K 6 HOH 30 330 14 HOH HOH A . 
K 6 HOH 31 331 43 HOH HOH A . 
K 6 HOH 32 332 50 HOH HOH A . 
K 6 HOH 33 333 15 HOH HOH A . 
K 6 HOH 34 334 2  HOH HOH A . 
K 6 HOH 35 335 51 HOH HOH A . 
K 6 HOH 36 336 12 HOH HOH A . 
K 6 HOH 37 337 4  HOH HOH A . 
K 6 HOH 38 338 44 HOH HOH A . 
K 6 HOH 39 339 22 HOH HOH A . 
K 6 HOH 40 340 34 HOH HOH A . 
K 6 HOH 41 341 32 HOH HOH A . 
K 6 HOH 42 342 42 HOH HOH A . 
K 6 HOH 43 343 8  HOH HOH A . 
K 6 HOH 44 344 19 HOH HOH A . 
K 6 HOH 45 345 45 HOH HOH A . 
K 6 HOH 46 346 5  HOH HOH A . 
K 6 HOH 47 347 26 HOH HOH A . 
K 6 HOH 48 348 29 HOH HOH A . 
K 6 HOH 49 349 52 HOH HOH A . 
K 6 HOH 50 350 36 HOH HOH A . 
# 
_pdbx_struct_assembly.id                   1 
_pdbx_struct_assembly.details              author_defined_assembly 
_pdbx_struct_assembly.method_details       ? 
_pdbx_struct_assembly.oligomeric_details   monomeric 
_pdbx_struct_assembly.oligomeric_count     1 
# 
_pdbx_struct_assembly_gen.assembly_id       1 
_pdbx_struct_assembly_gen.oper_expression   1 
_pdbx_struct_assembly_gen.asym_id_list      A,B,C,D,E,F,G,H,I,J,K 
# 
loop_
_pdbx_struct_assembly_prop.biol_id 
_pdbx_struct_assembly_prop.type 
_pdbx_struct_assembly_prop.value 
_pdbx_struct_assembly_prop.details 
1 'ABSA (A^2)' 1310 ? 
1 MORE         5    ? 
1 'SSA (A^2)'  8850 ? 
# 
_pdbx_struct_oper_list.id                   1 
_pdbx_struct_oper_list.type                 'identity operation' 
_pdbx_struct_oper_list.name                 1_555 
_pdbx_struct_oper_list.symmetry_operation   x,y,z 
_pdbx_struct_oper_list.matrix[1][1]         1.0000000000 
_pdbx_struct_oper_list.matrix[1][2]         0.0000000000 
_pdbx_struct_oper_list.matrix[1][3]         0.0000000000 
_pdbx_struct_oper_list.vector[1]            0.0000000000 
_pdbx_struct_oper_list.matrix[2][1]         0.0000000000 
_pdbx_struct_oper_list.matrix[2][2]         1.0000000000 
_pdbx_struct_oper_list.matrix[2][3]         0.0000000000 
_pdbx_struct_oper_list.vector[2]            0.0000000000 
_pdbx_struct_oper_list.matrix[3][1]         0.0000000000 
_pdbx_struct_oper_list.matrix[3][2]         0.0000000000 
_pdbx_struct_oper_list.matrix[3][3]         1.0000000000 
_pdbx_struct_oper_list.vector[3]            0.0000000000 
# 
loop_
_pdbx_audit_revision_history.ordinal 
_pdbx_audit_revision_history.data_content_type 
_pdbx_audit_revision_history.major_revision 
_pdbx_audit_revision_history.minor_revision 
_pdbx_audit_revision_history.revision_date 
1 'Structure model' 1 0 2016-01-13 
2 'Structure model' 1 1 2016-01-27 
3 'Structure model' 1 2 2016-03-09 
4 'Structure model' 1 3 2023-11-08 
# 
_pdbx_audit_revision_details.ordinal             1 
_pdbx_audit_revision_details.revision_ordinal    1 
_pdbx_audit_revision_details.data_content_type   'Structure model' 
_pdbx_audit_revision_details.provider            repository 
_pdbx_audit_revision_details.type                'Initial release' 
_pdbx_audit_revision_details.description         ? 
_pdbx_audit_revision_details.details             ? 
# 
loop_
_pdbx_audit_revision_group.ordinal 
_pdbx_audit_revision_group.revision_ordinal 
_pdbx_audit_revision_group.data_content_type 
_pdbx_audit_revision_group.group 
1 2 'Structure model' 'Data collection'        
2 2 'Structure model' 'Database references'    
3 3 'Structure model' 'Database references'    
4 4 'Structure model' 'Data collection'        
5 4 'Structure model' 'Database references'    
6 4 'Structure model' 'Derived calculations'   
7 4 'Structure model' 'Refinement description' 
# 
loop_
_pdbx_audit_revision_category.ordinal 
_pdbx_audit_revision_category.revision_ordinal 
_pdbx_audit_revision_category.data_content_type 
_pdbx_audit_revision_category.category 
1 4 'Structure model' chem_comp_atom                
2 4 'Structure model' chem_comp_bond                
3 4 'Structure model' citation                      
4 4 'Structure model' database_2                    
5 4 'Structure model' diffrn_radiation_wavelength   
6 4 'Structure model' pdbx_initial_refinement_model 
7 4 'Structure model' pdbx_struct_oper_list         
# 
loop_
_pdbx_audit_revision_item.ordinal 
_pdbx_audit_revision_item.revision_ordinal 
_pdbx_audit_revision_item.data_content_type 
_pdbx_audit_revision_item.item 
1 4 'Structure model' '_citation.journal_id_CSD'                  
2 4 'Structure model' '_database_2.pdbx_DOI'                      
3 4 'Structure model' '_database_2.pdbx_database_accession'       
4 4 'Structure model' '_pdbx_struct_oper_list.symmetry_operation' 
# 
loop_
_software.citation_id 
_software.classification 
_software.compiler_name 
_software.compiler_version 
_software.contact_author 
_software.contact_author_email 
_software.date 
_software.description 
_software.dependencies 
_software.hardware 
_software.language 
_software.location 
_software.mods 
_software.name 
_software.os 
_software.os_version 
_software.type 
_software.version 
_software.pdbx_ordinal 
? 'data scaling'    ? ? ? ? ? ? ? ? ? ? ? Aimless     ? ? ? 0.5.9    1 
? refinement        ? ? ? ? ? ? ? ? ? ? ? REFMAC      ? ? ? 5.8.0123 2 
? 'data extraction' ? ? ? ? ? ? ? ? ? ? ? PDB_EXTRACT ? ? ? 3.15     3 
? 'data reduction'  ? ? ? ? ? ? ? ? ? ? ? MOSFLM      ? ? ? .        4 
? phasing           ? ? ? ? ? ? ? ? ? ? ? MOLREP      ? ? ? .        5 
# 
_pdbx_validate_torsion.id              1 
_pdbx_validate_torsion.PDB_model_num   1 
_pdbx_validate_torsion.auth_comp_id    ASN 
_pdbx_validate_torsion.auth_asym_id    A 
_pdbx_validate_torsion.auth_seq_id     52 
_pdbx_validate_torsion.PDB_ins_code    ? 
_pdbx_validate_torsion.label_alt_id    ? 
_pdbx_validate_torsion.phi             -164.90 
_pdbx_validate_torsion.psi             101.07 
# 
loop_
_pdbx_unobs_or_zero_occ_residues.id 
_pdbx_unobs_or_zero_occ_residues.PDB_model_num 
_pdbx_unobs_or_zero_occ_residues.polymer_flag 
_pdbx_unobs_or_zero_occ_residues.occupancy_flag 
_pdbx_unobs_or_zero_occ_residues.auth_asym_id 
_pdbx_unobs_or_zero_occ_residues.auth_comp_id 
_pdbx_unobs_or_zero_occ_residues.auth_seq_id 
_pdbx_unobs_or_zero_occ_residues.PDB_ins_code 
_pdbx_unobs_or_zero_occ_residues.label_asym_id 
_pdbx_unobs_or_zero_occ_residues.label_comp_id 
_pdbx_unobs_or_zero_occ_residues.label_seq_id 
1 1 Y 1 A MET 28  ? A MET 1   
2 1 Y 1 A LYS 29  ? A LYS 2   
3 1 Y 1 A LYS 30  ? A LYS 3   
4 1 Y 1 A GLY 31  ? A GLY 4   
5 1 Y 1 A HIS 32  ? A HIS 5   
6 1 Y 1 A THR 166 ? A THR 139 
7 1 Y 1 A GLU 167 ? A GLU 140 
8 1 Y 1 A GLU 168 ? A GLU 141 
# 
loop_
_chem_comp_atom.comp_id 
_chem_comp_atom.atom_id 
_chem_comp_atom.type_symbol 
_chem_comp_atom.pdbx_aromatic_flag 
_chem_comp_atom.pdbx_stereo_config 
_chem_comp_atom.pdbx_ordinal 
ALA N    N N N 1   
ALA CA   C N S 2   
ALA C    C N N 3   
ALA O    O N N 4   
ALA CB   C N N 5   
ALA OXT  O N N 6   
ALA H    H N N 7   
ALA H2   H N N 8   
ALA HA   H N N 9   
ALA HB1  H N N 10  
ALA HB2  H N N 11  
ALA HB3  H N N 12  
ALA HXT  H N N 13  
ARG N    N N N 14  
ARG CA   C N S 15  
ARG C    C N N 16  
ARG O    O N N 17  
ARG CB   C N N 18  
ARG CG   C N N 19  
ARG CD   C N N 20  
ARG NE   N N N 21  
ARG CZ   C N N 22  
ARG NH1  N N N 23  
ARG NH2  N N N 24  
ARG OXT  O N N 25  
ARG H    H N N 26  
ARG H2   H N N 27  
ARG HA   H N N 28  
ARG HB2  H N N 29  
ARG HB3  H N N 30  
ARG HG2  H N N 31  
ARG HG3  H N N 32  
ARG HD2  H N N 33  
ARG HD3  H N N 34  
ARG HE   H N N 35  
ARG HH11 H N N 36  
ARG HH12 H N N 37  
ARG HH21 H N N 38  
ARG HH22 H N N 39  
ARG HXT  H N N 40  
ASN N    N N N 41  
ASN CA   C N S 42  
ASN C    C N N 43  
ASN O    O N N 44  
ASN CB   C N N 45  
ASN CG   C N N 46  
ASN OD1  O N N 47  
ASN ND2  N N N 48  
ASN OXT  O N N 49  
ASN H    H N N 50  
ASN H2   H N N 51  
ASN HA   H N N 52  
ASN HB2  H N N 53  
ASN HB3  H N N 54  
ASN HD21 H N N 55  
ASN HD22 H N N 56  
ASN HXT  H N N 57  
ASP N    N N N 58  
ASP CA   C N S 59  
ASP C    C N N 60  
ASP O    O N N 61  
ASP CB   C N N 62  
ASP CG   C N N 63  
ASP OD1  O N N 64  
ASP OD2  O N N 65  
ASP OXT  O N N 66  
ASP H    H N N 67  
ASP H2   H N N 68  
ASP HA   H N N 69  
ASP HB2  H N N 70  
ASP HB3  H N N 71  
ASP HD2  H N N 72  
ASP HXT  H N N 73  
CYS N    N N N 74  
CYS CA   C N R 75  
CYS C    C N N 76  
CYS O    O N N 77  
CYS CB   C N N 78  
CYS SG   S N N 79  
CYS OXT  O N N 80  
CYS H    H N N 81  
CYS H2   H N N 82  
CYS HA   H N N 83  
CYS HB2  H N N 84  
CYS HB3  H N N 85  
CYS HG   H N N 86  
CYS HXT  H N N 87  
EB8 CAO  C N N 88  
EB8 CAN  C N N 89  
EB8 NAK  N N N 90  
EB8 CAL  C N N 91  
EB8 OAM  O N N 92  
EB8 CAJ  C Y N 93  
EB8 CAI  C Y N 94  
EB8 CAH  C Y N 95  
EB8 CAG  C Y N 96  
EB8 CAD  C Y N 97  
EB8 CAE  C Y N 98  
EB8 CAF  C Y N 99  
EB8 CAA  C Y N 100 
EB8 CAB  C Y N 101 
EB8 CAC  C Y N 102 
EB8 NAP  N N N 103 
EB8 SAQ  S N N 104 
EB8 OAS  O N N 105 
EB8 OAT  O N N 106 
EB8 CAR  C Y N 107 
EB8 CAY  C Y N 108 
EB8 CAX  C Y N 109 
EB8 CAW  C Y N 110 
EB8 CAV  C Y N 111 
EB8 CAU  C Y N 112 
EB8 CAZ  C N N 113 
EB8 OBB  O N N 114 
EB8 OBA  O N N 115 
EB8 CBC  C N N 116 
EB8 H1   H N N 117 
EB8 H2   H N N 118 
EB8 H3   H N N 119 
EB8 H4   H N N 120 
EB8 H5   H N N 121 
EB8 H6   H N N 122 
EB8 H7   H N N 123 
EB8 H8   H N N 124 
EB8 H9   H N N 125 
EB8 H10  H N N 126 
EB8 H11  H N N 127 
EB8 H12  H N N 128 
EB8 H13  H N N 129 
EB8 H14  H N N 130 
EB8 H15  H N N 131 
EB8 H16  H N N 132 
EB8 H17  H N N 133 
EB8 H18  H N N 134 
EDO C1   C N N 135 
EDO O1   O N N 136 
EDO C2   C N N 137 
EDO O2   O N N 138 
EDO H11  H N N 139 
EDO H12  H N N 140 
EDO HO1  H N N 141 
EDO H21  H N N 142 
EDO H22  H N N 143 
EDO HO2  H N N 144 
GLN N    N N N 145 
GLN CA   C N S 146 
GLN C    C N N 147 
GLN O    O N N 148 
GLN CB   C N N 149 
GLN CG   C N N 150 
GLN CD   C N N 151 
GLN OE1  O N N 152 
GLN NE2  N N N 153 
GLN OXT  O N N 154 
GLN H    H N N 155 
GLN H2   H N N 156 
GLN HA   H N N 157 
GLN HB2  H N N 158 
GLN HB3  H N N 159 
GLN HG2  H N N 160 
GLN HG3  H N N 161 
GLN HE21 H N N 162 
GLN HE22 H N N 163 
GLN HXT  H N N 164 
GLU N    N N N 165 
GLU CA   C N S 166 
GLU C    C N N 167 
GLU O    O N N 168 
GLU CB   C N N 169 
GLU CG   C N N 170 
GLU CD   C N N 171 
GLU OE1  O N N 172 
GLU OE2  O N N 173 
GLU OXT  O N N 174 
GLU H    H N N 175 
GLU H2   H N N 176 
GLU HA   H N N 177 
GLU HB2  H N N 178 
GLU HB3  H N N 179 
GLU HG2  H N N 180 
GLU HG3  H N N 181 
GLU HE2  H N N 182 
GLU HXT  H N N 183 
GLY N    N N N 184 
GLY CA   C N N 185 
GLY C    C N N 186 
GLY O    O N N 187 
GLY OXT  O N N 188 
GLY H    H N N 189 
GLY H2   H N N 190 
GLY HA2  H N N 191 
GLY HA3  H N N 192 
GLY HXT  H N N 193 
GOL C1   C N N 194 
GOL O1   O N N 195 
GOL C2   C N N 196 
GOL O2   O N N 197 
GOL C3   C N N 198 
GOL O3   O N N 199 
GOL H11  H N N 200 
GOL H12  H N N 201 
GOL HO1  H N N 202 
GOL H2   H N N 203 
GOL HO2  H N N 204 
GOL H31  H N N 205 
GOL H32  H N N 206 
GOL HO3  H N N 207 
HIS N    N N N 208 
HIS CA   C N S 209 
HIS C    C N N 210 
HIS O    O N N 211 
HIS CB   C N N 212 
HIS CG   C Y N 213 
HIS ND1  N Y N 214 
HIS CD2  C Y N 215 
HIS CE1  C Y N 216 
HIS NE2  N Y N 217 
HIS OXT  O N N 218 
HIS H    H N N 219 
HIS H2   H N N 220 
HIS HA   H N N 221 
HIS HB2  H N N 222 
HIS HB3  H N N 223 
HIS HD1  H N N 224 
HIS HD2  H N N 225 
HIS HE1  H N N 226 
HIS HE2  H N N 227 
HIS HXT  H N N 228 
HOH O    O N N 229 
HOH H1   H N N 230 
HOH H2   H N N 231 
ILE N    N N N 232 
ILE CA   C N S 233 
ILE C    C N N 234 
ILE O    O N N 235 
ILE CB   C N S 236 
ILE CG1  C N N 237 
ILE CG2  C N N 238 
ILE CD1  C N N 239 
ILE OXT  O N N 240 
ILE H    H N N 241 
ILE H2   H N N 242 
ILE HA   H N N 243 
ILE HB   H N N 244 
ILE HG12 H N N 245 
ILE HG13 H N N 246 
ILE HG21 H N N 247 
ILE HG22 H N N 248 
ILE HG23 H N N 249 
ILE HD11 H N N 250 
ILE HD12 H N N 251 
ILE HD13 H N N 252 
ILE HXT  H N N 253 
LEU N    N N N 254 
LEU CA   C N S 255 
LEU C    C N N 256 
LEU O    O N N 257 
LEU CB   C N N 258 
LEU CG   C N N 259 
LEU CD1  C N N 260 
LEU CD2  C N N 261 
LEU OXT  O N N 262 
LEU H    H N N 263 
LEU H2   H N N 264 
LEU HA   H N N 265 
LEU HB2  H N N 266 
LEU HB3  H N N 267 
LEU HG   H N N 268 
LEU HD11 H N N 269 
LEU HD12 H N N 270 
LEU HD13 H N N 271 
LEU HD21 H N N 272 
LEU HD22 H N N 273 
LEU HD23 H N N 274 
LEU HXT  H N N 275 
LYS N    N N N 276 
LYS CA   C N S 277 
LYS C    C N N 278 
LYS O    O N N 279 
LYS CB   C N N 280 
LYS CG   C N N 281 
LYS CD   C N N 282 
LYS CE   C N N 283 
LYS NZ   N N N 284 
LYS OXT  O N N 285 
LYS H    H N N 286 
LYS H2   H N N 287 
LYS HA   H N N 288 
LYS HB2  H N N 289 
LYS HB3  H N N 290 
LYS HG2  H N N 291 
LYS HG3  H N N 292 
LYS HD2  H N N 293 
LYS HD3  H N N 294 
LYS HE2  H N N 295 
LYS HE3  H N N 296 
LYS HZ1  H N N 297 
LYS HZ2  H N N 298 
LYS HZ3  H N N 299 
LYS HXT  H N N 300 
MET N    N N N 301 
MET CA   C N S 302 
MET C    C N N 303 
MET O    O N N 304 
MET CB   C N N 305 
MET CG   C N N 306 
MET SD   S N N 307 
MET CE   C N N 308 
MET OXT  O N N 309 
MET H    H N N 310 
MET H2   H N N 311 
MET HA   H N N 312 
MET HB2  H N N 313 
MET HB3  H N N 314 
MET HG2  H N N 315 
MET HG3  H N N 316 
MET HE1  H N N 317 
MET HE2  H N N 318 
MET HE3  H N N 319 
MET HXT  H N N 320 
NO3 N    N N N 321 
NO3 O1   O N N 322 
NO3 O2   O N N 323 
NO3 O3   O N N 324 
PHE N    N N N 325 
PHE CA   C N S 326 
PHE C    C N N 327 
PHE O    O N N 328 
PHE CB   C N N 329 
PHE CG   C Y N 330 
PHE CD1  C Y N 331 
PHE CD2  C Y N 332 
PHE CE1  C Y N 333 
PHE CE2  C Y N 334 
PHE CZ   C Y N 335 
PHE OXT  O N N 336 
PHE H    H N N 337 
PHE H2   H N N 338 
PHE HA   H N N 339 
PHE HB2  H N N 340 
PHE HB3  H N N 341 
PHE HD1  H N N 342 
PHE HD2  H N N 343 
PHE HE1  H N N 344 
PHE HE2  H N N 345 
PHE HZ   H N N 346 
PHE HXT  H N N 347 
PRO N    N N N 348 
PRO CA   C N S 349 
PRO C    C N N 350 
PRO O    O N N 351 
PRO CB   C N N 352 
PRO CG   C N N 353 
PRO CD   C N N 354 
PRO OXT  O N N 355 
PRO H    H N N 356 
PRO HA   H N N 357 
PRO HB2  H N N 358 
PRO HB3  H N N 359 
PRO HG2  H N N 360 
PRO HG3  H N N 361 
PRO HD2  H N N 362 
PRO HD3  H N N 363 
PRO HXT  H N N 364 
SER N    N N N 365 
SER CA   C N S 366 
SER C    C N N 367 
SER O    O N N 368 
SER CB   C N N 369 
SER OG   O N N 370 
SER OXT  O N N 371 
SER H    H N N 372 
SER H2   H N N 373 
SER HA   H N N 374 
SER HB2  H N N 375 
SER HB3  H N N 376 
SER HG   H N N 377 
SER HXT  H N N 378 
THR N    N N N 379 
THR CA   C N S 380 
THR C    C N N 381 
THR O    O N N 382 
THR CB   C N R 383 
THR OG1  O N N 384 
THR CG2  C N N 385 
THR OXT  O N N 386 
THR H    H N N 387 
THR H2   H N N 388 
THR HA   H N N 389 
THR HB   H N N 390 
THR HG1  H N N 391 
THR HG21 H N N 392 
THR HG22 H N N 393 
THR HG23 H N N 394 
THR HXT  H N N 395 
TRP N    N N N 396 
TRP CA   C N S 397 
TRP C    C N N 398 
TRP O    O N N 399 
TRP CB   C N N 400 
TRP CG   C Y N 401 
TRP CD1  C Y N 402 
TRP CD2  C Y N 403 
TRP NE1  N Y N 404 
TRP CE2  C Y N 405 
TRP CE3  C Y N 406 
TRP CZ2  C Y N 407 
TRP CZ3  C Y N 408 
TRP CH2  C Y N 409 
TRP OXT  O N N 410 
TRP H    H N N 411 
TRP H2   H N N 412 
TRP HA   H N N 413 
TRP HB2  H N N 414 
TRP HB3  H N N 415 
TRP HD1  H N N 416 
TRP HE1  H N N 417 
TRP HE3  H N N 418 
TRP HZ2  H N N 419 
TRP HZ3  H N N 420 
TRP HH2  H N N 421 
TRP HXT  H N N 422 
TYR N    N N N 423 
TYR CA   C N S 424 
TYR C    C N N 425 
TYR O    O N N 426 
TYR CB   C N N 427 
TYR CG   C Y N 428 
TYR CD1  C Y N 429 
TYR CD2  C Y N 430 
TYR CE1  C Y N 431 
TYR CE2  C Y N 432 
TYR CZ   C Y N 433 
TYR OH   O N N 434 
TYR OXT  O N N 435 
TYR H    H N N 436 
TYR H2   H N N 437 
TYR HA   H N N 438 
TYR HB2  H N N 439 
TYR HB3  H N N 440 
TYR HD1  H N N 441 
TYR HD2  H N N 442 
TYR HE1  H N N 443 
TYR HE2  H N N 444 
TYR HH   H N N 445 
TYR HXT  H N N 446 
VAL N    N N N 447 
VAL CA   C N S 448 
VAL C    C N N 449 
VAL O    O N N 450 
VAL CB   C N N 451 
VAL CG1  C N N 452 
VAL CG2  C N N 453 
VAL OXT  O N N 454 
VAL H    H N N 455 
VAL H2   H N N 456 
VAL HA   H N N 457 
VAL HB   H N N 458 
VAL HG11 H N N 459 
VAL HG12 H N N 460 
VAL HG13 H N N 461 
VAL HG21 H N N 462 
VAL HG22 H N N 463 
VAL HG23 H N N 464 
VAL HXT  H N N 465 
# 
loop_
_chem_comp_bond.comp_id 
_chem_comp_bond.atom_id_1 
_chem_comp_bond.atom_id_2 
_chem_comp_bond.value_order 
_chem_comp_bond.pdbx_aromatic_flag 
_chem_comp_bond.pdbx_stereo_config 
_chem_comp_bond.pdbx_ordinal 
ALA N   CA   sing N N 1   
ALA N   H    sing N N 2   
ALA N   H2   sing N N 3   
ALA CA  C    sing N N 4   
ALA CA  CB   sing N N 5   
ALA CA  HA   sing N N 6   
ALA C   O    doub N N 7   
ALA C   OXT  sing N N 8   
ALA CB  HB1  sing N N 9   
ALA CB  HB2  sing N N 10  
ALA CB  HB3  sing N N 11  
ALA OXT HXT  sing N N 12  
ARG N   CA   sing N N 13  
ARG N   H    sing N N 14  
ARG N   H2   sing N N 15  
ARG CA  C    sing N N 16  
ARG CA  CB   sing N N 17  
ARG CA  HA   sing N N 18  
ARG C   O    doub N N 19  
ARG C   OXT  sing N N 20  
ARG CB  CG   sing N N 21  
ARG CB  HB2  sing N N 22  
ARG CB  HB3  sing N N 23  
ARG CG  CD   sing N N 24  
ARG CG  HG2  sing N N 25  
ARG CG  HG3  sing N N 26  
ARG CD  NE   sing N N 27  
ARG CD  HD2  sing N N 28  
ARG CD  HD3  sing N N 29  
ARG NE  CZ   sing N N 30  
ARG NE  HE   sing N N 31  
ARG CZ  NH1  sing N N 32  
ARG CZ  NH2  doub N N 33  
ARG NH1 HH11 sing N N 34  
ARG NH1 HH12 sing N N 35  
ARG NH2 HH21 sing N N 36  
ARG NH2 HH22 sing N N 37  
ARG OXT HXT  sing N N 38  
ASN N   CA   sing N N 39  
ASN N   H    sing N N 40  
ASN N   H2   sing N N 41  
ASN CA  C    sing N N 42  
ASN CA  CB   sing N N 43  
ASN CA  HA   sing N N 44  
ASN C   O    doub N N 45  
ASN C   OXT  sing N N 46  
ASN CB  CG   sing N N 47  
ASN CB  HB2  sing N N 48  
ASN CB  HB3  sing N N 49  
ASN CG  OD1  doub N N 50  
ASN CG  ND2  sing N N 51  
ASN ND2 HD21 sing N N 52  
ASN ND2 HD22 sing N N 53  
ASN OXT HXT  sing N N 54  
ASP N   CA   sing N N 55  
ASP N   H    sing N N 56  
ASP N   H2   sing N N 57  
ASP CA  C    sing N N 58  
ASP CA  CB   sing N N 59  
ASP CA  HA   sing N N 60  
ASP C   O    doub N N 61  
ASP C   OXT  sing N N 62  
ASP CB  CG   sing N N 63  
ASP CB  HB2  sing N N 64  
ASP CB  HB3  sing N N 65  
ASP CG  OD1  doub N N 66  
ASP CG  OD2  sing N N 67  
ASP OD2 HD2  sing N N 68  
ASP OXT HXT  sing N N 69  
CYS N   CA   sing N N 70  
CYS N   H    sing N N 71  
CYS N   H2   sing N N 72  
CYS CA  C    sing N N 73  
CYS CA  CB   sing N N 74  
CYS CA  HA   sing N N 75  
CYS C   O    doub N N 76  
CYS C   OXT  sing N N 77  
CYS CB  SG   sing N N 78  
CYS CB  HB2  sing N N 79  
CYS CB  HB3  sing N N 80  
CYS SG  HG   sing N N 81  
CYS OXT HXT  sing N N 82  
EB8 CAN CAO  sing N N 83  
EB8 CAN NAK  sing N N 84  
EB8 NAK CAF  sing N N 85  
EB8 NAK CAL  sing N N 86  
EB8 CAA CAF  doub Y N 87  
EB8 CAA CAB  sing Y N 88  
EB8 CAF CAE  sing Y N 89  
EB8 OAM CAL  doub N N 90  
EB8 CAL CAJ  sing N N 91  
EB8 CAB CAC  doub Y N 92  
EB8 CAE CAJ  doub Y N 93  
EB8 CAE CAD  sing Y N 94  
EB8 CAJ CAI  sing Y N 95  
EB8 CAC CAD  sing Y N 96  
EB8 CAC NAP  sing N N 97  
EB8 CAD CAG  doub Y N 98  
EB8 OAS SAQ  doub N N 99  
EB8 NAP SAQ  sing N N 100 
EB8 CAI CAH  doub Y N 101 
EB8 CAG CAH  sing Y N 102 
EB8 SAQ OAT  doub N N 103 
EB8 SAQ CAR  sing N N 104 
EB8 CAY CAR  doub Y N 105 
EB8 CAY CAX  sing Y N 106 
EB8 CAR CAU  sing Y N 107 
EB8 CAX CAW  doub Y N 108 
EB8 OBB CAZ  doub N N 109 
EB8 CAU CAZ  sing N N 110 
EB8 CAU CAV  doub Y N 111 
EB8 CAZ OBA  sing N N 112 
EB8 CAW CAV  sing Y N 113 
EB8 OBA CBC  sing N N 114 
EB8 CAO H1   sing N N 115 
EB8 CAO H2   sing N N 116 
EB8 CAO H3   sing N N 117 
EB8 CAN H4   sing N N 118 
EB8 CAN H5   sing N N 119 
EB8 CAI H6   sing N N 120 
EB8 CAH H7   sing N N 121 
EB8 CAG H8   sing N N 122 
EB8 CAA H9   sing N N 123 
EB8 CAB H10  sing N N 124 
EB8 NAP H11  sing N N 125 
EB8 CAY H12  sing N N 126 
EB8 CAX H13  sing N N 127 
EB8 CAW H14  sing N N 128 
EB8 CAV H15  sing N N 129 
EB8 CBC H16  sing N N 130 
EB8 CBC H17  sing N N 131 
EB8 CBC H18  sing N N 132 
EDO C1  O1   sing N N 133 
EDO C1  C2   sing N N 134 
EDO C1  H11  sing N N 135 
EDO C1  H12  sing N N 136 
EDO O1  HO1  sing N N 137 
EDO C2  O2   sing N N 138 
EDO C2  H21  sing N N 139 
EDO C2  H22  sing N N 140 
EDO O2  HO2  sing N N 141 
GLN N   CA   sing N N 142 
GLN N   H    sing N N 143 
GLN N   H2   sing N N 144 
GLN CA  C    sing N N 145 
GLN CA  CB   sing N N 146 
GLN CA  HA   sing N N 147 
GLN C   O    doub N N 148 
GLN C   OXT  sing N N 149 
GLN CB  CG   sing N N 150 
GLN CB  HB2  sing N N 151 
GLN CB  HB3  sing N N 152 
GLN CG  CD   sing N N 153 
GLN CG  HG2  sing N N 154 
GLN CG  HG3  sing N N 155 
GLN CD  OE1  doub N N 156 
GLN CD  NE2  sing N N 157 
GLN NE2 HE21 sing N N 158 
GLN NE2 HE22 sing N N 159 
GLN OXT HXT  sing N N 160 
GLU N   CA   sing N N 161 
GLU N   H    sing N N 162 
GLU N   H2   sing N N 163 
GLU CA  C    sing N N 164 
GLU CA  CB   sing N N 165 
GLU CA  HA   sing N N 166 
GLU C   O    doub N N 167 
GLU C   OXT  sing N N 168 
GLU CB  CG   sing N N 169 
GLU CB  HB2  sing N N 170 
GLU CB  HB3  sing N N 171 
GLU CG  CD   sing N N 172 
GLU CG  HG2  sing N N 173 
GLU CG  HG3  sing N N 174 
GLU CD  OE1  doub N N 175 
GLU CD  OE2  sing N N 176 
GLU OE2 HE2  sing N N 177 
GLU OXT HXT  sing N N 178 
GLY N   CA   sing N N 179 
GLY N   H    sing N N 180 
GLY N   H2   sing N N 181 
GLY CA  C    sing N N 182 
GLY CA  HA2  sing N N 183 
GLY CA  HA3  sing N N 184 
GLY C   O    doub N N 185 
GLY C   OXT  sing N N 186 
GLY OXT HXT  sing N N 187 
GOL C1  O1   sing N N 188 
GOL C1  C2   sing N N 189 
GOL C1  H11  sing N N 190 
GOL C1  H12  sing N N 191 
GOL O1  HO1  sing N N 192 
GOL C2  O2   sing N N 193 
GOL C2  C3   sing N N 194 
GOL C2  H2   sing N N 195 
GOL O2  HO2  sing N N 196 
GOL C3  O3   sing N N 197 
GOL C3  H31  sing N N 198 
GOL C3  H32  sing N N 199 
GOL O3  HO3  sing N N 200 
HIS N   CA   sing N N 201 
HIS N   H    sing N N 202 
HIS N   H2   sing N N 203 
HIS CA  C    sing N N 204 
HIS CA  CB   sing N N 205 
HIS CA  HA   sing N N 206 
HIS C   O    doub N N 207 
HIS C   OXT  sing N N 208 
HIS CB  CG   sing N N 209 
HIS CB  HB2  sing N N 210 
HIS CB  HB3  sing N N 211 
HIS CG  ND1  sing Y N 212 
HIS CG  CD2  doub Y N 213 
HIS ND1 CE1  doub Y N 214 
HIS ND1 HD1  sing N N 215 
HIS CD2 NE2  sing Y N 216 
HIS CD2 HD2  sing N N 217 
HIS CE1 NE2  sing Y N 218 
HIS CE1 HE1  sing N N 219 
HIS NE2 HE2  sing N N 220 
HIS OXT HXT  sing N N 221 
HOH O   H1   sing N N 222 
HOH O   H2   sing N N 223 
ILE N   CA   sing N N 224 
ILE N   H    sing N N 225 
ILE N   H2   sing N N 226 
ILE CA  C    sing N N 227 
ILE CA  CB   sing N N 228 
ILE CA  HA   sing N N 229 
ILE C   O    doub N N 230 
ILE C   OXT  sing N N 231 
ILE CB  CG1  sing N N 232 
ILE CB  CG2  sing N N 233 
ILE CB  HB   sing N N 234 
ILE CG1 CD1  sing N N 235 
ILE CG1 HG12 sing N N 236 
ILE CG1 HG13 sing N N 237 
ILE CG2 HG21 sing N N 238 
ILE CG2 HG22 sing N N 239 
ILE CG2 HG23 sing N N 240 
ILE CD1 HD11 sing N N 241 
ILE CD1 HD12 sing N N 242 
ILE CD1 HD13 sing N N 243 
ILE OXT HXT  sing N N 244 
LEU N   CA   sing N N 245 
LEU N   H    sing N N 246 
LEU N   H2   sing N N 247 
LEU CA  C    sing N N 248 
LEU CA  CB   sing N N 249 
LEU CA  HA   sing N N 250 
LEU C   O    doub N N 251 
LEU C   OXT  sing N N 252 
LEU CB  CG   sing N N 253 
LEU CB  HB2  sing N N 254 
LEU CB  HB3  sing N N 255 
LEU CG  CD1  sing N N 256 
LEU CG  CD2  sing N N 257 
LEU CG  HG   sing N N 258 
LEU CD1 HD11 sing N N 259 
LEU CD1 HD12 sing N N 260 
LEU CD1 HD13 sing N N 261 
LEU CD2 HD21 sing N N 262 
LEU CD2 HD22 sing N N 263 
LEU CD2 HD23 sing N N 264 
LEU OXT HXT  sing N N 265 
LYS N   CA   sing N N 266 
LYS N   H    sing N N 267 
LYS N   H2   sing N N 268 
LYS CA  C    sing N N 269 
LYS CA  CB   sing N N 270 
LYS CA  HA   sing N N 271 
LYS C   O    doub N N 272 
LYS C   OXT  sing N N 273 
LYS CB  CG   sing N N 274 
LYS CB  HB2  sing N N 275 
LYS CB  HB3  sing N N 276 
LYS CG  CD   sing N N 277 
LYS CG  HG2  sing N N 278 
LYS CG  HG3  sing N N 279 
LYS CD  CE   sing N N 280 
LYS CD  HD2  sing N N 281 
LYS CD  HD3  sing N N 282 
LYS CE  NZ   sing N N 283 
LYS CE  HE2  sing N N 284 
LYS CE  HE3  sing N N 285 
LYS NZ  HZ1  sing N N 286 
LYS NZ  HZ2  sing N N 287 
LYS NZ  HZ3  sing N N 288 
LYS OXT HXT  sing N N 289 
MET N   CA   sing N N 290 
MET N   H    sing N N 291 
MET N   H2   sing N N 292 
MET CA  C    sing N N 293 
MET CA  CB   sing N N 294 
MET CA  HA   sing N N 295 
MET C   O    doub N N 296 
MET C   OXT  sing N N 297 
MET CB  CG   sing N N 298 
MET CB  HB2  sing N N 299 
MET CB  HB3  sing N N 300 
MET CG  SD   sing N N 301 
MET CG  HG2  sing N N 302 
MET CG  HG3  sing N N 303 
MET SD  CE   sing N N 304 
MET CE  HE1  sing N N 305 
MET CE  HE2  sing N N 306 
MET CE  HE3  sing N N 307 
MET OXT HXT  sing N N 308 
NO3 N   O1   doub N N 309 
NO3 N   O2   sing N N 310 
NO3 N   O3   sing N N 311 
PHE N   CA   sing N N 312 
PHE N   H    sing N N 313 
PHE N   H2   sing N N 314 
PHE CA  C    sing N N 315 
PHE CA  CB   sing N N 316 
PHE CA  HA   sing N N 317 
PHE C   O    doub N N 318 
PHE C   OXT  sing N N 319 
PHE CB  CG   sing N N 320 
PHE CB  HB2  sing N N 321 
PHE CB  HB3  sing N N 322 
PHE CG  CD1  doub Y N 323 
PHE CG  CD2  sing Y N 324 
PHE CD1 CE1  sing Y N 325 
PHE CD1 HD1  sing N N 326 
PHE CD2 CE2  doub Y N 327 
PHE CD2 HD2  sing N N 328 
PHE CE1 CZ   doub Y N 329 
PHE CE1 HE1  sing N N 330 
PHE CE2 CZ   sing Y N 331 
PHE CE2 HE2  sing N N 332 
PHE CZ  HZ   sing N N 333 
PHE OXT HXT  sing N N 334 
PRO N   CA   sing N N 335 
PRO N   CD   sing N N 336 
PRO N   H    sing N N 337 
PRO CA  C    sing N N 338 
PRO CA  CB   sing N N 339 
PRO CA  HA   sing N N 340 
PRO C   O    doub N N 341 
PRO C   OXT  sing N N 342 
PRO CB  CG   sing N N 343 
PRO CB  HB2  sing N N 344 
PRO CB  HB3  sing N N 345 
PRO CG  CD   sing N N 346 
PRO CG  HG2  sing N N 347 
PRO CG  HG3  sing N N 348 
PRO CD  HD2  sing N N 349 
PRO CD  HD3  sing N N 350 
PRO OXT HXT  sing N N 351 
SER N   CA   sing N N 352 
SER N   H    sing N N 353 
SER N   H2   sing N N 354 
SER CA  C    sing N N 355 
SER CA  CB   sing N N 356 
SER CA  HA   sing N N 357 
SER C   O    doub N N 358 
SER C   OXT  sing N N 359 
SER CB  OG   sing N N 360 
SER CB  HB2  sing N N 361 
SER CB  HB3  sing N N 362 
SER OG  HG   sing N N 363 
SER OXT HXT  sing N N 364 
THR N   CA   sing N N 365 
THR N   H    sing N N 366 
THR N   H2   sing N N 367 
THR CA  C    sing N N 368 
THR CA  CB   sing N N 369 
THR CA  HA   sing N N 370 
THR C   O    doub N N 371 
THR C   OXT  sing N N 372 
THR CB  OG1  sing N N 373 
THR CB  CG2  sing N N 374 
THR CB  HB   sing N N 375 
THR OG1 HG1  sing N N 376 
THR CG2 HG21 sing N N 377 
THR CG2 HG22 sing N N 378 
THR CG2 HG23 sing N N 379 
THR OXT HXT  sing N N 380 
TRP N   CA   sing N N 381 
TRP N   H    sing N N 382 
TRP N   H2   sing N N 383 
TRP CA  C    sing N N 384 
TRP CA  CB   sing N N 385 
TRP CA  HA   sing N N 386 
TRP C   O    doub N N 387 
TRP C   OXT  sing N N 388 
TRP CB  CG   sing N N 389 
TRP CB  HB2  sing N N 390 
TRP CB  HB3  sing N N 391 
TRP CG  CD1  doub Y N 392 
TRP CG  CD2  sing Y N 393 
TRP CD1 NE1  sing Y N 394 
TRP CD1 HD1  sing N N 395 
TRP CD2 CE2  doub Y N 396 
TRP CD2 CE3  sing Y N 397 
TRP NE1 CE2  sing Y N 398 
TRP NE1 HE1  sing N N 399 
TRP CE2 CZ2  sing Y N 400 
TRP CE3 CZ3  doub Y N 401 
TRP CE3 HE3  sing N N 402 
TRP CZ2 CH2  doub Y N 403 
TRP CZ2 HZ2  sing N N 404 
TRP CZ3 CH2  sing Y N 405 
TRP CZ3 HZ3  sing N N 406 
TRP CH2 HH2  sing N N 407 
TRP OXT HXT  sing N N 408 
TYR N   CA   sing N N 409 
TYR N   H    sing N N 410 
TYR N   H2   sing N N 411 
TYR CA  C    sing N N 412 
TYR CA  CB   sing N N 413 
TYR CA  HA   sing N N 414 
TYR C   O    doub N N 415 
TYR C   OXT  sing N N 416 
TYR CB  CG   sing N N 417 
TYR CB  HB2  sing N N 418 
TYR CB  HB3  sing N N 419 
TYR CG  CD1  doub Y N 420 
TYR CG  CD2  sing Y N 421 
TYR CD1 CE1  sing Y N 422 
TYR CD1 HD1  sing N N 423 
TYR CD2 CE2  doub Y N 424 
TYR CD2 HD2  sing N N 425 
TYR CE1 CZ   doub Y N 426 
TYR CE1 HE1  sing N N 427 
TYR CE2 CZ   sing Y N 428 
TYR CE2 HE2  sing N N 429 
TYR CZ  OH   sing N N 430 
TYR OH  HH   sing N N 431 
TYR OXT HXT  sing N N 432 
VAL N   CA   sing N N 433 
VAL N   H    sing N N 434 
VAL N   H2   sing N N 435 
VAL CA  C    sing N N 436 
VAL CA  CB   sing N N 437 
VAL CA  HA   sing N N 438 
VAL C   O    doub N N 439 
VAL C   OXT  sing N N 440 
VAL CB  CG1  sing N N 441 
VAL CB  CG2  sing N N 442 
VAL CB  HB   sing N N 443 
VAL CG1 HG11 sing N N 444 
VAL CG1 HG12 sing N N 445 
VAL CG1 HG13 sing N N 446 
VAL CG2 HG21 sing N N 447 
VAL CG2 HG22 sing N N 448 
VAL CG2 HG23 sing N N 449 
VAL OXT HXT  sing N N 450 
# 
loop_
_pdbx_entity_nonpoly.entity_id 
_pdbx_entity_nonpoly.name 
_pdbx_entity_nonpoly.comp_id 
2 'methyl 2-[(1-ethyl-2-oxo-1,2-dihydrobenzo[cd]indol-6-yl)sulfamoyl]benzoate' EB8 
3 'NITRATE ION'                                                                NO3 
4 1,2-ETHANEDIOL                                                               EDO 
5 GLYCEROL                                                                     GOL 
6 water                                                                        HOH 
# 
_pdbx_initial_refinement_model.id               1 
_pdbx_initial_refinement_model.entity_id_list   ? 
_pdbx_initial_refinement_model.type             'experimental model' 
_pdbx_initial_refinement_model.source_name      PDB 
_pdbx_initial_refinement_model.accession_code   3MXF 
_pdbx_initial_refinement_model.details          ? 
# 
